data_2D7M
#
_entry.id   2D7M
#
_entity_poly.entity_id   1
_entity_poly.type   'polypeptide(L)'
_entity_poly.pdbx_seq_one_letter_code
;GSSGSSGAHDASKVRASGPGLNASGIPASLPVEFTIDARDAGEGLLTVQILDPEGKPKKANIRDNGDGTYTVSYLPDMSG
RYTITIKYGGDEIPYSPFRIHALPTGDASSGPSSG
;
_entity_poly.pdbx_strand_id   A
#
# COMPACT_ATOMS: atom_id res chain seq x y z
N GLY A 1 23.19 3.21 -7.37
CA GLY A 1 24.62 3.12 -7.17
C GLY A 1 25.04 1.81 -6.53
N SER A 2 26.30 1.43 -6.74
CA SER A 2 26.83 0.20 -6.17
C SER A 2 26.77 0.22 -4.65
N SER A 3 27.19 1.33 -4.06
CA SER A 3 27.19 1.48 -2.60
C SER A 3 25.75 1.49 -2.07
N GLY A 4 25.55 0.79 -0.96
CA GLY A 4 24.23 0.72 -0.36
C GLY A 4 24.28 0.66 1.15
N SER A 5 23.21 1.12 1.80
CA SER A 5 23.14 1.12 3.26
C SER A 5 23.46 -0.27 3.82
N SER A 6 22.75 -1.28 3.33
CA SER A 6 22.95 -2.64 3.78
C SER A 6 22.70 -2.76 5.29
N GLY A 7 21.67 -2.08 5.76
CA GLY A 7 21.33 -2.12 7.17
C GLY A 7 20.82 -3.47 7.61
N ALA A 8 20.33 -3.54 8.85
CA ALA A 8 19.79 -4.79 9.38
C ALA A 8 18.28 -4.83 9.29
N HIS A 9 17.76 -5.10 8.09
CA HIS A 9 16.33 -5.17 7.87
C HIS A 9 15.98 -6.23 6.84
N ASP A 10 14.80 -6.81 6.96
CA ASP A 10 14.34 -7.85 6.03
C ASP A 10 12.89 -7.62 5.64
N ALA A 11 12.68 -7.15 4.42
CA ALA A 11 11.33 -6.89 3.91
C ALA A 11 10.52 -8.19 3.84
N SER A 12 11.22 -9.31 3.69
CA SER A 12 10.56 -10.60 3.59
C SER A 12 9.75 -10.89 4.85
N LYS A 13 10.08 -10.18 5.93
CA LYS A 13 9.39 -10.36 7.20
C LYS A 13 8.17 -9.43 7.29
N VAL A 14 7.81 -8.84 6.17
CA VAL A 14 6.66 -7.93 6.12
C VAL A 14 5.43 -8.64 5.57
N ARG A 15 4.36 -8.65 6.36
CA ARG A 15 3.11 -9.29 5.95
C ARG A 15 2.11 -8.25 5.46
N ALA A 16 1.45 -8.55 4.34
CA ALA A 16 0.47 -7.65 3.77
C ALA A 16 -0.92 -8.28 3.78
N SER A 17 -1.83 -7.68 4.53
CA SER A 17 -3.20 -8.19 4.63
C SER A 17 -4.19 -7.06 4.80
N GLY A 18 -5.37 -7.22 4.22
CA GLY A 18 -6.40 -6.19 4.32
C GLY A 18 -7.17 -6.02 3.02
N PRO A 19 -8.14 -5.10 3.04
CA PRO A 19 -8.97 -4.82 1.86
C PRO A 19 -8.19 -4.12 0.74
N GLY A 20 -7.36 -3.16 1.12
CA GLY A 20 -6.56 -2.44 0.14
C GLY A 20 -5.68 -3.35 -0.67
N LEU A 21 -5.26 -4.47 -0.06
CA LEU A 21 -4.40 -5.44 -0.74
C LEU A 21 -5.20 -6.66 -1.18
N ASN A 22 -6.46 -6.44 -1.52
CA ASN A 22 -7.33 -7.54 -1.97
C ASN A 22 -6.95 -7.99 -3.37
N ALA A 23 -6.56 -9.25 -3.49
CA ALA A 23 -6.18 -9.81 -4.79
C ALA A 23 -7.42 -10.15 -5.62
N SER A 24 -8.56 -10.29 -4.96
CA SER A 24 -9.81 -10.62 -5.64
C SER A 24 -10.38 -9.40 -6.34
N GLY A 25 -9.91 -8.22 -5.93
CA GLY A 25 -10.38 -6.99 -6.54
C GLY A 25 -11.09 -6.10 -5.54
N ILE A 26 -10.72 -4.83 -5.51
CA ILE A 26 -11.33 -3.87 -4.60
C ILE A 26 -12.24 -2.90 -5.34
N PRO A 27 -13.30 -2.45 -4.65
CA PRO A 27 -14.28 -1.51 -5.22
C PRO A 27 -13.68 -0.11 -5.42
N ALA A 28 -13.52 0.28 -6.67
CA ALA A 28 -12.97 1.59 -7.00
C ALA A 28 -13.87 2.70 -6.50
N SER A 29 -13.35 3.92 -6.47
CA SER A 29 -14.10 5.07 -6.01
C SER A 29 -14.50 4.91 -4.55
N LEU A 30 -13.61 4.30 -3.76
CA LEU A 30 -13.87 4.08 -2.34
C LEU A 30 -12.57 4.08 -1.55
N PRO A 31 -12.59 4.72 -0.38
CA PRO A 31 -11.41 4.81 0.50
C PRO A 31 -11.08 3.46 1.13
N VAL A 32 -10.01 2.83 0.65
CA VAL A 32 -9.58 1.54 1.17
C VAL A 32 -8.23 1.65 1.88
N GLU A 33 -8.06 0.88 2.94
CA GLU A 33 -6.81 0.89 3.70
C GLU A 33 -6.44 -0.51 4.15
N PHE A 34 -5.17 -0.87 3.97
CA PHE A 34 -4.67 -2.18 4.37
C PHE A 34 -3.85 -2.10 5.64
N THR A 35 -3.26 -3.23 6.04
CA THR A 35 -2.46 -3.28 7.25
C THR A 35 -1.18 -4.10 7.02
N ILE A 36 -0.04 -3.48 7.28
CA ILE A 36 1.25 -4.15 7.11
C ILE A 36 1.81 -4.63 8.45
N ASP A 37 1.53 -5.88 8.79
CA ASP A 37 2.00 -6.46 10.04
C ASP A 37 3.45 -6.91 9.91
N ALA A 38 4.38 -6.08 10.36
CA ALA A 38 5.80 -6.40 10.29
C ALA A 38 6.46 -6.23 11.66
N ARG A 39 6.99 -7.33 12.20
CA ARG A 39 7.65 -7.30 13.50
C ARG A 39 9.15 -7.12 13.33
N ASP A 40 9.78 -8.04 12.60
CA ASP A 40 11.22 -7.98 12.37
C ASP A 40 11.52 -7.45 10.97
N ALA A 41 10.69 -6.53 10.49
CA ALA A 41 10.86 -5.95 9.17
C ALA A 41 12.16 -5.14 9.11
N GLY A 42 12.77 -4.88 10.27
CA GLY A 42 13.99 -4.12 10.31
C GLY A 42 13.83 -2.79 11.02
N GLU A 43 14.95 -2.17 11.37
CA GLU A 43 14.93 -0.88 12.06
C GLU A 43 15.03 0.27 11.06
N GLY A 44 14.13 0.28 10.08
CA GLY A 44 14.14 1.33 9.09
C GLY A 44 12.81 2.04 8.98
N LEU A 45 12.48 2.53 7.78
CA LEU A 45 11.23 3.23 7.56
C LEU A 45 10.45 2.63 6.40
N LEU A 46 9.18 2.32 6.63
CA LEU A 46 8.34 1.73 5.61
C LEU A 46 7.87 2.79 4.61
N THR A 47 7.75 2.38 3.34
CA THR A 47 7.32 3.30 2.29
C THR A 47 6.28 2.64 1.38
N VAL A 48 5.26 3.40 1.00
CA VAL A 48 4.20 2.89 0.14
C VAL A 48 3.94 3.84 -1.03
N GLN A 49 3.77 3.28 -2.22
CA GLN A 49 3.51 4.07 -3.41
C GLN A 49 2.49 3.40 -4.31
N ILE A 50 1.51 4.17 -4.78
CA ILE A 50 0.47 3.63 -5.65
C ILE A 50 0.43 4.39 -6.98
N LEU A 51 0.42 3.65 -8.08
CA LEU A 51 0.38 4.25 -9.40
C LEU A 51 -0.90 3.85 -10.15
N ASP A 52 -1.77 4.82 -10.39
CA ASP A 52 -3.02 4.57 -11.08
C ASP A 52 -2.81 3.60 -12.25
N PRO A 53 -3.92 3.03 -12.73
CA PRO A 53 -3.89 2.07 -13.85
C PRO A 53 -3.54 2.73 -15.17
N GLU A 54 -3.18 4.01 -15.11
CA GLU A 54 -2.82 4.76 -16.31
C GLU A 54 -1.30 4.98 -16.37
N GLY A 55 -0.68 5.08 -15.21
CA GLY A 55 0.76 5.29 -15.16
C GLY A 55 1.13 6.62 -14.51
N LYS A 56 0.38 7.00 -13.47
CA LYS A 56 0.63 8.25 -12.77
C LYS A 56 0.69 8.02 -11.27
N PRO A 57 1.44 8.88 -10.56
CA PRO A 57 1.58 8.80 -9.10
C PRO A 57 0.30 9.16 -8.37
N LYS A 58 -0.04 8.37 -7.35
CA LYS A 58 -1.24 8.60 -6.57
C LYS A 58 -0.89 9.12 -5.17
N LYS A 59 -1.90 9.29 -4.34
CA LYS A 59 -1.71 9.76 -2.98
C LYS A 59 -2.04 8.67 -1.97
N ALA A 60 -1.05 8.29 -1.16
CA ALA A 60 -1.22 7.26 -0.15
C ALA A 60 -0.85 7.78 1.23
N ASN A 61 -1.48 7.23 2.26
CA ASN A 61 -1.22 7.64 3.63
C ASN A 61 -0.70 6.46 4.46
N ILE A 62 0.26 6.73 5.33
CA ILE A 62 0.83 5.69 6.19
C ILE A 62 0.74 6.08 7.66
N ARG A 63 0.43 5.10 8.50
CA ARG A 63 0.31 5.32 9.93
C ARG A 63 1.18 4.35 10.72
N ASP A 64 1.63 4.79 11.89
CA ASP A 64 2.47 3.96 12.74
C ASP A 64 1.67 3.39 13.92
N ASN A 65 1.62 2.07 14.01
CA ASN A 65 0.90 1.41 15.09
C ASN A 65 1.79 1.21 16.31
N GLY A 66 3.04 0.85 16.08
CA GLY A 66 3.98 0.64 17.16
C GLY A 66 3.91 -0.77 17.72
N ASP A 67 2.81 -1.46 17.44
CA ASP A 67 2.64 -2.83 17.91
C ASP A 67 3.26 -3.83 16.95
N GLY A 68 4.26 -3.37 16.19
CA GLY A 68 4.91 -4.23 15.24
C GLY A 68 4.17 -4.34 13.93
N THR A 69 3.34 -3.34 13.64
CA THR A 69 2.56 -3.32 12.41
C THR A 69 2.37 -1.90 11.90
N TYR A 70 1.67 -1.76 10.77
CA TYR A 70 1.42 -0.45 10.19
C TYR A 70 0.10 -0.45 9.42
N THR A 71 -0.41 0.75 9.15
CA THR A 71 -1.67 0.90 8.43
C THR A 71 -1.55 1.94 7.32
N VAL A 72 -2.15 1.63 6.17
CA VAL A 72 -2.10 2.54 5.03
C VAL A 72 -3.48 2.68 4.40
N SER A 73 -3.84 3.91 4.03
CA SER A 73 -5.13 4.19 3.41
C SER A 73 -4.96 4.94 2.10
N TYR A 74 -5.84 4.68 1.15
CA TYR A 74 -5.79 5.33 -0.15
C TYR A 74 -7.15 5.27 -0.85
N LEU A 75 -7.35 6.17 -1.81
CA LEU A 75 -8.60 6.22 -2.56
C LEU A 75 -8.35 6.11 -4.06
N PRO A 76 -8.49 4.89 -4.60
CA PRO A 76 -8.29 4.63 -6.02
C PRO A 76 -9.38 5.26 -6.89
N ASP A 77 -9.26 6.55 -7.15
CA ASP A 77 -10.23 7.26 -7.97
C ASP A 77 -10.53 6.48 -9.26
N MET A 78 -9.49 6.17 -10.02
CA MET A 78 -9.64 5.43 -11.26
C MET A 78 -9.80 3.94 -10.99
N SER A 79 -10.12 3.19 -12.05
CA SER A 79 -10.32 1.75 -11.92
C SER A 79 -9.34 0.99 -12.82
N GLY A 80 -8.99 -0.23 -12.40
CA GLY A 80 -8.07 -1.04 -13.18
C GLY A 80 -6.99 -1.66 -12.32
N ARG A 81 -5.89 -2.06 -12.95
CA ARG A 81 -4.78 -2.68 -12.25
C ARG A 81 -3.86 -1.62 -11.64
N TYR A 82 -3.89 -1.51 -10.32
CA TYR A 82 -3.06 -0.53 -9.62
C TYR A 82 -1.72 -1.14 -9.22
N THR A 83 -0.65 -0.35 -9.35
CA THR A 83 0.68 -0.81 -9.01
C THR A 83 1.13 -0.25 -7.67
N ILE A 84 1.04 -1.08 -6.63
CA ILE A 84 1.44 -0.68 -5.29
C ILE A 84 2.85 -1.16 -4.96
N THR A 85 3.78 -0.21 -4.86
CA THR A 85 5.17 -0.55 -4.55
C THR A 85 5.48 -0.28 -3.09
N ILE A 86 5.79 -1.33 -2.35
CA ILE A 86 6.11 -1.22 -0.93
C ILE A 86 7.58 -1.58 -0.67
N LYS A 87 8.33 -0.63 -0.14
CA LYS A 87 9.74 -0.84 0.17
C LYS A 87 10.03 -0.56 1.64
N TYR A 88 10.94 -1.32 2.22
CA TYR A 88 11.31 -1.15 3.62
C TYR A 88 12.77 -0.71 3.75
N GLY A 89 12.97 0.45 4.37
CA GLY A 89 14.32 0.96 4.56
C GLY A 89 15.19 0.76 3.33
N GLY A 90 14.55 0.69 2.16
CA GLY A 90 15.29 0.51 0.93
C GLY A 90 15.33 -0.94 0.49
N ASP A 91 14.26 -1.67 0.75
CA ASP A 91 14.19 -3.08 0.38
C ASP A 91 12.76 -3.46 -0.02
N GLU A 92 12.56 -3.66 -1.32
CA GLU A 92 11.24 -4.03 -1.84
C GLU A 92 10.86 -5.42 -1.38
N ILE A 93 9.70 -5.52 -0.72
CA ILE A 93 9.21 -6.81 -0.23
C ILE A 93 9.09 -7.82 -1.37
N PRO A 94 9.18 -9.11 -1.02
CA PRO A 94 9.06 -10.20 -2.00
C PRO A 94 7.65 -10.34 -2.54
N TYR A 95 6.77 -9.46 -2.13
CA TYR A 95 5.38 -9.49 -2.58
C TYR A 95 5.12 -8.39 -3.62
N SER A 96 5.93 -7.34 -3.57
CA SER A 96 5.79 -6.22 -4.50
C SER A 96 6.52 -6.51 -5.81
N PRO A 97 6.05 -5.89 -6.90
CA PRO A 97 4.89 -4.99 -6.86
C PRO A 97 3.59 -5.73 -6.60
N PHE A 98 2.70 -5.10 -5.86
CA PHE A 98 1.40 -5.71 -5.53
C PHE A 98 0.39 -5.44 -6.63
N ARG A 99 0.08 -6.48 -7.42
CA ARG A 99 -0.88 -6.35 -8.51
C ARG A 99 -2.31 -6.38 -7.98
N ILE A 100 -2.91 -5.20 -7.83
CA ILE A 100 -4.28 -5.10 -7.34
C ILE A 100 -5.22 -4.64 -8.44
N HIS A 101 -6.45 -5.15 -8.41
CA HIS A 101 -7.45 -4.78 -9.41
C HIS A 101 -8.59 -4.00 -8.76
N ALA A 102 -9.02 -2.94 -9.44
CA ALA A 102 -10.10 -2.10 -8.93
C ALA A 102 -11.34 -2.22 -9.81
N LEU A 103 -12.43 -2.74 -9.24
CA LEU A 103 -13.67 -2.90 -9.98
C LEU A 103 -14.61 -1.73 -9.74
N PRO A 104 -15.27 -1.26 -10.81
CA PRO A 104 -16.21 -0.14 -10.74
C PRO A 104 -17.48 -0.49 -9.98
N THR A 105 -17.73 0.23 -8.88
CA THR A 105 -18.91 -0.01 -8.08
C THR A 105 -20.03 0.97 -8.44
N GLY A 106 -20.11 1.32 -9.71
CA GLY A 106 -21.14 2.24 -10.16
C GLY A 106 -21.31 3.43 -9.23
N ASP A 107 -22.42 3.46 -8.51
CA ASP A 107 -22.70 4.54 -7.58
C ASP A 107 -21.94 4.34 -6.27
N ALA A 108 -21.27 5.39 -5.82
CA ALA A 108 -20.50 5.32 -4.57
C ALA A 108 -20.71 6.58 -3.74
N SER A 109 -21.25 6.41 -2.54
CA SER A 109 -21.51 7.52 -1.64
C SER A 109 -20.28 7.83 -0.78
N SER A 110 -20.26 9.02 -0.19
CA SER A 110 -19.14 9.44 0.65
C SER A 110 -17.81 9.13 -0.02
N GLY A 111 -17.71 9.50 -1.30
CA GLY A 111 -16.48 9.26 -2.03
C GLY A 111 -16.18 10.35 -3.04
N PRO A 112 -15.35 10.02 -4.05
CA PRO A 112 -14.97 10.98 -5.10
C PRO A 112 -16.13 11.31 -6.03
N SER A 113 -16.51 12.58 -6.06
CA SER A 113 -17.61 13.03 -6.91
C SER A 113 -17.18 14.21 -7.77
N SER A 114 -17.25 14.04 -9.08
CA SER A 114 -16.87 15.09 -10.02
C SER A 114 -18.08 15.59 -10.80
N GLY A 115 -18.22 16.91 -10.91
CA GLY A 115 -19.32 17.49 -11.63
C GLY A 115 -19.03 18.88 -12.13
N GLY A 1 18.54 12.80 3.24
CA GLY A 1 18.65 11.35 3.25
C GLY A 1 19.77 10.85 2.35
N SER A 2 20.25 9.65 2.63
CA SER A 2 21.34 9.07 1.85
C SER A 2 20.80 8.36 0.60
N SER A 3 21.67 8.18 -0.39
CA SER A 3 21.28 7.54 -1.63
C SER A 3 20.87 6.08 -1.39
N GLY A 4 21.06 5.63 -0.15
CA GLY A 4 20.72 4.26 0.20
C GLY A 4 21.30 3.83 1.52
N SER A 5 20.49 3.85 2.57
CA SER A 5 20.93 3.47 3.91
C SER A 5 20.99 1.94 4.04
N SER A 6 22.13 1.44 4.49
CA SER A 6 22.32 0.01 4.67
C SER A 6 22.33 -0.36 6.15
N GLY A 7 21.27 -1.02 6.60
CA GLY A 7 21.18 -1.42 7.99
C GLY A 7 20.86 -2.90 8.14
N ALA A 8 20.00 -3.22 9.10
CA ALA A 8 19.62 -4.61 9.36
C ALA A 8 18.10 -4.76 9.35
N HIS A 9 17.53 -4.81 8.14
CA HIS A 9 16.09 -4.97 7.99
C HIS A 9 15.75 -6.09 7.00
N ASP A 10 14.64 -6.77 7.25
CA ASP A 10 14.22 -7.86 6.38
C ASP A 10 12.78 -7.66 5.90
N ALA A 11 12.64 -7.20 4.67
CA ALA A 11 11.32 -6.95 4.09
C ALA A 11 10.54 -8.25 3.95
N SER A 12 11.26 -9.37 3.87
CA SER A 12 10.63 -10.68 3.72
C SER A 12 9.82 -11.04 4.98
N LYS A 13 9.99 -10.24 6.02
CA LYS A 13 9.28 -10.46 7.28
C LYS A 13 8.05 -9.57 7.38
N VAL A 14 7.69 -8.94 6.28
CA VAL A 14 6.53 -8.05 6.24
C VAL A 14 5.31 -8.78 5.67
N ARG A 15 4.24 -8.80 6.46
CA ARG A 15 3.01 -9.47 6.04
C ARG A 15 1.98 -8.44 5.55
N ALA A 16 1.50 -8.63 4.32
CA ALA A 16 0.52 -7.74 3.74
C ALA A 16 -0.86 -8.38 3.69
N SER A 17 -1.82 -7.77 4.38
CA SER A 17 -3.18 -8.29 4.43
C SER A 17 -4.19 -7.15 4.58
N GLY A 18 -5.42 -7.40 4.15
CA GLY A 18 -6.46 -6.39 4.25
C GLY A 18 -7.21 -6.21 2.96
N PRO A 19 -8.17 -5.26 2.95
CA PRO A 19 -8.98 -4.96 1.77
C PRO A 19 -8.17 -4.28 0.66
N GLY A 20 -7.34 -3.32 1.05
CA GLY A 20 -6.53 -2.62 0.08
C GLY A 20 -5.62 -3.54 -0.70
N LEU A 21 -5.27 -4.68 -0.10
CA LEU A 21 -4.40 -5.65 -0.75
C LEU A 21 -5.20 -6.86 -1.23
N ASN A 22 -6.44 -6.61 -1.66
CA ASN A 22 -7.31 -7.68 -2.15
C ASN A 22 -6.91 -8.10 -3.55
N ALA A 23 -6.56 -9.38 -3.70
CA ALA A 23 -6.16 -9.91 -5.00
C ALA A 23 -7.37 -10.21 -5.86
N SER A 24 -8.51 -10.45 -5.21
CA SER A 24 -9.74 -10.75 -5.93
C SER A 24 -10.32 -9.50 -6.59
N GLY A 25 -9.96 -8.34 -6.05
CA GLY A 25 -10.45 -7.09 -6.60
C GLY A 25 -11.10 -6.22 -5.55
N ILE A 26 -10.78 -4.92 -5.57
CA ILE A 26 -11.35 -3.99 -4.61
C ILE A 26 -12.27 -2.99 -5.31
N PRO A 27 -13.30 -2.53 -4.59
CA PRO A 27 -14.27 -1.57 -5.11
C PRO A 27 -13.67 -0.19 -5.28
N ALA A 28 -13.55 0.25 -6.53
CA ALA A 28 -12.99 1.57 -6.83
C ALA A 28 -13.89 2.68 -6.29
N SER A 29 -13.39 3.92 -6.37
CA SER A 29 -14.15 5.06 -5.89
C SER A 29 -14.51 4.90 -4.41
N LEU A 30 -13.59 4.31 -3.66
CA LEU A 30 -13.81 4.09 -2.23
C LEU A 30 -12.48 4.05 -1.47
N PRO A 31 -12.45 4.71 -0.31
CA PRO A 31 -11.25 4.77 0.53
C PRO A 31 -10.93 3.43 1.17
N VAL A 32 -9.91 2.75 0.65
CA VAL A 32 -9.51 1.45 1.17
C VAL A 32 -8.15 1.53 1.86
N GLU A 33 -7.98 0.78 2.93
CA GLU A 33 -6.73 0.77 3.68
C GLU A 33 -6.38 -0.65 4.15
N PHE A 34 -5.11 -1.01 4.01
CA PHE A 34 -4.66 -2.33 4.42
C PHE A 34 -3.82 -2.25 5.70
N THR A 35 -3.27 -3.39 6.11
CA THR A 35 -2.45 -3.44 7.32
C THR A 35 -1.19 -4.26 7.08
N ILE A 36 -0.04 -3.65 7.36
CA ILE A 36 1.24 -4.33 7.17
C ILE A 36 1.80 -4.81 8.51
N ASP A 37 1.43 -6.03 8.89
CA ASP A 37 1.89 -6.62 10.14
C ASP A 37 3.29 -7.19 9.99
N ALA A 38 4.30 -6.38 10.31
CA ALA A 38 5.69 -6.81 10.21
C ALA A 38 6.44 -6.55 11.51
N ARG A 39 6.93 -7.63 12.13
CA ARG A 39 7.66 -7.52 13.39
C ARG A 39 9.17 -7.45 13.13
N ASP A 40 9.69 -8.46 12.46
CA ASP A 40 11.12 -8.51 12.15
C ASP A 40 11.41 -7.80 10.83
N ALA A 41 10.57 -6.84 10.48
CA ALA A 41 10.74 -6.09 9.23
C ALA A 41 12.05 -5.31 9.24
N GLY A 42 12.52 -4.97 10.43
CA GLY A 42 13.77 -4.23 10.55
C GLY A 42 13.59 -2.90 11.25
N GLU A 43 14.68 -2.15 11.39
CA GLU A 43 14.64 -0.85 12.04
C GLU A 43 14.71 0.28 11.02
N GLY A 44 13.57 0.58 10.40
CA GLY A 44 13.52 1.64 9.41
C GLY A 44 12.14 2.24 9.27
N LEU A 45 11.89 2.89 8.14
CA LEU A 45 10.60 3.52 7.89
C LEU A 45 9.89 2.87 6.71
N LEU A 46 8.59 2.60 6.88
CA LEU A 46 7.81 1.97 5.81
C LEU A 46 7.38 3.00 4.78
N THR A 47 7.40 2.60 3.51
CA THR A 47 7.01 3.48 2.42
C THR A 47 6.00 2.80 1.49
N VAL A 48 5.02 3.57 1.04
CA VAL A 48 3.99 3.05 0.14
C VAL A 48 3.78 3.98 -1.05
N GLN A 49 3.60 3.38 -2.23
CA GLN A 49 3.39 4.16 -3.44
C GLN A 49 2.35 3.49 -4.34
N ILE A 50 1.45 4.29 -4.90
CA ILE A 50 0.41 3.77 -5.78
C ILE A 50 0.40 4.52 -7.11
N LEU A 51 0.39 3.76 -8.21
CA LEU A 51 0.38 4.35 -9.54
C LEU A 51 -0.90 3.99 -10.28
N ASP A 52 -1.75 4.98 -10.52
CA ASP A 52 -3.01 4.76 -11.22
C ASP A 52 -2.82 3.79 -12.39
N PRO A 53 -3.93 3.24 -12.89
CA PRO A 53 -3.92 2.29 -14.00
C PRO A 53 -3.55 2.95 -15.32
N GLU A 54 -3.16 4.22 -15.25
CA GLU A 54 -2.78 4.97 -16.44
C GLU A 54 -1.27 5.15 -16.51
N GLY A 55 -0.63 5.23 -15.35
CA GLY A 55 0.81 5.41 -15.29
C GLY A 55 1.21 6.71 -14.64
N LYS A 56 0.48 7.10 -13.61
CA LYS A 56 0.76 8.34 -12.90
C LYS A 56 0.78 8.11 -11.39
N PRO A 57 1.55 8.96 -10.68
CA PRO A 57 1.66 8.86 -9.21
C PRO A 57 0.39 9.28 -8.50
N LYS A 58 0.01 8.51 -7.48
CA LYS A 58 -1.20 8.79 -6.71
C LYS A 58 -0.85 9.31 -5.31
N LYS A 59 -1.87 9.53 -4.50
CA LYS A 59 -1.67 10.03 -3.14
C LYS A 59 -2.01 8.95 -2.12
N ALA A 60 -1.01 8.52 -1.35
CA ALA A 60 -1.21 7.51 -0.33
C ALA A 60 -0.72 7.99 1.04
N ASN A 61 -1.25 7.38 2.09
CA ASN A 61 -0.88 7.74 3.45
C ASN A 61 -0.32 6.55 4.21
N ILE A 62 0.57 6.80 5.16
CA ILE A 62 1.16 5.74 5.96
C ILE A 62 1.14 6.08 7.44
N ARG A 63 0.87 5.10 8.27
CA ARG A 63 0.82 5.30 9.72
C ARG A 63 1.82 4.40 10.43
N ASP A 64 2.34 4.87 11.56
CA ASP A 64 3.32 4.12 12.33
C ASP A 64 2.71 3.64 13.65
N ASN A 65 2.49 2.34 13.76
CA ASN A 65 1.92 1.76 14.97
C ASN A 65 2.98 1.60 16.05
N GLY A 66 4.10 0.99 15.69
CA GLY A 66 5.18 0.79 16.64
C GLY A 66 5.12 -0.58 17.30
N ASP A 67 3.96 -1.21 17.24
CA ASP A 67 3.77 -2.53 17.83
C ASP A 67 4.19 -3.63 16.85
N GLY A 68 4.99 -3.25 15.85
CA GLY A 68 5.44 -4.21 14.86
C GLY A 68 4.48 -4.33 13.69
N THR A 69 3.73 -3.26 13.43
CA THR A 69 2.77 -3.25 12.33
C THR A 69 2.62 -1.85 11.75
N TYR A 70 1.86 -1.74 10.67
CA TYR A 70 1.64 -0.46 10.02
C TYR A 70 0.28 -0.43 9.32
N THR A 71 -0.22 0.77 9.04
CA THR A 71 -1.50 0.93 8.37
C THR A 71 -1.40 1.92 7.21
N VAL A 72 -1.98 1.56 6.08
CA VAL A 72 -1.97 2.41 4.90
C VAL A 72 -3.36 2.57 4.30
N SER A 73 -3.73 3.80 3.96
CA SER A 73 -5.03 4.08 3.38
C SER A 73 -4.89 4.85 2.07
N TYR A 74 -5.79 4.58 1.14
CA TYR A 74 -5.78 5.23 -0.16
C TYR A 74 -7.15 5.18 -0.83
N LEU A 75 -7.34 6.02 -1.84
CA LEU A 75 -8.62 6.06 -2.56
C LEU A 75 -8.39 5.98 -4.06
N PRO A 76 -8.52 4.76 -4.61
CA PRO A 76 -8.34 4.53 -6.05
C PRO A 76 -9.45 5.13 -6.89
N ASP A 77 -9.32 6.41 -7.20
CA ASP A 77 -10.32 7.12 -7.99
C ASP A 77 -10.60 6.37 -9.29
N MET A 78 -9.56 6.12 -10.07
CA MET A 78 -9.69 5.41 -11.33
C MET A 78 -9.79 3.90 -11.11
N SER A 79 -10.22 3.18 -12.14
CA SER A 79 -10.37 1.73 -12.04
C SER A 79 -9.35 1.03 -12.93
N GLY A 80 -8.94 -0.17 -12.53
CA GLY A 80 -7.97 -0.93 -13.29
C GLY A 80 -6.91 -1.57 -12.42
N ARG A 81 -5.81 -1.98 -13.04
CA ARG A 81 -4.71 -2.62 -12.32
C ARG A 81 -3.80 -1.56 -11.69
N TYR A 82 -3.83 -1.47 -10.36
CA TYR A 82 -3.02 -0.51 -9.65
C TYR A 82 -1.68 -1.12 -9.24
N THR A 83 -0.62 -0.32 -9.32
CA THR A 83 0.72 -0.79 -8.96
C THR A 83 1.14 -0.24 -7.60
N ILE A 84 1.05 -1.06 -6.57
CA ILE A 84 1.43 -0.66 -5.23
C ILE A 84 2.84 -1.11 -4.90
N THR A 85 3.74 -0.15 -4.72
CA THR A 85 5.14 -0.44 -4.40
C THR A 85 5.42 -0.19 -2.93
N ILE A 86 5.75 -1.26 -2.20
CA ILE A 86 6.05 -1.14 -0.78
C ILE A 86 7.51 -1.46 -0.50
N LYS A 87 8.21 -0.53 0.13
CA LYS A 87 9.62 -0.71 0.45
C LYS A 87 9.89 -0.41 1.92
N TYR A 88 10.59 -1.31 2.60
CA TYR A 88 10.91 -1.12 4.01
C TYR A 88 12.36 -0.67 4.19
N GLY A 89 12.53 0.45 4.88
CA GLY A 89 13.86 0.97 5.11
C GLY A 89 14.79 0.73 3.95
N GLY A 90 14.25 0.77 2.73
CA GLY A 90 15.05 0.54 1.55
C GLY A 90 15.13 -0.93 1.17
N ASP A 91 13.99 -1.61 1.24
CA ASP A 91 13.92 -3.03 0.91
C ASP A 91 12.53 -3.41 0.41
N GLU A 92 12.41 -3.63 -0.90
CA GLU A 92 11.13 -4.00 -1.49
C GLU A 92 10.69 -5.38 -1.02
N ILE A 93 9.44 -5.48 -0.60
CA ILE A 93 8.89 -6.75 -0.13
C ILE A 93 8.80 -7.76 -1.25
N PRO A 94 8.90 -9.06 -0.90
CA PRO A 94 8.83 -10.16 -1.88
C PRO A 94 7.43 -10.32 -2.46
N TYR A 95 6.53 -9.44 -2.07
CA TYR A 95 5.15 -9.50 -2.56
C TYR A 95 4.88 -8.37 -3.55
N SER A 96 5.79 -7.40 -3.60
CA SER A 96 5.64 -6.26 -4.50
C SER A 96 6.40 -6.51 -5.81
N PRO A 97 5.94 -5.86 -6.88
CA PRO A 97 4.79 -4.96 -6.84
C PRO A 97 3.47 -5.71 -6.60
N PHE A 98 2.58 -5.10 -5.84
CA PHE A 98 1.28 -5.72 -5.55
C PHE A 98 0.27 -5.40 -6.65
N ARG A 99 -0.03 -6.41 -7.46
CA ARG A 99 -0.98 -6.25 -8.55
C ARG A 99 -2.42 -6.32 -8.05
N ILE A 100 -3.05 -5.16 -7.92
CA ILE A 100 -4.43 -5.09 -7.44
C ILE A 100 -5.37 -4.63 -8.55
N HIS A 101 -6.59 -5.17 -8.55
CA HIS A 101 -7.58 -4.81 -9.55
C HIS A 101 -8.77 -4.07 -8.90
N ALA A 102 -9.07 -2.89 -9.42
CA ALA A 102 -10.17 -2.09 -8.89
C ALA A 102 -11.42 -2.23 -9.77
N LEU A 103 -12.48 -2.77 -9.19
CA LEU A 103 -13.73 -2.97 -9.91
C LEU A 103 -14.66 -1.77 -9.73
N PRO A 104 -15.40 -1.42 -10.80
CA PRO A 104 -16.34 -0.30 -10.78
C PRO A 104 -17.56 -0.56 -9.90
N THR A 105 -17.53 -0.03 -8.69
CA THR A 105 -18.63 -0.21 -7.75
C THR A 105 -19.97 -0.15 -8.47
N GLY A 106 -20.01 0.56 -9.59
CA GLY A 106 -21.25 0.68 -10.35
C GLY A 106 -21.27 1.93 -11.21
N ASP A 107 -22.16 2.86 -10.87
CA ASP A 107 -22.28 4.10 -11.62
C ASP A 107 -20.93 4.77 -11.80
N ALA A 108 -20.91 5.88 -12.53
CA ALA A 108 -19.68 6.61 -12.78
C ALA A 108 -19.73 8.01 -12.16
N SER A 109 -19.21 8.14 -10.94
CA SER A 109 -19.22 9.41 -10.25
C SER A 109 -18.26 9.38 -9.06
N SER A 110 -18.02 10.55 -8.45
CA SER A 110 -17.13 10.66 -7.31
C SER A 110 -17.60 9.76 -6.17
N GLY A 111 -16.64 9.15 -5.47
CA GLY A 111 -16.98 8.28 -4.37
C GLY A 111 -17.27 9.04 -3.08
N PRO A 112 -16.24 9.19 -2.23
CA PRO A 112 -16.36 9.90 -0.96
C PRO A 112 -16.54 11.40 -1.16
N SER A 113 -16.76 12.12 -0.05
CA SER A 113 -16.95 13.56 -0.10
C SER A 113 -15.69 14.25 -0.60
N SER A 114 -15.89 15.36 -1.33
CA SER A 114 -14.77 16.12 -1.87
C SER A 114 -14.51 17.38 -1.04
N GLY A 115 -13.29 17.91 -1.15
CA GLY A 115 -12.95 19.11 -0.40
C GLY A 115 -11.51 19.08 0.09
N GLY A 1 13.69 9.56 1.98
CA GLY A 1 15.11 9.55 1.69
C GLY A 1 15.94 9.97 2.88
N SER A 2 16.83 9.08 3.31
CA SER A 2 17.69 9.36 4.45
C SER A 2 18.86 8.37 4.51
N SER A 3 20.08 8.90 4.55
CA SER A 3 21.27 8.06 4.60
C SER A 3 21.13 6.98 5.67
N GLY A 4 22.05 6.01 5.66
CA GLY A 4 22.01 4.94 6.63
C GLY A 4 23.12 3.93 6.41
N SER A 5 23.67 3.42 7.51
CA SER A 5 24.75 2.44 7.44
C SER A 5 24.24 1.04 7.78
N SER A 6 23.70 0.90 8.99
CA SER A 6 23.18 -0.39 9.44
C SER A 6 21.96 -0.80 8.62
N GLY A 7 22.11 -1.88 7.86
CA GLY A 7 21.01 -2.35 7.03
C GLY A 7 20.60 -3.76 7.40
N ALA A 8 20.07 -3.92 8.61
CA ALA A 8 19.63 -5.23 9.09
C ALA A 8 18.11 -5.36 8.99
N HIS A 9 17.55 -4.88 7.88
CA HIS A 9 16.11 -4.94 7.67
C HIS A 9 15.75 -6.05 6.70
N ASP A 10 14.66 -6.77 6.99
CA ASP A 10 14.22 -7.87 6.14
C ASP A 10 12.78 -7.64 5.68
N ALA A 11 12.64 -7.15 4.45
CA ALA A 11 11.32 -6.88 3.89
C ALA A 11 10.50 -8.16 3.78
N SER A 12 11.19 -9.29 3.64
CA SER A 12 10.53 -10.58 3.52
C SER A 12 9.76 -10.92 4.80
N LYS A 13 10.06 -10.19 5.87
CA LYS A 13 9.40 -10.40 7.15
C LYS A 13 8.17 -9.50 7.28
N VAL A 14 7.75 -8.90 6.17
CA VAL A 14 6.59 -8.03 6.15
C VAL A 14 5.36 -8.76 5.65
N ARG A 15 4.27 -8.70 6.42
CA ARG A 15 3.03 -9.36 6.05
C ARG A 15 2.00 -8.34 5.56
N ALA A 16 1.49 -8.57 4.35
CA ALA A 16 0.49 -7.67 3.77
C ALA A 16 -0.88 -8.32 3.74
N SER A 17 -1.84 -7.72 4.43
CA SER A 17 -3.20 -8.25 4.49
C SER A 17 -4.21 -7.13 4.68
N GLY A 18 -5.41 -7.32 4.17
CA GLY A 18 -6.46 -6.32 4.31
C GLY A 18 -7.21 -6.11 3.01
N PRO A 19 -8.21 -5.20 3.06
CA PRO A 19 -9.04 -4.88 1.89
C PRO A 19 -8.25 -4.12 0.82
N GLY A 20 -7.43 -3.17 1.25
CA GLY A 20 -6.65 -2.40 0.30
C GLY A 20 -5.75 -3.27 -0.56
N LEU A 21 -5.29 -4.37 0.00
CA LEU A 21 -4.42 -5.29 -0.74
C LEU A 21 -5.20 -6.51 -1.22
N ASN A 22 -6.47 -6.30 -1.56
CA ASN A 22 -7.31 -7.38 -2.05
C ASN A 22 -6.92 -7.81 -3.45
N ALA A 23 -6.52 -9.07 -3.58
CA ALA A 23 -6.12 -9.61 -4.88
C ALA A 23 -7.32 -9.96 -5.74
N SER A 24 -8.40 -10.38 -5.08
CA SER A 24 -9.63 -10.75 -5.79
C SER A 24 -10.26 -9.54 -6.45
N GLY A 25 -9.87 -8.36 -5.99
CA GLY A 25 -10.42 -7.13 -6.56
C GLY A 25 -10.92 -6.17 -5.50
N ILE A 26 -10.49 -4.92 -5.58
CA ILE A 26 -10.91 -3.91 -4.62
C ILE A 26 -11.95 -2.98 -5.22
N PRO A 27 -12.90 -2.52 -4.37
CA PRO A 27 -13.97 -1.61 -4.80
C PRO A 27 -13.46 -0.22 -5.13
N ALA A 28 -13.57 0.16 -6.40
CA ALA A 28 -13.11 1.47 -6.85
C ALA A 28 -14.02 2.57 -6.33
N SER A 29 -13.52 3.80 -6.33
CA SER A 29 -14.29 4.94 -5.86
C SER A 29 -14.64 4.79 -4.38
N LEU A 30 -13.70 4.25 -3.60
CA LEU A 30 -13.92 4.04 -2.18
C LEU A 30 -12.59 4.02 -1.43
N PRO A 31 -12.55 4.69 -0.27
CA PRO A 31 -11.36 4.77 0.56
C PRO A 31 -11.02 3.43 1.22
N VAL A 32 -10.00 2.76 0.71
CA VAL A 32 -9.58 1.48 1.25
C VAL A 32 -8.21 1.59 1.93
N GLU A 33 -8.03 0.82 2.99
CA GLU A 33 -6.77 0.83 3.73
C GLU A 33 -6.39 -0.57 4.19
N PHE A 34 -5.12 -0.93 4.03
CA PHE A 34 -4.63 -2.25 4.43
C PHE A 34 -3.81 -2.16 5.71
N THR A 35 -3.31 -3.31 6.15
CA THR A 35 -2.50 -3.36 7.37
C THR A 35 -1.22 -4.15 7.14
N ILE A 36 -0.08 -3.49 7.35
CA ILE A 36 1.22 -4.14 7.18
C ILE A 36 1.77 -4.65 8.50
N ASP A 37 1.46 -5.91 8.82
CA ASP A 37 1.94 -6.51 10.07
C ASP A 37 3.38 -6.98 9.93
N ALA A 38 4.32 -6.11 10.34
CA ALA A 38 5.74 -6.44 10.26
C ALA A 38 6.42 -6.21 11.61
N ARG A 39 6.95 -7.28 12.18
CA ARG A 39 7.63 -7.21 13.47
C ARG A 39 9.14 -7.03 13.27
N ASP A 40 9.76 -7.97 12.57
CA ASP A 40 11.19 -7.92 12.31
C ASP A 40 11.48 -7.42 10.90
N ALA A 41 10.65 -6.48 10.44
CA ALA A 41 10.82 -5.91 9.10
C ALA A 41 12.14 -5.17 8.98
N GLY A 42 12.68 -4.71 10.12
CA GLY A 42 13.92 -4.00 10.12
C GLY A 42 13.84 -2.69 10.88
N GLU A 43 14.99 -2.04 11.06
CA GLU A 43 15.04 -0.77 11.79
C GLU A 43 15.02 0.41 10.82
N GLY A 44 14.01 0.43 9.96
CA GLY A 44 13.88 1.52 8.99
C GLY A 44 12.48 2.10 8.96
N LEU A 45 12.11 2.68 7.82
CA LEU A 45 10.79 3.28 7.66
C LEU A 45 10.06 2.67 6.48
N LEU A 46 8.82 2.22 6.72
CA LEU A 46 8.01 1.61 5.67
C LEU A 46 7.56 2.66 4.66
N THR A 47 7.58 2.30 3.38
CA THR A 47 7.17 3.21 2.32
C THR A 47 6.16 2.55 1.38
N VAL A 48 5.13 3.28 1.01
CA VAL A 48 4.11 2.77 0.12
C VAL A 48 3.83 3.75 -1.03
N GLN A 49 3.76 3.22 -2.24
CA GLN A 49 3.50 4.04 -3.41
C GLN A 49 2.48 3.37 -4.33
N ILE A 50 1.55 4.17 -4.84
CA ILE A 50 0.51 3.66 -5.73
C ILE A 50 0.50 4.42 -7.06
N LEU A 51 0.48 3.67 -8.15
CA LEU A 51 0.48 4.26 -9.49
C LEU A 51 -0.81 3.90 -10.23
N ASP A 52 -1.65 4.91 -10.47
CA ASP A 52 -2.91 4.70 -11.17
C ASP A 52 -2.71 3.74 -12.34
N PRO A 53 -3.83 3.19 -12.85
CA PRO A 53 -3.82 2.24 -13.97
C PRO A 53 -3.45 2.92 -15.28
N GLU A 54 -3.05 4.19 -15.20
CA GLU A 54 -2.66 4.95 -16.39
C GLU A 54 -1.15 5.13 -16.45
N GLY A 55 -0.52 5.21 -15.28
CA GLY A 55 0.92 5.38 -15.22
C GLY A 55 1.33 6.68 -14.56
N LYS A 56 0.59 7.07 -13.52
CA LYS A 56 0.88 8.31 -12.81
C LYS A 56 0.91 8.05 -11.30
N PRO A 57 1.68 8.89 -10.58
CA PRO A 57 1.81 8.79 -9.13
C PRO A 57 0.53 9.18 -8.40
N LYS A 58 0.18 8.41 -7.38
CA LYS A 58 -1.02 8.69 -6.59
C LYS A 58 -0.66 9.19 -5.20
N LYS A 59 -1.68 9.41 -4.37
CA LYS A 59 -1.47 9.89 -3.00
C LYS A 59 -1.87 8.83 -1.99
N ALA A 60 -0.92 8.43 -1.15
CA ALA A 60 -1.18 7.43 -0.13
C ALA A 60 -0.75 7.92 1.25
N ASN A 61 -1.36 7.36 2.29
CA ASN A 61 -1.06 7.75 3.66
C ASN A 61 -0.52 6.57 4.46
N ILE A 62 0.36 6.86 5.41
CA ILE A 62 0.96 5.81 6.24
C ILE A 62 0.88 6.18 7.72
N ARG A 63 0.49 5.21 8.55
CA ARG A 63 0.37 5.44 9.99
C ARG A 63 1.26 4.45 10.75
N ASP A 64 1.74 4.89 11.91
CA ASP A 64 2.60 4.05 12.74
C ASP A 64 1.80 3.44 13.90
N ASN A 65 1.79 2.12 13.97
CA ASN A 65 1.07 1.42 15.03
C ASN A 65 1.95 1.24 16.26
N GLY A 66 3.21 0.92 16.03
CA GLY A 66 4.14 0.72 17.13
C GLY A 66 4.12 -0.71 17.65
N ASP A 67 3.00 -1.39 17.44
CA ASP A 67 2.86 -2.78 17.90
C ASP A 67 3.45 -3.74 16.89
N GLY A 68 4.46 -3.29 16.14
CA GLY A 68 5.08 -4.13 15.15
C GLY A 68 4.25 -4.25 13.88
N THR A 69 3.47 -3.22 13.60
CA THR A 69 2.62 -3.20 12.41
C THR A 69 2.45 -1.79 11.87
N TYR A 70 1.72 -1.67 10.76
CA TYR A 70 1.47 -0.36 10.15
C TYR A 70 0.14 -0.35 9.41
N THR A 71 -0.36 0.85 9.13
CA THR A 71 -1.64 1.00 8.44
C THR A 71 -1.52 2.01 7.30
N VAL A 72 -2.06 1.65 6.13
CA VAL A 72 -2.01 2.52 4.97
C VAL A 72 -3.39 2.64 4.32
N SER A 73 -3.80 3.87 4.05
CA SER A 73 -5.10 4.12 3.44
C SER A 73 -4.95 4.86 2.12
N TYR A 74 -5.84 4.59 1.18
CA TYR A 74 -5.80 5.23 -0.13
C TYR A 74 -7.17 5.18 -0.81
N LEU A 75 -7.37 6.05 -1.79
CA LEU A 75 -8.64 6.11 -2.52
C LEU A 75 -8.41 5.99 -4.01
N PRO A 76 -8.56 4.77 -4.54
CA PRO A 76 -8.38 4.49 -5.97
C PRO A 76 -9.48 5.10 -6.83
N ASP A 77 -9.34 6.39 -7.13
CA ASP A 77 -10.32 7.10 -7.94
C ASP A 77 -10.61 6.34 -9.23
N MET A 78 -9.55 6.03 -9.97
CA MET A 78 -9.67 5.30 -11.22
C MET A 78 -9.85 3.80 -10.98
N SER A 79 -10.11 3.07 -12.05
CA SER A 79 -10.31 1.62 -11.94
C SER A 79 -9.35 0.88 -12.88
N GLY A 80 -8.87 -0.27 -12.43
CA GLY A 80 -7.95 -1.05 -13.23
C GLY A 80 -6.87 -1.73 -12.40
N ARG A 81 -5.74 -2.03 -13.03
CA ARG A 81 -4.64 -2.68 -12.35
C ARG A 81 -3.70 -1.64 -11.73
N TYR A 82 -3.82 -1.46 -10.41
CA TYR A 82 -2.99 -0.49 -9.70
C TYR A 82 -1.66 -1.12 -9.29
N THR A 83 -0.60 -0.30 -9.31
CA THR A 83 0.73 -0.77 -8.95
C THR A 83 1.14 -0.23 -7.58
N ILE A 84 1.04 -1.08 -6.56
CA ILE A 84 1.40 -0.69 -5.21
C ILE A 84 2.82 -1.14 -4.87
N THR A 85 3.75 -0.19 -4.89
CA THR A 85 5.15 -0.48 -4.58
C THR A 85 5.46 -0.22 -3.12
N ILE A 86 5.80 -1.28 -2.39
CA ILE A 86 6.13 -1.15 -0.97
C ILE A 86 7.59 -1.51 -0.72
N LYS A 87 8.30 -0.60 -0.07
CA LYS A 87 9.71 -0.81 0.24
C LYS A 87 9.99 -0.53 1.72
N TYR A 88 10.72 -1.43 2.35
CA TYR A 88 11.05 -1.29 3.77
C TYR A 88 12.51 -0.84 3.94
N GLY A 89 12.68 0.32 4.56
CA GLY A 89 14.02 0.85 4.78
C GLY A 89 14.93 0.61 3.60
N GLY A 90 14.38 0.65 2.40
CA GLY A 90 15.17 0.43 1.20
C GLY A 90 15.24 -1.04 0.81
N ASP A 91 14.11 -1.73 0.93
CA ASP A 91 14.05 -3.14 0.59
C ASP A 91 12.65 -3.54 0.14
N GLU A 92 12.50 -3.75 -1.17
CA GLU A 92 11.21 -4.12 -1.74
C GLU A 92 10.79 -5.50 -1.25
N ILE A 93 9.52 -5.62 -0.82
CA ILE A 93 9.00 -6.89 -0.33
C ILE A 93 8.89 -7.91 -1.46
N PRO A 94 8.98 -9.19 -1.10
CA PRO A 94 8.89 -10.30 -2.06
C PRO A 94 7.48 -10.45 -2.64
N TYR A 95 6.59 -9.55 -2.24
CA TYR A 95 5.21 -9.59 -2.73
C TYR A 95 4.93 -8.42 -3.67
N SER A 96 5.87 -7.49 -3.75
CA SER A 96 5.72 -6.33 -4.60
C SER A 96 6.49 -6.52 -5.91
N PRO A 97 6.03 -5.84 -6.98
CA PRO A 97 4.86 -4.96 -6.91
C PRO A 97 3.56 -5.73 -6.71
N PHE A 98 2.65 -5.17 -5.92
CA PHE A 98 1.37 -5.81 -5.66
C PHE A 98 0.36 -5.47 -6.76
N ARG A 99 -0.02 -6.48 -7.53
CA ARG A 99 -0.98 -6.29 -8.61
C ARG A 99 -2.41 -6.31 -8.09
N ILE A 100 -3.00 -5.14 -7.91
CA ILE A 100 -4.37 -5.03 -7.41
C ILE A 100 -5.31 -4.54 -8.49
N HIS A 101 -6.47 -5.19 -8.60
CA HIS A 101 -7.46 -4.82 -9.61
C HIS A 101 -8.65 -4.12 -8.96
N ALA A 102 -8.93 -2.91 -9.40
CA ALA A 102 -10.04 -2.13 -8.86
C ALA A 102 -11.28 -2.26 -9.74
N LEU A 103 -12.38 -2.72 -9.13
CA LEU A 103 -13.63 -2.89 -9.86
C LEU A 103 -14.58 -1.73 -9.59
N PRO A 104 -15.25 -1.25 -10.65
CA PRO A 104 -16.21 -0.15 -10.55
C PRO A 104 -17.48 -0.55 -9.80
N THR A 105 -17.54 -0.21 -8.52
CA THR A 105 -18.69 -0.54 -7.70
C THR A 105 -18.90 0.50 -6.60
N GLY A 106 -20.12 0.56 -6.08
CA GLY A 106 -20.43 1.51 -5.02
C GLY A 106 -20.85 2.86 -5.56
N ASP A 107 -21.88 3.44 -4.98
CA ASP A 107 -22.38 4.74 -5.41
C ASP A 107 -21.39 5.84 -5.07
N ALA A 108 -20.72 6.36 -6.10
CA ALA A 108 -19.74 7.43 -5.93
C ALA A 108 -20.35 8.62 -5.20
N SER A 109 -20.12 8.70 -3.90
CA SER A 109 -20.65 9.80 -3.10
C SER A 109 -19.59 10.36 -2.16
N SER A 110 -18.97 9.47 -1.39
CA SER A 110 -17.93 9.87 -0.44
C SER A 110 -16.59 9.25 -0.82
N GLY A 111 -15.74 10.04 -1.47
CA GLY A 111 -14.43 9.54 -1.86
C GLY A 111 -13.73 10.48 -2.83
N PRO A 112 -13.88 10.20 -4.14
CA PRO A 112 -13.26 11.00 -5.20
C PRO A 112 -13.91 12.38 -5.33
N SER A 113 -13.32 13.23 -6.16
CA SER A 113 -13.83 14.57 -6.37
C SER A 113 -13.43 15.11 -7.74
N SER A 114 -14.31 15.90 -8.34
CA SER A 114 -14.05 16.48 -9.66
C SER A 114 -14.36 17.98 -9.68
N GLY A 115 -15.60 18.31 -9.38
CA GLY A 115 -16.01 19.70 -9.36
C GLY A 115 -16.21 20.23 -7.96
N GLY A 1 22.65 11.03 -0.14
CA GLY A 1 22.10 10.67 1.15
C GLY A 1 23.16 10.25 2.14
N SER A 2 22.77 10.11 3.41
CA SER A 2 23.70 9.72 4.45
C SER A 2 23.36 8.33 4.98
N SER A 3 23.92 7.31 4.33
CA SER A 3 23.67 5.92 4.74
C SER A 3 24.93 5.07 4.54
N GLY A 4 25.33 4.37 5.59
CA GLY A 4 26.51 3.53 5.52
C GLY A 4 26.69 2.67 6.75
N SER A 5 25.59 2.14 7.27
CA SER A 5 25.63 1.30 8.47
C SER A 5 24.90 -0.01 8.23
N SER A 6 25.44 -1.09 8.79
CA SER A 6 24.83 -2.41 8.65
C SER A 6 23.32 -2.33 8.76
N GLY A 7 22.64 -2.54 7.64
CA GLY A 7 21.19 -2.48 7.63
C GLY A 7 20.55 -3.82 7.95
N ALA A 8 20.08 -3.97 9.19
CA ALA A 8 19.45 -5.21 9.62
C ALA A 8 17.95 -5.14 9.45
N HIS A 9 17.49 -5.34 8.22
CA HIS A 9 16.06 -5.32 7.92
C HIS A 9 15.71 -6.35 6.85
N ASP A 10 14.55 -6.99 7.03
CA ASP A 10 14.10 -8.00 6.07
C ASP A 10 12.68 -7.71 5.61
N ALA A 11 12.55 -7.20 4.38
CA ALA A 11 11.25 -6.88 3.83
C ALA A 11 10.37 -8.13 3.70
N SER A 12 11.02 -9.27 3.54
CA SER A 12 10.30 -10.54 3.41
C SER A 12 9.51 -10.85 4.68
N LYS A 13 9.87 -10.19 5.77
CA LYS A 13 9.19 -10.39 7.04
C LYS A 13 7.99 -9.46 7.17
N VAL A 14 7.62 -8.81 6.07
CA VAL A 14 6.49 -7.91 6.06
C VAL A 14 5.25 -8.59 5.48
N ARG A 15 4.20 -8.67 6.29
CA ARG A 15 2.95 -9.29 5.86
C ARG A 15 1.95 -8.24 5.40
N ALA A 16 1.47 -8.39 4.17
CA ALA A 16 0.50 -7.45 3.60
C ALA A 16 -0.88 -8.09 3.48
N SER A 17 -1.86 -7.53 4.17
CA SER A 17 -3.22 -8.05 4.14
C SER A 17 -4.24 -6.93 4.30
N GLY A 18 -5.51 -7.24 4.05
CA GLY A 18 -6.55 -6.25 4.17
C GLY A 18 -7.34 -6.06 2.89
N PRO A 19 -8.28 -5.11 2.89
CA PRO A 19 -9.12 -4.83 1.73
C PRO A 19 -8.34 -4.17 0.60
N GLY A 20 -7.47 -3.23 0.95
CA GLY A 20 -6.67 -2.55 -0.05
C GLY A 20 -5.78 -3.50 -0.83
N LEU A 21 -5.42 -4.62 -0.20
CA LEU A 21 -4.57 -5.61 -0.85
C LEU A 21 -5.37 -6.83 -1.25
N ASN A 22 -6.60 -6.60 -1.72
CA ASN A 22 -7.47 -7.70 -2.14
C ASN A 22 -7.10 -8.18 -3.54
N ALA A 23 -6.75 -9.45 -3.65
CA ALA A 23 -6.38 -10.03 -4.94
C ALA A 23 -7.61 -10.27 -5.81
N SER A 24 -8.74 -10.52 -5.16
CA SER A 24 -9.99 -10.77 -5.87
C SER A 24 -10.50 -9.50 -6.55
N GLY A 25 -10.08 -8.35 -6.03
CA GLY A 25 -10.50 -7.08 -6.58
C GLY A 25 -11.16 -6.18 -5.56
N ILE A 26 -10.81 -4.90 -5.59
CA ILE A 26 -11.37 -3.94 -4.65
C ILE A 26 -12.27 -2.94 -5.36
N PRO A 27 -13.33 -2.51 -4.67
CA PRO A 27 -14.30 -1.55 -5.21
C PRO A 27 -13.71 -0.15 -5.36
N ALA A 28 -13.48 0.26 -6.60
CA ALA A 28 -12.92 1.58 -6.88
C ALA A 28 -13.84 2.69 -6.37
N SER A 29 -13.35 3.92 -6.41
CA SER A 29 -14.13 5.07 -5.95
C SER A 29 -14.53 4.89 -4.49
N LEU A 30 -13.57 4.46 -3.66
CA LEU A 30 -13.83 4.26 -2.24
C LEU A 30 -12.53 4.24 -1.45
N PRO A 31 -12.53 4.91 -0.29
CA PRO A 31 -11.35 4.97 0.58
C PRO A 31 -11.04 3.63 1.25
N VAL A 32 -10.03 2.94 0.73
CA VAL A 32 -9.63 1.65 1.27
C VAL A 32 -8.27 1.73 1.95
N GLU A 33 -8.09 0.93 3.00
CA GLU A 33 -6.83 0.92 3.73
C GLU A 33 -6.48 -0.50 4.18
N PHE A 34 -5.21 -0.86 4.02
CA PHE A 34 -4.74 -2.19 4.40
C PHE A 34 -3.92 -2.13 5.68
N THR A 35 -3.37 -3.28 6.08
CA THR A 35 -2.57 -3.36 7.30
C THR A 35 -1.27 -4.12 7.05
N ILE A 36 -0.15 -3.48 7.36
CA ILE A 36 1.15 -4.10 7.16
C ILE A 36 1.70 -4.62 8.49
N ASP A 37 1.39 -5.87 8.81
CA ASP A 37 1.85 -6.50 10.04
C ASP A 37 3.29 -6.97 9.89
N ALA A 38 4.24 -6.14 10.33
CA ALA A 38 5.65 -6.48 10.26
C ALA A 38 6.33 -6.30 11.61
N ARG A 39 6.85 -7.39 12.16
CA ARG A 39 7.52 -7.36 13.44
C ARG A 39 9.03 -7.20 13.27
N ASP A 40 9.63 -8.14 12.55
CA ASP A 40 11.07 -8.11 12.30
C ASP A 40 11.36 -7.55 10.91
N ALA A 41 10.56 -6.58 10.48
CA ALA A 41 10.75 -5.96 9.18
C ALA A 41 12.06 -5.18 9.11
N GLY A 42 12.61 -4.86 10.28
CA GLY A 42 13.85 -4.12 10.34
C GLY A 42 13.70 -2.82 11.12
N GLU A 43 14.83 -2.20 11.45
CA GLU A 43 14.82 -0.95 12.20
C GLU A 43 14.91 0.25 11.25
N GLY A 44 13.99 0.31 10.30
CA GLY A 44 13.98 1.41 9.35
C GLY A 44 12.62 2.06 9.23
N LEU A 45 12.29 2.55 8.04
CA LEU A 45 11.01 3.19 7.81
C LEU A 45 10.29 2.56 6.63
N LEU A 46 9.00 2.28 6.81
CA LEU A 46 8.19 1.67 5.77
C LEU A 46 7.72 2.71 4.76
N THR A 47 7.69 2.34 3.48
CA THR A 47 7.27 3.24 2.43
C THR A 47 6.18 2.60 1.56
N VAL A 48 5.24 3.41 1.09
CA VAL A 48 4.15 2.93 0.25
C VAL A 48 3.89 3.89 -0.91
N GLN A 49 3.64 3.32 -2.09
CA GLN A 49 3.37 4.11 -3.28
C GLN A 49 2.34 3.43 -4.17
N ILE A 50 1.43 4.21 -4.73
CA ILE A 50 0.39 3.69 -5.61
C ILE A 50 0.37 4.43 -6.94
N LEU A 51 0.35 3.68 -8.03
CA LEU A 51 0.32 4.26 -9.37
C LEU A 51 -0.98 3.90 -10.09
N ASP A 52 -1.81 4.91 -10.34
CA ASP A 52 -3.07 4.71 -11.02
C ASP A 52 -2.91 3.72 -12.18
N PRO A 53 -4.04 3.18 -12.66
CA PRO A 53 -4.05 2.23 -13.77
C PRO A 53 -3.68 2.87 -15.11
N GLU A 54 -3.26 4.14 -15.05
CA GLU A 54 -2.88 4.87 -16.25
C GLU A 54 -1.37 5.02 -16.33
N GLY A 55 -0.72 5.12 -15.17
CA GLY A 55 0.72 5.26 -15.13
C GLY A 55 1.15 6.58 -14.50
N LYS A 56 0.42 7.01 -13.48
CA LYS A 56 0.74 8.25 -12.78
C LYS A 56 0.78 8.04 -11.28
N PRO A 57 1.59 8.86 -10.59
CA PRO A 57 1.74 8.78 -9.13
C PRO A 57 0.50 9.25 -8.40
N LYS A 58 0.05 8.45 -7.43
CA LYS A 58 -1.14 8.78 -6.65
C LYS A 58 -0.76 9.25 -5.26
N LYS A 59 -1.76 9.51 -4.43
CA LYS A 59 -1.53 9.97 -3.06
C LYS A 59 -1.94 8.90 -2.06
N ALA A 60 -0.98 8.46 -1.25
CA ALA A 60 -1.24 7.44 -0.24
C ALA A 60 -0.80 7.90 1.14
N ASN A 61 -1.43 7.36 2.18
CA ASN A 61 -1.10 7.73 3.55
C ASN A 61 -0.52 6.54 4.30
N ILE A 62 0.39 6.82 5.23
CA ILE A 62 1.02 5.76 6.02
C ILE A 62 1.00 6.10 7.51
N ARG A 63 0.71 5.11 8.34
CA ARG A 63 0.66 5.30 9.78
C ARG A 63 1.57 4.30 10.49
N ASP A 64 2.06 4.70 11.66
CA ASP A 64 2.94 3.84 12.45
C ASP A 64 2.25 3.40 13.73
N ASN A 65 2.05 2.09 13.88
CA ASN A 65 1.41 1.53 15.07
C ASN A 65 2.41 1.39 16.21
N GLY A 66 3.61 0.92 15.89
CA GLY A 66 4.63 0.73 16.89
C GLY A 66 4.60 -0.65 17.51
N ASP A 67 3.46 -1.32 17.39
CA ASP A 67 3.30 -2.66 17.95
C ASP A 67 3.77 -3.72 16.95
N GLY A 68 4.62 -3.31 16.02
CA GLY A 68 5.13 -4.23 15.03
C GLY A 68 4.22 -4.32 13.81
N THR A 69 3.48 -3.25 13.55
CA THR A 69 2.57 -3.22 12.41
C THR A 69 2.40 -1.80 11.89
N TYR A 70 1.68 -1.66 10.78
CA TYR A 70 1.46 -0.36 10.17
C TYR A 70 0.13 -0.34 9.41
N THR A 71 -0.36 0.86 9.13
CA THR A 71 -1.62 1.03 8.42
C THR A 71 -1.47 2.01 7.26
N VAL A 72 -2.15 1.73 6.15
CA VAL A 72 -2.09 2.60 4.98
C VAL A 72 -3.46 2.73 4.34
N SER A 73 -3.87 3.98 4.08
CA SER A 73 -5.16 4.24 3.47
C SER A 73 -5.00 5.01 2.16
N TYR A 74 -5.90 4.77 1.22
CA TYR A 74 -5.85 5.43 -0.08
C TYR A 74 -7.21 5.40 -0.76
N LEU A 75 -7.35 6.15 -1.85
CA LEU A 75 -8.60 6.20 -2.59
C LEU A 75 -8.35 6.04 -4.09
N PRO A 76 -8.51 4.80 -4.59
CA PRO A 76 -8.32 4.48 -6.00
C PRO A 76 -9.40 5.09 -6.90
N ASP A 77 -9.25 6.38 -7.21
CA ASP A 77 -10.20 7.08 -8.05
C ASP A 77 -10.53 6.26 -9.30
N MET A 78 -9.50 5.96 -10.08
CA MET A 78 -9.67 5.18 -11.30
C MET A 78 -9.76 3.69 -11.00
N SER A 79 -10.24 2.92 -11.96
CA SER A 79 -10.38 1.48 -11.79
C SER A 79 -9.42 0.73 -12.71
N GLY A 80 -8.97 -0.44 -12.25
CA GLY A 80 -8.04 -1.23 -13.04
C GLY A 80 -6.96 -1.88 -12.19
N ARG A 81 -5.82 -2.14 -12.80
CA ARG A 81 -4.70 -2.76 -12.09
C ARG A 81 -3.80 -1.69 -11.46
N TYR A 82 -3.86 -1.59 -10.13
CA TYR A 82 -3.06 -0.61 -9.41
C TYR A 82 -1.69 -1.19 -9.05
N THR A 83 -0.65 -0.37 -9.17
CA THR A 83 0.71 -0.80 -8.86
C THR A 83 1.15 -0.28 -7.49
N ILE A 84 1.07 -1.14 -6.49
CA ILE A 84 1.48 -0.77 -5.13
C ILE A 84 2.93 -1.15 -4.86
N THR A 85 3.79 -0.15 -4.75
CA THR A 85 5.21 -0.39 -4.48
C THR A 85 5.54 -0.13 -3.02
N ILE A 86 5.82 -1.20 -2.29
CA ILE A 86 6.15 -1.10 -0.88
C ILE A 86 7.62 -1.44 -0.63
N LYS A 87 8.35 -0.51 -0.04
CA LYS A 87 9.77 -0.72 0.26
C LYS A 87 10.06 -0.46 1.73
N TYR A 88 10.84 -1.33 2.34
CA TYR A 88 11.21 -1.19 3.75
C TYR A 88 12.68 -0.81 3.90
N GLY A 89 12.93 0.27 4.64
CA GLY A 89 14.30 0.71 4.85
C GLY A 89 15.15 0.59 3.61
N GLY A 90 14.52 0.78 2.45
CA GLY A 90 15.25 0.70 1.19
C GLY A 90 15.32 -0.74 0.68
N ASP A 91 14.27 -1.50 0.90
CA ASP A 91 14.23 -2.89 0.46
C ASP A 91 12.81 -3.29 0.06
N GLU A 92 12.58 -3.41 -1.25
CA GLU A 92 11.27 -3.78 -1.75
C GLU A 92 10.90 -5.20 -1.35
N ILE A 93 9.75 -5.34 -0.71
CA ILE A 93 9.28 -6.65 -0.26
C ILE A 93 9.21 -7.64 -1.42
N PRO A 94 9.37 -8.94 -1.10
CA PRO A 94 9.34 -10.01 -2.11
C PRO A 94 7.95 -10.22 -2.68
N TYR A 95 7.00 -9.41 -2.23
CA TYR A 95 5.61 -9.51 -2.69
C TYR A 95 5.27 -8.36 -3.63
N SER A 96 6.13 -7.35 -3.65
CA SER A 96 5.92 -6.19 -4.50
C SER A 96 6.67 -6.32 -5.82
N PRO A 97 6.17 -5.66 -6.87
CA PRO A 97 4.96 -4.83 -6.77
C PRO A 97 3.70 -5.68 -6.58
N PHE A 98 2.77 -5.17 -5.77
CA PHE A 98 1.53 -5.88 -5.51
C PHE A 98 0.49 -5.58 -6.58
N ARG A 99 0.19 -6.57 -7.40
CA ARG A 99 -0.80 -6.41 -8.48
C ARG A 99 -2.21 -6.50 -7.93
N ILE A 100 -2.88 -5.36 -7.83
CA ILE A 100 -4.25 -5.32 -7.32
C ILE A 100 -5.21 -4.82 -8.40
N HIS A 101 -6.42 -5.39 -8.42
CA HIS A 101 -7.43 -5.01 -9.40
C HIS A 101 -8.54 -4.20 -8.73
N ALA A 102 -9.00 -3.16 -9.43
CA ALA A 102 -10.06 -2.31 -8.90
C ALA A 102 -11.31 -2.39 -9.77
N LEU A 103 -12.39 -2.91 -9.20
CA LEU A 103 -13.65 -3.03 -9.93
C LEU A 103 -14.52 -1.80 -9.76
N PRO A 104 -15.22 -1.41 -10.83
CA PRO A 104 -16.10 -0.23 -10.83
C PRO A 104 -17.34 -0.44 -9.97
N THR A 105 -17.41 0.30 -8.86
CA THR A 105 -18.55 0.20 -7.95
C THR A 105 -19.41 1.46 -8.00
N GLY A 106 -20.72 1.28 -8.09
CA GLY A 106 -21.63 2.40 -8.14
C GLY A 106 -22.66 2.28 -9.23
N ASP A 107 -23.59 3.22 -9.29
CA ASP A 107 -24.64 3.21 -10.30
C ASP A 107 -24.74 4.56 -11.00
N ALA A 108 -24.87 5.62 -10.20
CA ALA A 108 -24.97 6.97 -10.73
C ALA A 108 -23.74 7.80 -10.39
N SER A 109 -22.57 7.18 -10.50
CA SER A 109 -21.31 7.85 -10.19
C SER A 109 -21.33 8.40 -8.77
N SER A 110 -21.93 7.64 -7.85
CA SER A 110 -22.01 8.06 -6.45
C SER A 110 -20.62 8.21 -5.85
N GLY A 111 -19.80 7.17 -5.99
CA GLY A 111 -18.46 7.22 -5.47
C GLY A 111 -18.43 7.32 -3.95
N PRO A 112 -17.31 7.81 -3.40
CA PRO A 112 -17.14 7.97 -1.95
C PRO A 112 -18.02 9.08 -1.39
N SER A 113 -18.27 10.10 -2.20
CA SER A 113 -19.10 11.23 -1.78
C SER A 113 -18.79 11.62 -0.33
N SER A 114 -17.51 11.69 -0.01
CA SER A 114 -17.08 12.04 1.34
C SER A 114 -16.33 13.38 1.34
N GLY A 115 -16.20 13.98 2.51
CA GLY A 115 -15.51 15.24 2.62
C GLY A 115 -15.58 15.83 4.02
N GLY A 1 24.74 12.06 15.24
CA GLY A 1 23.70 11.10 15.60
C GLY A 1 23.64 9.93 14.64
N SER A 2 23.62 10.23 13.35
CA SER A 2 23.56 9.20 12.31
C SER A 2 24.49 8.04 12.65
N SER A 3 23.92 6.83 12.73
CA SER A 3 24.70 5.65 13.05
C SER A 3 25.73 5.36 11.96
N GLY A 4 26.93 4.99 12.37
CA GLY A 4 27.99 4.69 11.41
C GLY A 4 27.48 3.91 10.21
N SER A 5 27.16 2.65 10.43
CA SER A 5 26.67 1.79 9.35
C SER A 5 25.39 1.06 9.77
N SER A 6 24.28 1.42 9.15
CA SER A 6 23.00 0.81 9.46
C SER A 6 22.38 0.16 8.22
N GLY A 7 21.92 -1.07 8.38
CA GLY A 7 21.31 -1.79 7.27
C GLY A 7 20.92 -3.20 7.63
N ALA A 8 20.17 -3.35 8.71
CA ALA A 8 19.73 -4.66 9.16
C ALA A 8 18.20 -4.76 9.17
N HIS A 9 17.63 -5.04 8.02
CA HIS A 9 16.17 -5.16 7.90
C HIS A 9 15.79 -6.27 6.91
N ASP A 10 14.67 -6.92 7.17
CA ASP A 10 14.20 -8.01 6.30
C ASP A 10 12.76 -7.76 5.87
N ALA A 11 12.60 -7.23 4.66
CA ALA A 11 11.28 -6.95 4.11
C ALA A 11 10.46 -8.22 3.97
N SER A 12 11.15 -9.35 3.79
CA SER A 12 10.48 -10.64 3.65
C SER A 12 9.68 -10.99 4.90
N LYS A 13 9.98 -10.30 5.99
CA LYS A 13 9.30 -10.53 7.26
C LYS A 13 8.08 -9.62 7.39
N VAL A 14 7.71 -8.98 6.29
CA VAL A 14 6.56 -8.08 6.28
C VAL A 14 5.31 -8.79 5.75
N ARG A 15 4.26 -8.79 6.57
CA ARG A 15 3.00 -9.43 6.18
C ARG A 15 2.02 -8.40 5.63
N ALA A 16 1.52 -8.67 4.43
CA ALA A 16 0.55 -7.76 3.79
C ALA A 16 -0.82 -8.41 3.68
N SER A 17 -1.80 -7.80 4.33
CA SER A 17 -3.17 -8.33 4.30
C SER A 17 -4.18 -7.21 4.53
N GLY A 18 -5.38 -7.40 3.99
CA GLY A 18 -6.43 -6.40 4.14
C GLY A 18 -7.18 -6.16 2.85
N PRO A 19 -8.14 -5.22 2.89
CA PRO A 19 -8.95 -4.87 1.73
C PRO A 19 -8.16 -4.12 0.66
N GLY A 20 -7.34 -3.18 1.11
CA GLY A 20 -6.53 -2.40 0.18
C GLY A 20 -5.61 -3.28 -0.66
N LEU A 21 -5.21 -4.42 -0.10
CA LEU A 21 -4.33 -5.35 -0.80
C LEU A 21 -5.11 -6.55 -1.31
N ASN A 22 -6.37 -6.35 -1.63
CA ASN A 22 -7.22 -7.43 -2.13
C ASN A 22 -6.79 -7.86 -3.52
N ALA A 23 -6.50 -9.16 -3.66
CA ALA A 23 -6.07 -9.69 -4.95
C ALA A 23 -7.28 -10.07 -5.81
N SER A 24 -8.40 -10.34 -5.16
CA SER A 24 -9.63 -10.72 -5.87
C SER A 24 -10.25 -9.51 -6.55
N GLY A 25 -9.95 -8.32 -6.04
CA GLY A 25 -10.48 -7.10 -6.62
C GLY A 25 -11.02 -6.16 -5.57
N ILE A 26 -10.65 -4.88 -5.67
CA ILE A 26 -11.11 -3.87 -4.72
C ILE A 26 -12.08 -2.90 -5.38
N PRO A 27 -13.10 -2.48 -4.61
CA PRO A 27 -14.11 -1.55 -5.10
C PRO A 27 -13.57 -0.14 -5.31
N ALA A 28 -13.49 0.30 -6.56
CA ALA A 28 -12.98 1.62 -6.89
C ALA A 28 -13.90 2.71 -6.37
N SER A 29 -13.42 3.95 -6.38
CA SER A 29 -14.21 5.08 -5.91
C SER A 29 -14.57 4.91 -4.44
N LEU A 30 -13.66 4.33 -3.68
CA LEU A 30 -13.88 4.10 -2.25
C LEU A 30 -12.55 4.05 -1.49
N PRO A 31 -12.54 4.68 -0.31
CA PRO A 31 -11.35 4.72 0.54
C PRO A 31 -11.00 3.36 1.14
N VAL A 32 -9.93 2.75 0.64
CA VAL A 32 -9.49 1.45 1.12
C VAL A 32 -8.14 1.54 1.82
N GLU A 33 -7.98 0.77 2.90
CA GLU A 33 -6.73 0.77 3.65
C GLU A 33 -6.39 -0.65 4.12
N PHE A 34 -5.11 -1.00 4.00
CA PHE A 34 -4.65 -2.33 4.42
C PHE A 34 -3.84 -2.24 5.71
N THR A 35 -3.28 -3.37 6.13
CA THR A 35 -2.48 -3.42 7.34
C THR A 35 -1.20 -4.22 7.12
N ILE A 36 -0.06 -3.59 7.38
CA ILE A 36 1.23 -4.26 7.20
C ILE A 36 1.79 -4.70 8.55
N ASP A 37 1.47 -5.94 8.94
CA ASP A 37 1.95 -6.49 10.20
C ASP A 37 3.38 -6.98 10.06
N ALA A 38 4.34 -6.15 10.48
CA ALA A 38 5.74 -6.50 10.41
C ALA A 38 6.44 -6.30 11.76
N ARG A 39 6.93 -7.39 12.33
CA ARG A 39 7.62 -7.33 13.62
C ARG A 39 9.12 -7.21 13.43
N ASP A 40 9.72 -8.17 12.73
CA ASP A 40 11.15 -8.17 12.48
C ASP A 40 11.46 -7.60 11.09
N ALA A 41 10.62 -6.69 10.64
CA ALA A 41 10.81 -6.06 9.32
C ALA A 41 12.12 -5.30 9.26
N GLY A 42 12.66 -4.95 10.42
CA GLY A 42 13.91 -4.21 10.47
C GLY A 42 13.75 -2.82 11.02
N GLU A 43 14.85 -2.10 11.15
CA GLU A 43 14.83 -0.73 11.67
C GLU A 43 14.85 0.29 10.53
N GLY A 44 13.70 0.91 10.27
CA GLY A 44 13.62 1.89 9.21
C GLY A 44 12.23 2.52 9.12
N LEU A 45 11.89 3.00 7.93
CA LEU A 45 10.59 3.63 7.71
C LEU A 45 9.88 2.99 6.53
N LEU A 46 8.66 2.51 6.76
CA LEU A 46 7.86 1.88 5.71
C LEU A 46 7.47 2.89 4.64
N THR A 47 7.52 2.46 3.38
CA THR A 47 7.17 3.33 2.27
C THR A 47 6.16 2.66 1.34
N VAL A 48 5.16 3.42 0.90
CA VAL A 48 4.13 2.90 0.02
C VAL A 48 3.86 3.87 -1.14
N GLN A 49 3.65 3.31 -2.32
CA GLN A 49 3.38 4.11 -3.50
C GLN A 49 2.35 3.44 -4.41
N ILE A 50 1.41 4.22 -4.92
CA ILE A 50 0.37 3.70 -5.80
C ILE A 50 0.35 4.44 -7.14
N LEU A 51 0.39 3.67 -8.23
CA LEU A 51 0.37 4.25 -9.56
C LEU A 51 -0.92 3.91 -10.29
N ASP A 52 -1.76 4.92 -10.52
CA ASP A 52 -3.03 4.72 -11.22
C ASP A 52 -2.86 3.80 -12.42
N PRO A 53 -3.97 3.27 -12.92
CA PRO A 53 -3.97 2.36 -14.07
C PRO A 53 -3.62 3.08 -15.37
N GLU A 54 -3.23 4.35 -15.25
CA GLU A 54 -2.87 5.14 -16.42
C GLU A 54 -1.35 5.32 -16.50
N GLY A 55 -0.70 5.32 -15.35
CA GLY A 55 0.74 5.48 -15.32
C GLY A 55 1.16 6.76 -14.63
N LYS A 56 0.45 7.13 -13.56
CA LYS A 56 0.76 8.34 -12.82
C LYS A 56 0.75 8.06 -11.31
N PRO A 57 1.55 8.84 -10.57
CA PRO A 57 1.66 8.71 -9.11
C PRO A 57 0.39 9.14 -8.40
N LYS A 58 -0.02 8.37 -7.39
CA LYS A 58 -1.21 8.68 -6.62
C LYS A 58 -0.85 9.19 -5.23
N LYS A 59 -1.87 9.42 -4.40
CA LYS A 59 -1.66 9.91 -3.05
C LYS A 59 -2.11 8.87 -2.02
N ALA A 60 -1.17 8.42 -1.19
CA ALA A 60 -1.48 7.43 -0.17
C ALA A 60 -1.01 7.90 1.20
N ASN A 61 -1.53 7.28 2.25
CA ASN A 61 -1.17 7.64 3.61
C ASN A 61 -0.58 6.44 4.36
N ILE A 62 0.43 6.70 5.17
CA ILE A 62 1.09 5.64 5.93
C ILE A 62 1.10 5.97 7.42
N ARG A 63 0.90 4.95 8.25
CA ARG A 63 0.89 5.12 9.69
C ARG A 63 1.68 4.02 10.39
N ASP A 64 2.38 4.37 11.46
CA ASP A 64 3.18 3.41 12.21
C ASP A 64 2.57 3.16 13.58
N ASN A 65 2.25 1.90 13.86
CA ASN A 65 1.67 1.52 15.14
C ASN A 65 2.71 1.54 16.25
N GLY A 66 3.88 0.96 15.97
CA GLY A 66 4.95 0.93 16.95
C GLY A 66 5.04 -0.41 17.67
N ASP A 67 3.94 -1.16 17.64
CA ASP A 67 3.90 -2.46 18.29
C ASP A 67 4.47 -3.55 17.39
N GLY A 68 4.61 -3.22 16.10
CA GLY A 68 5.14 -4.17 15.15
C GLY A 68 4.29 -4.29 13.90
N THR A 69 3.50 -3.25 13.62
CA THR A 69 2.63 -3.25 12.45
C THR A 69 2.48 -1.84 11.88
N TYR A 70 1.76 -1.73 10.77
CA TYR A 70 1.54 -0.45 10.13
C TYR A 70 0.19 -0.42 9.42
N THR A 71 -0.28 0.79 9.11
CA THR A 71 -1.56 0.95 8.43
C THR A 71 -1.43 1.91 7.25
N VAL A 72 -2.03 1.52 6.12
CA VAL A 72 -1.98 2.35 4.92
C VAL A 72 -3.38 2.51 4.31
N SER A 73 -3.73 3.76 3.99
CA SER A 73 -5.03 4.06 3.42
C SER A 73 -4.88 4.84 2.11
N TYR A 74 -5.78 4.57 1.17
CA TYR A 74 -5.74 5.24 -0.12
C TYR A 74 -7.11 5.19 -0.80
N LEU A 75 -7.33 6.10 -1.75
CA LEU A 75 -8.59 6.15 -2.48
C LEU A 75 -8.36 6.05 -3.98
N PRO A 76 -8.51 4.84 -4.52
CA PRO A 76 -8.31 4.57 -5.96
C PRO A 76 -9.42 5.20 -6.81
N ASP A 77 -9.26 6.48 -7.13
CA ASP A 77 -10.24 7.18 -7.95
C ASP A 77 -10.51 6.44 -9.25
N MET A 78 -9.45 6.18 -10.00
CA MET A 78 -9.57 5.48 -11.27
C MET A 78 -9.79 3.99 -11.05
N SER A 79 -10.22 3.28 -12.10
CA SER A 79 -10.47 1.86 -12.01
C SER A 79 -9.52 1.08 -12.92
N GLY A 80 -9.02 -0.05 -12.42
CA GLY A 80 -8.11 -0.86 -13.20
C GLY A 80 -7.04 -1.51 -12.36
N ARG A 81 -6.02 -2.05 -13.00
CA ARG A 81 -4.92 -2.71 -12.30
C ARG A 81 -3.94 -1.68 -11.72
N TYR A 82 -3.97 -1.53 -10.40
CA TYR A 82 -3.09 -0.58 -9.74
C TYR A 82 -1.76 -1.22 -9.36
N THR A 83 -0.72 -0.41 -9.28
CA THR A 83 0.61 -0.90 -8.94
C THR A 83 1.07 -0.35 -7.60
N ILE A 84 0.96 -1.18 -6.56
CA ILE A 84 1.38 -0.77 -5.21
C ILE A 84 2.80 -1.20 -4.92
N THR A 85 3.68 -0.23 -4.72
CA THR A 85 5.09 -0.52 -4.43
C THR A 85 5.40 -0.28 -2.96
N ILE A 86 5.57 -1.36 -2.21
CA ILE A 86 5.87 -1.28 -0.80
C ILE A 86 7.34 -1.59 -0.52
N LYS A 87 8.06 -0.63 0.05
CA LYS A 87 9.47 -0.80 0.35
C LYS A 87 9.74 -0.49 1.82
N TYR A 88 10.56 -1.33 2.46
CA TYR A 88 10.90 -1.13 3.87
C TYR A 88 12.35 -0.68 4.01
N GLY A 89 12.54 0.45 4.68
CA GLY A 89 13.88 0.98 4.88
C GLY A 89 14.78 0.73 3.69
N GLY A 90 14.20 0.75 2.49
CA GLY A 90 14.97 0.52 1.29
C GLY A 90 15.05 -0.94 0.91
N ASP A 91 13.94 -1.65 1.09
CA ASP A 91 13.89 -3.08 0.76
C ASP A 91 12.50 -3.46 0.25
N GLU A 92 12.39 -3.68 -1.06
CA GLU A 92 11.13 -4.05 -1.67
C GLU A 92 10.69 -5.44 -1.21
N ILE A 93 9.50 -5.52 -0.64
CA ILE A 93 8.96 -6.78 -0.15
C ILE A 93 8.88 -7.81 -1.27
N PRO A 94 8.99 -9.10 -0.91
CA PRO A 94 8.93 -10.21 -1.86
C PRO A 94 7.55 -10.38 -2.47
N TYR A 95 6.63 -9.49 -2.09
CA TYR A 95 5.26 -9.55 -2.60
C TYR A 95 4.98 -8.40 -3.56
N SER A 96 5.89 -7.44 -3.59
CA SER A 96 5.74 -6.28 -4.46
C SER A 96 6.51 -6.48 -5.77
N PRO A 97 6.05 -5.81 -6.84
CA PRO A 97 4.87 -4.93 -6.78
C PRO A 97 3.58 -5.72 -6.58
N PHE A 98 2.66 -5.15 -5.82
CA PHE A 98 1.38 -5.79 -5.54
C PHE A 98 0.38 -5.50 -6.66
N ARG A 99 0.01 -6.53 -7.40
CA ARG A 99 -0.95 -6.38 -8.50
C ARG A 99 -2.39 -6.39 -7.98
N ILE A 100 -2.99 -5.22 -7.91
CA ILE A 100 -4.37 -5.09 -7.43
C ILE A 100 -5.30 -4.63 -8.54
N HIS A 101 -6.49 -5.22 -8.61
CA HIS A 101 -7.47 -4.86 -9.62
C HIS A 101 -8.65 -4.12 -8.99
N ALA A 102 -8.92 -2.91 -9.48
CA ALA A 102 -10.02 -2.12 -8.97
C ALA A 102 -11.24 -2.22 -9.88
N LEU A 103 -12.32 -2.77 -9.34
CA LEU A 103 -13.57 -2.93 -10.09
C LEU A 103 -14.46 -1.71 -9.95
N PRO A 104 -15.11 -1.32 -11.06
CA PRO A 104 -16.01 -0.16 -11.08
C PRO A 104 -17.29 -0.40 -10.29
N THR A 105 -17.31 0.06 -9.05
CA THR A 105 -18.48 -0.10 -8.19
C THR A 105 -19.58 0.88 -8.57
N GLY A 106 -19.21 2.14 -8.72
CA GLY A 106 -20.18 3.17 -9.08
C GLY A 106 -21.23 3.36 -8.00
N ASP A 107 -22.38 2.70 -8.17
CA ASP A 107 -23.46 2.80 -7.22
C ASP A 107 -22.93 2.73 -5.78
N ALA A 108 -23.36 3.67 -4.95
CA ALA A 108 -22.94 3.71 -3.56
C ALA A 108 -21.46 4.08 -3.45
N SER A 109 -21.00 4.94 -4.34
CA SER A 109 -19.61 5.37 -4.35
C SER A 109 -19.27 6.14 -3.08
N SER A 110 -19.99 7.24 -2.86
CA SER A 110 -19.76 8.07 -1.68
C SER A 110 -18.27 8.32 -1.46
N GLY A 111 -17.56 8.62 -2.54
CA GLY A 111 -16.14 8.87 -2.46
C GLY A 111 -15.71 10.05 -3.30
N PRO A 112 -15.24 9.76 -4.53
CA PRO A 112 -14.78 10.80 -5.47
C PRO A 112 -15.93 11.64 -6.00
N SER A 113 -17.15 11.28 -5.62
CA SER A 113 -18.34 12.02 -6.06
C SER A 113 -18.23 13.49 -5.69
N SER A 114 -18.78 14.35 -6.54
CA SER A 114 -18.75 15.78 -6.32
C SER A 114 -19.59 16.16 -5.10
N GLY A 115 -19.20 17.23 -4.42
CA GLY A 115 -19.92 17.68 -3.24
C GLY A 115 -20.37 16.52 -2.36
N GLY A 1 19.65 13.49 6.89
CA GLY A 1 20.89 12.73 6.80
C GLY A 1 20.67 11.25 7.07
N SER A 2 21.77 10.51 7.24
CA SER A 2 21.70 9.08 7.50
C SER A 2 22.69 8.67 8.58
N SER A 3 22.33 7.65 9.35
CA SER A 3 23.20 7.16 10.43
C SER A 3 24.62 6.92 9.91
N GLY A 4 24.73 6.24 8.78
CA GLY A 4 26.03 5.95 8.20
C GLY A 4 26.16 4.51 7.74
N SER A 5 26.53 3.63 8.65
CA SER A 5 26.70 2.22 8.33
C SER A 5 25.68 1.37 9.08
N SER A 6 24.50 1.20 8.49
CA SER A 6 23.44 0.42 9.10
C SER A 6 22.42 -0.03 8.06
N GLY A 7 22.14 -1.34 8.03
CA GLY A 7 21.18 -1.87 7.08
C GLY A 7 20.67 -3.23 7.48
N ALA A 8 20.20 -3.36 8.71
CA ALA A 8 19.67 -4.62 9.20
C ALA A 8 18.15 -4.65 9.15
N HIS A 9 17.62 -4.90 7.96
CA HIS A 9 16.17 -4.96 7.78
C HIS A 9 15.80 -6.00 6.73
N ASP A 10 14.73 -6.75 7.00
CA ASP A 10 14.27 -7.78 6.07
C ASP A 10 12.83 -7.52 5.65
N ALA A 11 12.65 -6.85 4.51
CA ALA A 11 11.33 -6.53 4.00
C ALA A 11 10.50 -7.81 3.81
N SER A 12 11.19 -8.92 3.57
CA SER A 12 10.52 -10.20 3.37
C SER A 12 9.73 -10.61 4.61
N LYS A 13 10.12 -10.06 5.76
CA LYS A 13 9.47 -10.36 7.02
C LYS A 13 8.24 -9.47 7.23
N VAL A 14 7.76 -8.88 6.13
CA VAL A 14 6.60 -8.01 6.18
C VAL A 14 5.35 -8.71 5.64
N ARG A 15 4.28 -8.68 6.42
CA ARG A 15 3.03 -9.31 6.02
C ARG A 15 2.02 -8.28 5.50
N ALA A 16 1.42 -8.56 4.36
CA ALA A 16 0.44 -7.66 3.77
C ALA A 16 -0.94 -8.29 3.72
N SER A 17 -1.89 -7.71 4.45
CA SER A 17 -3.25 -8.22 4.50
C SER A 17 -4.26 -7.09 4.68
N GLY A 18 -5.49 -7.32 4.25
CA GLY A 18 -6.52 -6.30 4.38
C GLY A 18 -7.32 -6.14 3.10
N PRO A 19 -8.25 -5.16 3.10
CA PRO A 19 -9.10 -4.88 1.95
C PRO A 19 -8.32 -4.27 0.78
N GLY A 20 -7.44 -3.33 1.10
CA GLY A 20 -6.64 -2.67 0.08
C GLY A 20 -5.79 -3.66 -0.69
N LEU A 21 -5.52 -4.81 -0.09
CA LEU A 21 -4.70 -5.83 -0.73
C LEU A 21 -5.56 -6.99 -1.21
N ASN A 22 -6.80 -6.69 -1.59
CA ASN A 22 -7.72 -7.70 -2.08
C ASN A 22 -7.34 -8.17 -3.48
N ALA A 23 -7.03 -9.45 -3.61
CA ALA A 23 -6.65 -10.03 -4.89
C ALA A 23 -7.88 -10.27 -5.77
N SER A 24 -9.03 -10.42 -5.13
CA SER A 24 -10.27 -10.67 -5.86
C SER A 24 -10.76 -9.39 -6.54
N GLY A 25 -10.34 -8.24 -6.02
CA GLY A 25 -10.73 -6.97 -6.60
C GLY A 25 -11.42 -6.07 -5.58
N ILE A 26 -11.00 -4.81 -5.55
CA ILE A 26 -11.57 -3.85 -4.61
C ILE A 26 -12.47 -2.85 -5.35
N PRO A 27 -13.54 -2.42 -4.67
CA PRO A 27 -14.50 -1.46 -5.23
C PRO A 27 -13.90 -0.07 -5.37
N ALA A 28 -13.62 0.33 -6.61
CA ALA A 28 -13.06 1.65 -6.87
C ALA A 28 -13.95 2.76 -6.32
N SER A 29 -13.44 3.98 -6.31
CA SER A 29 -14.19 5.12 -5.81
C SER A 29 -14.55 4.93 -4.34
N LEU A 30 -13.59 4.41 -3.56
CA LEU A 30 -13.82 4.17 -2.15
C LEU A 30 -12.49 4.13 -1.39
N PRO A 31 -12.45 4.76 -0.21
CA PRO A 31 -11.26 4.80 0.64
C PRO A 31 -10.93 3.44 1.24
N VAL A 32 -9.90 2.79 0.70
CA VAL A 32 -9.48 1.48 1.19
C VAL A 32 -8.13 1.56 1.88
N GLU A 33 -7.97 0.79 2.96
CA GLU A 33 -6.72 0.78 3.71
C GLU A 33 -6.37 -0.64 4.15
N PHE A 34 -5.10 -0.99 4.03
CA PHE A 34 -4.62 -2.32 4.41
C PHE A 34 -3.81 -2.25 5.70
N THR A 35 -3.25 -3.40 6.09
CA THR A 35 -2.43 -3.47 7.30
C THR A 35 -1.14 -4.23 7.05
N ILE A 36 -0.01 -3.60 7.35
CA ILE A 36 1.29 -4.22 7.16
C ILE A 36 1.91 -4.63 8.49
N ASP A 37 1.57 -5.85 8.93
CA ASP A 37 2.10 -6.36 10.20
C ASP A 37 3.52 -6.89 10.02
N ALA A 38 4.50 -6.07 10.42
CA ALA A 38 5.90 -6.45 10.31
C ALA A 38 6.62 -6.26 11.63
N ARG A 39 7.12 -7.37 12.19
CA ARG A 39 7.83 -7.33 13.46
C ARG A 39 9.34 -7.22 13.24
N ASP A 40 9.89 -8.19 12.51
CA ASP A 40 11.33 -8.21 12.22
C ASP A 40 11.61 -7.63 10.84
N ALA A 41 10.80 -6.64 10.45
CA ALA A 41 10.97 -6.00 9.15
C ALA A 41 12.24 -5.15 9.12
N GLY A 42 12.73 -4.79 10.29
CA GLY A 42 13.93 -3.98 10.37
C GLY A 42 13.72 -2.70 11.16
N GLU A 43 14.81 -2.00 11.45
CA GLU A 43 14.73 -0.75 12.20
C GLU A 43 14.74 0.46 11.26
N GLY A 44 13.82 0.46 10.31
CA GLY A 44 13.73 1.56 9.36
C GLY A 44 12.33 2.14 9.27
N LEU A 45 12.01 2.71 8.11
CA LEU A 45 10.70 3.30 7.88
C LEU A 45 10.00 2.66 6.69
N LEU A 46 8.72 2.39 6.83
CA LEU A 46 7.93 1.77 5.76
C LEU A 46 7.46 2.83 4.76
N THR A 47 7.44 2.46 3.48
CA THR A 47 7.00 3.37 2.44
C THR A 47 6.01 2.70 1.49
N VAL A 48 5.06 3.47 0.99
CA VAL A 48 4.05 2.94 0.08
C VAL A 48 3.86 3.86 -1.12
N GLN A 49 3.67 3.26 -2.30
CA GLN A 49 3.48 4.03 -3.52
C GLN A 49 2.46 3.36 -4.43
N ILE A 50 1.50 4.14 -4.92
CA ILE A 50 0.46 3.62 -5.80
C ILE A 50 0.47 4.35 -7.14
N LEU A 51 0.47 3.57 -8.22
CA LEU A 51 0.48 4.14 -9.57
C LEU A 51 -0.82 3.82 -10.30
N ASP A 52 -1.62 4.85 -10.55
CA ASP A 52 -2.90 4.69 -11.24
C ASP A 52 -2.75 3.73 -12.43
N PRO A 53 -3.88 3.22 -12.92
CA PRO A 53 -3.90 2.30 -14.06
C PRO A 53 -3.52 2.98 -15.37
N GLU A 54 -3.11 4.24 -15.27
CA GLU A 54 -2.72 5.01 -16.46
C GLU A 54 -1.20 5.15 -16.53
N GLY A 55 -0.55 5.16 -15.38
CA GLY A 55 0.89 5.29 -15.34
C GLY A 55 1.34 6.57 -14.67
N LYS A 56 0.64 6.96 -13.61
CA LYS A 56 0.97 8.18 -12.87
C LYS A 56 0.98 7.92 -11.37
N PRO A 57 1.78 8.72 -10.64
CA PRO A 57 1.89 8.59 -9.18
C PRO A 57 0.63 9.03 -8.46
N LYS A 58 0.25 8.28 -7.43
CA LYS A 58 -0.94 8.60 -6.65
C LYS A 58 -0.57 9.11 -5.26
N LYS A 59 -1.58 9.38 -4.44
CA LYS A 59 -1.35 9.87 -3.09
C LYS A 59 -1.82 8.85 -2.05
N ALA A 60 -0.88 8.34 -1.26
CA ALA A 60 -1.19 7.36 -0.23
C ALA A 60 -0.74 7.85 1.15
N ASN A 61 -1.34 7.28 2.19
CA ASN A 61 -1.00 7.66 3.56
C ASN A 61 -0.43 6.47 4.33
N ILE A 62 0.44 6.74 5.28
CA ILE A 62 1.06 5.70 6.09
C ILE A 62 1.07 6.07 7.57
N ARG A 63 0.71 5.12 8.41
CA ARG A 63 0.67 5.35 9.86
C ARG A 63 1.54 4.33 10.59
N ASP A 64 2.01 4.71 11.77
CA ASP A 64 2.85 3.84 12.58
C ASP A 64 2.11 3.34 13.81
N ASN A 65 2.00 2.02 13.94
CA ASN A 65 1.31 1.42 15.07
C ASN A 65 2.25 1.24 16.26
N GLY A 66 3.47 0.79 15.98
CA GLY A 66 4.44 0.59 17.03
C GLY A 66 4.45 -0.84 17.56
N ASP A 67 3.34 -1.54 17.39
CA ASP A 67 3.22 -2.92 17.84
C ASP A 67 3.77 -3.88 16.79
N GLY A 68 4.70 -3.40 15.99
CA GLY A 68 5.29 -4.24 14.95
C GLY A 68 4.42 -4.32 13.71
N THR A 69 3.61 -3.30 13.49
CA THR A 69 2.72 -3.26 12.33
C THR A 69 2.52 -1.84 11.84
N TYR A 70 1.83 -1.70 10.72
CA TYR A 70 1.57 -0.38 10.13
C TYR A 70 0.21 -0.35 9.43
N THR A 71 -0.29 0.85 9.18
CA THR A 71 -1.58 1.02 8.51
C THR A 71 -1.46 1.96 7.32
N VAL A 72 -2.03 1.56 6.20
CA VAL A 72 -1.99 2.37 4.98
C VAL A 72 -3.39 2.54 4.39
N SER A 73 -3.71 3.77 4.00
CA SER A 73 -5.01 4.07 3.42
C SER A 73 -4.87 4.85 2.12
N TYR A 74 -5.75 4.58 1.16
CA TYR A 74 -5.72 5.25 -0.13
C TYR A 74 -7.09 5.23 -0.79
N LEU A 75 -7.26 6.07 -1.80
CA LEU A 75 -8.52 6.15 -2.53
C LEU A 75 -8.30 6.04 -4.03
N PRO A 76 -8.48 4.83 -4.58
CA PRO A 76 -8.30 4.58 -6.00
C PRO A 76 -9.39 5.21 -6.85
N ASP A 77 -9.18 6.48 -7.22
CA ASP A 77 -10.16 7.21 -8.04
C ASP A 77 -10.48 6.44 -9.31
N MET A 78 -9.45 6.13 -10.09
CA MET A 78 -9.62 5.41 -11.34
C MET A 78 -9.75 3.91 -11.09
N SER A 79 -10.18 3.17 -12.10
CA SER A 79 -10.34 1.72 -11.99
C SER A 79 -9.34 0.99 -12.88
N GLY A 80 -8.93 -0.19 -12.44
CA GLY A 80 -7.98 -0.98 -13.21
C GLY A 80 -6.91 -1.60 -12.35
N ARG A 81 -5.86 -2.11 -12.98
CA ARG A 81 -4.76 -2.74 -12.25
C ARG A 81 -3.84 -1.68 -11.63
N TYR A 82 -3.90 -1.56 -10.31
CA TYR A 82 -3.08 -0.60 -9.60
C TYR A 82 -1.76 -1.21 -9.15
N THR A 83 -0.69 -0.45 -9.25
CA THR A 83 0.64 -0.92 -8.86
C THR A 83 1.03 -0.38 -7.50
N ILE A 84 0.99 -1.23 -6.49
CA ILE A 84 1.35 -0.84 -5.12
C ILE A 84 2.77 -1.28 -4.79
N THR A 85 3.70 -0.32 -4.80
CA THR A 85 5.09 -0.59 -4.49
C THR A 85 5.39 -0.32 -3.02
N ILE A 86 5.72 -1.37 -2.27
CA ILE A 86 6.04 -1.25 -0.87
C ILE A 86 7.51 -1.51 -0.61
N LYS A 87 8.18 -0.53 -0.01
CA LYS A 87 9.61 -0.65 0.30
C LYS A 87 9.87 -0.38 1.77
N TYR A 88 10.64 -1.25 2.41
CA TYR A 88 10.96 -1.10 3.82
C TYR A 88 12.41 -0.66 4.01
N GLY A 89 12.60 0.41 4.77
CA GLY A 89 13.94 0.92 5.01
C GLY A 89 14.84 0.78 3.80
N GLY A 90 14.25 0.84 2.61
CA GLY A 90 15.03 0.71 1.39
C GLY A 90 15.15 -0.72 0.94
N ASP A 91 14.07 -1.49 1.08
CA ASP A 91 14.06 -2.88 0.68
C ASP A 91 12.68 -3.29 0.16
N GLU A 92 12.58 -3.53 -1.14
CA GLU A 92 11.32 -3.93 -1.75
C GLU A 92 10.92 -5.33 -1.31
N ILE A 93 9.72 -5.46 -0.78
CA ILE A 93 9.22 -6.75 -0.31
C ILE A 93 9.13 -7.74 -1.46
N PRO A 94 9.27 -9.04 -1.13
CA PRO A 94 9.21 -10.12 -2.13
C PRO A 94 7.81 -10.32 -2.69
N TYR A 95 6.88 -9.47 -2.24
CA TYR A 95 5.49 -9.57 -2.71
C TYR A 95 5.15 -8.40 -3.62
N SER A 96 6.05 -7.41 -3.68
CA SER A 96 5.85 -6.24 -4.52
C SER A 96 6.58 -6.38 -5.84
N PRO A 97 6.06 -5.70 -6.88
CA PRO A 97 4.87 -4.86 -6.76
C PRO A 97 3.61 -5.68 -6.55
N PHE A 98 2.70 -5.16 -5.73
CA PHE A 98 1.44 -5.85 -5.44
C PHE A 98 0.39 -5.52 -6.50
N ARG A 99 0.01 -6.53 -7.27
CA ARG A 99 -0.98 -6.36 -8.32
C ARG A 99 -2.40 -6.40 -7.74
N ILE A 100 -3.07 -5.26 -7.77
CA ILE A 100 -4.44 -5.17 -7.26
C ILE A 100 -5.39 -4.62 -8.31
N HIS A 101 -6.51 -5.30 -8.50
CA HIS A 101 -7.50 -4.89 -9.48
C HIS A 101 -8.64 -4.14 -8.80
N ALA A 102 -9.08 -3.05 -9.44
CA ALA A 102 -10.17 -2.24 -8.89
C ALA A 102 -11.39 -2.28 -9.80
N LEU A 103 -12.49 -2.81 -9.27
CA LEU A 103 -13.73 -2.91 -10.04
C LEU A 103 -14.56 -1.64 -9.90
N PRO A 104 -15.13 -1.18 -11.03
CA PRO A 104 -15.96 0.03 -11.07
C PRO A 104 -17.29 -0.16 -10.35
N THR A 105 -17.47 0.54 -9.23
CA THR A 105 -18.69 0.45 -8.45
C THR A 105 -19.89 0.97 -9.25
N GLY A 106 -20.89 0.11 -9.43
CA GLY A 106 -22.07 0.50 -10.17
C GLY A 106 -23.04 1.32 -9.33
N ASP A 107 -23.46 0.76 -8.20
CA ASP A 107 -24.38 1.44 -7.31
C ASP A 107 -23.75 2.67 -6.69
N ALA A 108 -22.56 2.49 -6.11
CA ALA A 108 -21.83 3.59 -5.48
C ALA A 108 -20.91 4.27 -6.48
N SER A 109 -21.40 4.48 -7.69
CA SER A 109 -20.62 5.12 -8.75
C SER A 109 -19.68 6.18 -8.15
N SER A 110 -20.25 7.13 -7.43
CA SER A 110 -19.47 8.19 -6.81
C SER A 110 -18.72 7.68 -5.59
N GLY A 111 -17.64 8.38 -5.23
CA GLY A 111 -16.83 7.98 -4.09
C GLY A 111 -17.12 8.82 -2.86
N PRO A 112 -17.14 8.16 -1.69
CA PRO A 112 -17.40 8.84 -0.42
C PRO A 112 -16.26 9.76 0.00
N SER A 113 -16.47 10.53 1.06
CA SER A 113 -15.46 11.45 1.55
C SER A 113 -15.90 12.08 2.87
N SER A 114 -15.22 11.71 3.96
CA SER A 114 -15.54 12.24 5.28
C SER A 114 -14.28 12.45 6.10
N GLY A 115 -14.32 13.44 6.99
CA GLY A 115 -13.18 13.72 7.83
C GLY A 115 -13.56 14.32 9.17
N GLY A 1 20.61 14.62 6.31
CA GLY A 1 20.74 14.34 7.73
C GLY A 1 20.33 12.93 8.09
N SER A 2 20.85 11.96 7.34
CA SER A 2 20.54 10.56 7.58
C SER A 2 21.65 9.66 7.04
N SER A 3 22.11 8.73 7.87
CA SER A 3 23.17 7.81 7.47
C SER A 3 22.71 6.36 7.64
N GLY A 4 22.74 5.61 6.55
CA GLY A 4 22.33 4.21 6.60
C GLY A 4 23.44 3.29 7.06
N SER A 5 23.86 3.46 8.30
CA SER A 5 24.93 2.65 8.87
C SER A 5 24.40 1.31 9.37
N SER A 6 23.43 1.38 10.28
CA SER A 6 22.82 0.18 10.85
C SER A 6 21.53 -0.18 10.11
N GLY A 7 21.52 -1.35 9.48
CA GLY A 7 20.35 -1.79 8.76
C GLY A 7 19.71 -3.02 9.38
N ALA A 8 20.16 -4.20 8.95
CA ALA A 8 19.62 -5.45 9.46
C ALA A 8 18.10 -5.50 9.34
N HIS A 9 17.58 -5.02 8.22
CA HIS A 9 16.15 -5.00 7.98
C HIS A 9 15.76 -6.03 6.92
N ASP A 10 14.64 -6.70 7.13
CA ASP A 10 14.15 -7.70 6.20
C ASP A 10 12.75 -7.38 5.72
N ALA A 11 12.63 -6.84 4.52
CA ALA A 11 11.33 -6.49 3.95
C ALA A 11 10.47 -7.71 3.76
N SER A 12 11.10 -8.87 3.59
CA SER A 12 10.38 -10.13 3.40
C SER A 12 9.60 -10.50 4.64
N LYS A 13 10.01 -9.96 5.78
CA LYS A 13 9.34 -10.24 7.04
C LYS A 13 8.08 -9.37 7.20
N VAL A 14 7.67 -8.74 6.10
CA VAL A 14 6.49 -7.89 6.11
C VAL A 14 5.26 -8.65 5.62
N ARG A 15 4.16 -8.51 6.34
CA ARG A 15 2.91 -9.18 5.98
C ARG A 15 1.88 -8.17 5.47
N ALA A 16 1.45 -8.36 4.24
CA ALA A 16 0.46 -7.48 3.63
C ALA A 16 -0.92 -8.14 3.58
N SER A 17 -1.89 -7.51 4.24
CA SER A 17 -3.25 -8.04 4.26
C SER A 17 -4.27 -6.92 4.43
N GLY A 18 -5.54 -7.24 4.22
CA GLY A 18 -6.60 -6.25 4.35
C GLY A 18 -7.42 -6.11 3.09
N PRO A 19 -8.36 -5.16 3.10
CA PRO A 19 -9.23 -4.90 1.95
C PRO A 19 -8.49 -4.27 0.78
N GLY A 20 -7.61 -3.32 1.09
CA GLY A 20 -6.84 -2.65 0.05
C GLY A 20 -5.95 -3.61 -0.71
N LEU A 21 -5.56 -4.71 -0.07
CA LEU A 21 -4.71 -5.71 -0.70
C LEU A 21 -5.53 -6.90 -1.16
N ASN A 22 -6.78 -6.66 -1.53
CA ASN A 22 -7.66 -7.72 -2.00
C ASN A 22 -7.25 -8.20 -3.37
N ALA A 23 -6.89 -9.48 -3.46
CA ALA A 23 -6.48 -10.07 -4.73
C ALA A 23 -7.67 -10.34 -5.63
N SER A 24 -8.84 -10.49 -5.01
CA SER A 24 -10.07 -10.76 -5.77
C SER A 24 -10.58 -9.49 -6.45
N GLY A 25 -10.15 -8.34 -5.93
CA GLY A 25 -10.57 -7.07 -6.50
C GLY A 25 -11.14 -6.12 -5.46
N ILE A 26 -10.72 -4.87 -5.52
CA ILE A 26 -11.19 -3.86 -4.58
C ILE A 26 -12.14 -2.87 -5.25
N PRO A 27 -13.17 -2.45 -4.51
CA PRO A 27 -14.17 -1.49 -5.02
C PRO A 27 -13.59 -0.09 -5.20
N ALA A 28 -13.39 0.30 -6.45
CA ALA A 28 -12.84 1.62 -6.77
C ALA A 28 -13.78 2.73 -6.28
N SER A 29 -13.30 3.96 -6.37
CA SER A 29 -14.10 5.11 -5.93
C SER A 29 -14.49 4.97 -4.46
N LEU A 30 -13.59 4.40 -3.66
CA LEU A 30 -13.85 4.21 -2.24
C LEU A 30 -12.54 4.18 -1.47
N PRO A 31 -12.54 4.83 -0.28
CA PRO A 31 -11.36 4.88 0.59
C PRO A 31 -11.04 3.53 1.22
N VAL A 32 -10.03 2.85 0.67
CA VAL A 32 -9.62 1.55 1.18
C VAL A 32 -8.27 1.63 1.86
N GLU A 33 -8.10 0.84 2.92
CA GLU A 33 -6.84 0.83 3.66
C GLU A 33 -6.48 -0.59 4.10
N PHE A 34 -5.21 -0.94 3.98
CA PHE A 34 -4.74 -2.26 4.36
C PHE A 34 -3.92 -2.21 5.64
N THR A 35 -3.35 -3.34 6.03
CA THR A 35 -2.55 -3.42 7.25
C THR A 35 -1.22 -4.14 6.97
N ILE A 36 -0.12 -3.46 7.28
CA ILE A 36 1.20 -4.03 7.08
C ILE A 36 1.82 -4.49 8.40
N ASP A 37 1.50 -5.70 8.81
CA ASP A 37 2.03 -6.25 10.06
C ASP A 37 3.43 -6.81 9.85
N ALA A 38 4.43 -6.03 10.25
CA ALA A 38 5.83 -6.44 10.12
C ALA A 38 6.57 -6.30 11.44
N ARG A 39 7.05 -7.42 11.96
CA ARG A 39 7.79 -7.42 13.23
C ARG A 39 9.29 -7.35 12.98
N ASP A 40 9.81 -8.30 12.24
CA ASP A 40 11.24 -8.34 11.93
C ASP A 40 11.53 -7.60 10.63
N ALA A 41 10.68 -6.63 10.30
CA ALA A 41 10.85 -5.84 9.09
C ALA A 41 12.15 -5.05 9.13
N GLY A 42 12.65 -4.81 10.34
CA GLY A 42 13.89 -4.06 10.49
C GLY A 42 13.70 -2.77 11.27
N GLU A 43 14.80 -2.07 11.52
CA GLU A 43 14.75 -0.81 12.25
C GLU A 43 14.81 0.38 11.31
N GLY A 44 13.89 0.41 10.35
CA GLY A 44 13.86 1.51 9.39
C GLY A 44 12.48 2.11 9.24
N LEU A 45 12.21 2.70 8.09
CA LEU A 45 10.92 3.33 7.84
C LEU A 45 10.23 2.68 6.63
N LEU A 46 8.94 2.37 6.78
CA LEU A 46 8.16 1.76 5.72
C LEU A 46 7.70 2.81 4.71
N THR A 47 7.66 2.41 3.43
CA THR A 47 7.23 3.32 2.38
C THR A 47 6.26 2.62 1.42
N VAL A 48 5.23 3.34 1.00
CA VAL A 48 4.24 2.79 0.09
C VAL A 48 3.97 3.75 -1.06
N GLN A 49 3.76 3.20 -2.26
CA GLN A 49 3.49 4.00 -3.44
C GLN A 49 2.45 3.34 -4.33
N ILE A 50 1.52 4.14 -4.85
CA ILE A 50 0.46 3.62 -5.71
C ILE A 50 0.46 4.34 -7.06
N LEU A 51 0.45 3.57 -8.14
CA LEU A 51 0.44 4.14 -9.49
C LEU A 51 -0.87 3.83 -10.20
N ASP A 52 -1.68 4.85 -10.42
CA ASP A 52 -2.95 4.68 -11.10
C ASP A 52 -2.83 3.71 -12.27
N PRO A 53 -3.98 3.21 -12.76
CA PRO A 53 -4.02 2.27 -13.88
C PRO A 53 -3.64 2.92 -15.20
N GLU A 54 -3.19 4.17 -15.13
CA GLU A 54 -2.80 4.91 -16.32
C GLU A 54 -1.28 5.03 -16.42
N GLY A 55 -0.62 5.09 -15.26
CA GLY A 55 0.82 5.20 -15.23
C GLY A 55 1.29 6.47 -14.57
N LYS A 56 0.58 6.89 -13.52
CA LYS A 56 0.93 8.11 -12.80
C LYS A 56 0.93 7.86 -11.29
N PRO A 57 1.74 8.64 -10.56
CA PRO A 57 1.85 8.53 -9.11
C PRO A 57 0.59 9.01 -8.39
N LYS A 58 0.19 8.27 -7.37
CA LYS A 58 -1.00 8.61 -6.60
C LYS A 58 -0.62 9.11 -5.21
N LYS A 59 -1.64 9.38 -4.39
CA LYS A 59 -1.41 9.87 -3.03
C LYS A 59 -1.90 8.85 -2.00
N ALA A 60 -0.98 8.39 -1.17
CA ALA A 60 -1.32 7.40 -0.13
C ALA A 60 -0.86 7.88 1.24
N ASN A 61 -1.46 7.30 2.28
CA ASN A 61 -1.11 7.67 3.66
C ASN A 61 -0.55 6.47 4.42
N ILE A 62 0.31 6.75 5.39
CA ILE A 62 0.92 5.69 6.20
C ILE A 62 0.87 6.04 7.68
N ARG A 63 0.58 5.04 8.50
CA ARG A 63 0.50 5.24 9.95
C ARG A 63 1.36 4.22 10.68
N ASP A 64 2.00 4.65 11.76
CA ASP A 64 2.86 3.78 12.55
C ASP A 64 2.14 3.30 13.81
N ASN A 65 1.99 1.98 13.93
CA ASN A 65 1.32 1.39 15.08
C ASN A 65 2.27 1.24 16.26
N GLY A 66 3.46 0.71 15.98
CA GLY A 66 4.45 0.53 17.03
C GLY A 66 4.48 -0.89 17.55
N ASP A 67 3.41 -1.63 17.31
CA ASP A 67 3.32 -3.01 17.77
C ASP A 67 3.84 -3.97 16.69
N GLY A 68 4.74 -3.48 15.86
CA GLY A 68 5.31 -4.30 14.81
C GLY A 68 4.41 -4.37 13.58
N THR A 69 3.57 -3.35 13.40
CA THR A 69 2.67 -3.30 12.26
C THR A 69 2.46 -1.86 11.79
N TYR A 70 1.74 -1.71 10.69
CA TYR A 70 1.48 -0.39 10.12
C TYR A 70 0.15 -0.37 9.38
N THR A 71 -0.37 0.83 9.13
CA THR A 71 -1.63 0.99 8.44
C THR A 71 -1.51 1.98 7.29
N VAL A 72 -2.16 1.67 6.17
CA VAL A 72 -2.12 2.53 4.99
C VAL A 72 -3.50 2.67 4.36
N SER A 73 -3.85 3.89 3.98
CA SER A 73 -5.15 4.15 3.37
C SER A 73 -4.98 4.90 2.05
N TYR A 74 -5.88 4.64 1.11
CA TYR A 74 -5.83 5.28 -0.19
C TYR A 74 -7.20 5.25 -0.87
N LEU A 75 -7.39 6.10 -1.88
CA LEU A 75 -8.65 6.17 -2.61
C LEU A 75 -8.41 6.05 -4.10
N PRO A 76 -8.58 4.84 -4.64
CA PRO A 76 -8.38 4.58 -6.07
C PRO A 76 -9.48 5.21 -6.93
N ASP A 77 -9.27 6.46 -7.32
CA ASP A 77 -10.24 7.17 -8.15
C ASP A 77 -10.59 6.36 -9.40
N MET A 78 -9.58 6.03 -10.18
CA MET A 78 -9.78 5.26 -11.40
C MET A 78 -9.82 3.76 -11.10
N SER A 79 -10.31 2.99 -12.07
CA SER A 79 -10.41 1.54 -11.90
C SER A 79 -9.40 0.82 -12.80
N GLY A 80 -8.90 -0.32 -12.31
CA GLY A 80 -7.94 -1.09 -13.08
C GLY A 80 -6.88 -1.72 -12.19
N ARG A 81 -5.82 -2.24 -12.82
CA ARG A 81 -4.73 -2.87 -12.08
C ARG A 81 -3.81 -1.82 -11.47
N TYR A 82 -3.93 -1.62 -10.17
CA TYR A 82 -3.10 -0.65 -9.47
C TYR A 82 -1.77 -1.26 -9.06
N THR A 83 -0.69 -0.48 -9.20
CA THR A 83 0.64 -0.95 -8.85
C THR A 83 1.08 -0.38 -7.51
N ILE A 84 0.99 -1.19 -6.46
CA ILE A 84 1.39 -0.76 -5.12
C ILE A 84 2.80 -1.21 -4.80
N THR A 85 3.73 -0.27 -4.77
CA THR A 85 5.12 -0.56 -4.47
C THR A 85 5.46 -0.26 -3.02
N ILE A 86 5.82 -1.30 -2.28
CA ILE A 86 6.16 -1.14 -0.86
C ILE A 86 7.62 -1.48 -0.61
N LYS A 87 8.34 -0.53 -0.01
CA LYS A 87 9.75 -0.73 0.30
C LYS A 87 10.06 -0.39 1.75
N TYR A 88 10.79 -1.26 2.42
CA TYR A 88 11.15 -1.05 3.82
C TYR A 88 12.61 -0.64 3.95
N GLY A 89 12.85 0.43 4.70
CA GLY A 89 14.21 0.91 4.91
C GLY A 89 15.07 0.73 3.67
N GLY A 90 14.45 0.80 2.50
CA GLY A 90 15.20 0.64 1.26
C GLY A 90 15.26 -0.80 0.81
N ASP A 91 14.18 -1.55 1.03
CA ASP A 91 14.13 -2.95 0.64
C ASP A 91 12.72 -3.34 0.16
N GLU A 92 12.59 -3.52 -1.14
CA GLU A 92 11.30 -3.89 -1.73
C GLU A 92 10.89 -5.30 -1.29
N ILE A 93 9.67 -5.41 -0.75
CA ILE A 93 9.16 -6.69 -0.31
C ILE A 93 9.08 -7.69 -1.45
N PRO A 94 9.24 -8.99 -1.13
CA PRO A 94 9.19 -10.07 -2.12
C PRO A 94 7.79 -10.27 -2.68
N TYR A 95 6.86 -9.44 -2.25
CA TYR A 95 5.47 -9.53 -2.70
C TYR A 95 5.14 -8.42 -3.70
N SER A 96 5.99 -7.40 -3.72
CA SER A 96 5.79 -6.26 -4.63
C SER A 96 6.48 -6.52 -5.97
N PRO A 97 5.96 -5.88 -7.02
CA PRO A 97 4.80 -4.99 -6.92
C PRO A 97 3.51 -5.76 -6.63
N PHE A 98 2.63 -5.14 -5.85
CA PHE A 98 1.36 -5.78 -5.49
C PHE A 98 0.31 -5.53 -6.56
N ARG A 99 -0.01 -6.56 -7.33
CA ARG A 99 -1.00 -6.44 -8.40
C ARG A 99 -2.42 -6.50 -7.83
N ILE A 100 -3.04 -5.33 -7.73
CA ILE A 100 -4.40 -5.24 -7.20
C ILE A 100 -5.36 -4.68 -8.25
N HIS A 101 -6.41 -5.43 -8.53
CA HIS A 101 -7.41 -5.02 -9.52
C HIS A 101 -8.50 -4.19 -8.86
N ALA A 102 -8.86 -3.07 -9.48
CA ALA A 102 -9.89 -2.19 -8.95
C ALA A 102 -11.13 -2.22 -9.85
N LEU A 103 -12.26 -2.61 -9.26
CA LEU A 103 -13.52 -2.68 -10.00
C LEU A 103 -14.35 -1.42 -9.78
N PRO A 104 -14.91 -0.89 -10.88
CA PRO A 104 -15.74 0.32 -10.84
C PRO A 104 -17.07 0.09 -10.13
N THR A 105 -17.22 0.67 -8.95
CA THR A 105 -18.44 0.54 -8.17
C THR A 105 -18.85 1.86 -7.55
N GLY A 106 -20.15 2.03 -7.32
CA GLY A 106 -20.64 3.26 -6.72
C GLY A 106 -22.14 3.45 -6.94
N ASP A 107 -22.89 3.44 -5.85
CA ASP A 107 -24.33 3.60 -5.93
C ASP A 107 -24.70 5.06 -6.21
N ALA A 108 -24.15 5.97 -5.43
CA ALA A 108 -24.42 7.39 -5.61
C ALA A 108 -23.58 7.96 -6.76
N SER A 109 -23.87 9.22 -7.12
CA SER A 109 -23.15 9.87 -8.20
C SER A 109 -21.64 9.73 -8.02
N SER A 110 -21.14 10.19 -6.88
CA SER A 110 -19.71 10.11 -6.59
C SER A 110 -19.46 9.33 -5.31
N GLY A 111 -18.38 8.55 -5.30
CA GLY A 111 -18.04 7.76 -4.13
C GLY A 111 -17.66 8.61 -2.94
N PRO A 112 -16.41 9.08 -2.92
CA PRO A 112 -15.89 9.92 -1.84
C PRO A 112 -16.51 11.31 -1.83
N SER A 113 -16.20 12.09 -0.80
CA SER A 113 -16.73 13.44 -0.67
C SER A 113 -15.60 14.47 -0.59
N SER A 114 -14.97 14.75 -1.72
CA SER A 114 -13.86 15.70 -1.76
C SER A 114 -12.61 15.13 -1.11
N GLY A 115 -12.43 13.82 -1.24
CA GLY A 115 -11.27 13.16 -0.66
C GLY A 115 -10.56 12.25 -1.64
N GLY A 1 15.26 11.91 -0.92
CA GLY A 1 16.05 11.95 -2.14
C GLY A 1 17.27 11.05 -2.07
N SER A 2 17.07 9.83 -1.60
CA SER A 2 18.16 8.87 -1.47
C SER A 2 17.86 7.60 -2.27
N SER A 3 18.86 7.13 -3.00
CA SER A 3 18.71 5.92 -3.82
C SER A 3 19.68 4.83 -3.36
N GLY A 4 19.31 4.12 -2.31
CA GLY A 4 20.16 3.06 -1.79
C GLY A 4 20.37 3.17 -0.29
N SER A 5 19.89 2.17 0.44
CA SER A 5 20.01 2.15 1.90
C SER A 5 20.24 0.73 2.41
N SER A 6 21.18 0.59 3.33
CA SER A 6 21.49 -0.72 3.89
C SER A 6 21.47 -0.67 5.42
N GLY A 7 21.35 -1.83 6.04
CA GLY A 7 21.32 -1.90 7.50
C GLY A 7 20.87 -3.26 8.01
N ALA A 8 19.94 -3.25 8.95
CA ALA A 8 19.43 -4.50 9.53
C ALA A 8 17.91 -4.54 9.44
N HIS A 9 17.40 -4.86 8.25
CA HIS A 9 15.97 -4.94 8.03
C HIS A 9 15.64 -6.05 7.03
N ASP A 10 14.53 -6.75 7.27
CA ASP A 10 14.10 -7.83 6.39
C ASP A 10 12.69 -7.58 5.88
N ALA A 11 12.60 -7.09 4.65
CA ALA A 11 11.30 -6.81 4.04
C ALA A 11 10.47 -8.09 3.92
N SER A 12 11.15 -9.23 3.86
CA SER A 12 10.46 -10.51 3.73
C SER A 12 9.66 -10.82 5.00
N LYS A 13 9.95 -10.10 6.07
CA LYS A 13 9.27 -10.29 7.33
C LYS A 13 8.05 -9.38 7.45
N VAL A 14 7.67 -8.77 6.32
CA VAL A 14 6.52 -7.87 6.28
C VAL A 14 5.27 -8.59 5.77
N ARG A 15 4.19 -8.52 6.54
CA ARG A 15 2.95 -9.16 6.16
C ARG A 15 2.00 -8.16 5.49
N ALA A 16 1.16 -8.66 4.59
CA ALA A 16 0.21 -7.82 3.88
C ALA A 16 -1.15 -8.48 3.79
N SER A 17 -2.13 -7.93 4.50
CA SER A 17 -3.48 -8.47 4.50
C SER A 17 -4.50 -7.38 4.76
N GLY A 18 -5.51 -7.30 3.91
CA GLY A 18 -6.55 -6.30 4.06
C GLY A 18 -7.36 -6.09 2.79
N PRO A 19 -8.29 -5.13 2.83
CA PRO A 19 -9.15 -4.81 1.69
C PRO A 19 -8.38 -4.15 0.55
N GLY A 20 -7.47 -3.26 0.90
CA GLY A 20 -6.67 -2.56 -0.10
C GLY A 20 -5.80 -3.52 -0.90
N LEU A 21 -5.42 -4.62 -0.28
CA LEU A 21 -4.57 -5.62 -0.95
C LEU A 21 -5.39 -6.84 -1.36
N ASN A 22 -6.63 -6.61 -1.77
CA ASN A 22 -7.51 -7.69 -2.19
C ASN A 22 -7.16 -8.17 -3.59
N ALA A 23 -6.79 -9.44 -3.70
CA ALA A 23 -6.43 -10.02 -4.99
C ALA A 23 -7.67 -10.31 -5.83
N SER A 24 -8.80 -10.49 -5.16
CA SER A 24 -10.05 -10.78 -5.84
C SER A 24 -10.61 -9.52 -6.50
N GLY A 25 -10.12 -8.36 -6.04
CA GLY A 25 -10.59 -7.09 -6.59
C GLY A 25 -11.05 -6.14 -5.51
N ILE A 26 -10.61 -4.88 -5.61
CA ILE A 26 -10.98 -3.87 -4.63
C ILE A 26 -12.00 -2.90 -5.22
N PRO A 27 -12.93 -2.42 -4.37
CA PRO A 27 -13.97 -1.49 -4.78
C PRO A 27 -13.42 -0.10 -5.08
N ALA A 28 -13.43 0.27 -6.36
CA ALA A 28 -12.93 1.57 -6.79
C ALA A 28 -13.84 2.69 -6.30
N SER A 29 -13.33 3.93 -6.35
CA SER A 29 -14.09 5.08 -5.90
C SER A 29 -14.49 4.94 -4.44
N LEU A 30 -13.56 4.48 -3.61
CA LEU A 30 -13.81 4.30 -2.19
C LEU A 30 -12.51 4.24 -1.41
N PRO A 31 -12.48 4.90 -0.25
CA PRO A 31 -11.30 4.93 0.62
C PRO A 31 -11.01 3.58 1.28
N VAL A 32 -9.97 2.90 0.79
CA VAL A 32 -9.60 1.61 1.33
C VAL A 32 -8.22 1.66 1.98
N GLU A 33 -8.04 0.87 3.03
CA GLU A 33 -6.77 0.82 3.75
C GLU A 33 -6.43 -0.60 4.18
N PHE A 34 -5.16 -0.96 4.06
CA PHE A 34 -4.71 -2.30 4.42
C PHE A 34 -3.91 -2.26 5.72
N THR A 35 -3.36 -3.41 6.10
CA THR A 35 -2.57 -3.51 7.32
C THR A 35 -1.26 -4.25 7.07
N ILE A 36 -0.15 -3.59 7.39
CA ILE A 36 1.17 -4.19 7.20
C ILE A 36 1.77 -4.63 8.53
N ASP A 37 1.49 -5.86 8.92
CA ASP A 37 2.01 -6.41 10.17
C ASP A 37 3.42 -6.95 9.98
N ALA A 38 4.41 -6.15 10.35
CA ALA A 38 5.80 -6.55 10.22
C ALA A 38 6.55 -6.36 11.54
N ARG A 39 7.05 -7.46 12.10
CA ARG A 39 7.78 -7.40 13.36
C ARG A 39 9.28 -7.32 13.10
N ASP A 40 9.81 -8.32 12.40
CA ASP A 40 11.23 -8.35 12.09
C ASP A 40 11.53 -7.61 10.79
N ALA A 41 10.65 -6.67 10.43
CA ALA A 41 10.82 -5.90 9.22
C ALA A 41 12.12 -5.11 9.23
N GLY A 42 12.58 -4.77 10.43
CA GLY A 42 13.82 -4.02 10.57
C GLY A 42 13.64 -2.73 11.33
N GLU A 43 14.69 -1.92 11.40
CA GLU A 43 14.65 -0.66 12.12
C GLU A 43 14.71 0.52 11.15
N GLY A 44 13.81 0.52 10.17
CA GLY A 44 13.78 1.59 9.19
C GLY A 44 12.41 2.25 9.08
N LEU A 45 12.11 2.78 7.91
CA LEU A 45 10.82 3.45 7.68
C LEU A 45 10.08 2.81 6.52
N LEU A 46 8.81 2.49 6.73
CA LEU A 46 7.98 1.87 5.70
C LEU A 46 7.54 2.92 4.68
N THR A 47 7.57 2.53 3.40
CA THR A 47 7.17 3.43 2.32
C THR A 47 6.14 2.77 1.41
N VAL A 48 5.17 3.56 0.94
CA VAL A 48 4.13 3.05 0.06
C VAL A 48 3.97 3.95 -1.16
N GLN A 49 3.77 3.33 -2.33
CA GLN A 49 3.59 4.07 -3.56
C GLN A 49 2.55 3.40 -4.45
N ILE A 50 1.58 4.19 -4.91
CA ILE A 50 0.53 3.67 -5.77
C ILE A 50 0.48 4.42 -7.10
N LEU A 51 0.48 3.67 -8.20
CA LEU A 51 0.42 4.27 -9.52
C LEU A 51 -0.85 3.89 -10.25
N ASP A 52 -1.71 4.87 -10.50
CA ASP A 52 -2.97 4.63 -11.19
C ASP A 52 -2.77 3.73 -12.40
N PRO A 53 -3.87 3.15 -12.89
CA PRO A 53 -3.84 2.24 -14.05
C PRO A 53 -3.52 2.98 -15.35
N GLU A 54 -3.18 4.26 -15.23
CA GLU A 54 -2.86 5.07 -16.40
C GLU A 54 -1.35 5.30 -16.50
N GLY A 55 -0.68 5.34 -15.34
CA GLY A 55 0.75 5.55 -15.32
C GLY A 55 1.13 6.84 -14.63
N LYS A 56 0.41 7.19 -13.57
CA LYS A 56 0.68 8.41 -12.82
C LYS A 56 0.71 8.14 -11.33
N PRO A 57 1.45 8.97 -10.59
CA PRO A 57 1.58 8.84 -9.14
C PRO A 57 0.29 9.20 -8.41
N LYS A 58 -0.07 8.40 -7.41
CA LYS A 58 -1.28 8.64 -6.64
C LYS A 58 -0.94 9.15 -5.24
N LYS A 59 -1.96 9.36 -4.43
CA LYS A 59 -1.77 9.84 -3.06
C LYS A 59 -2.08 8.74 -2.05
N ALA A 60 -1.08 8.38 -1.26
CA ALA A 60 -1.24 7.33 -0.25
C ALA A 60 -0.78 7.82 1.11
N ASN A 61 -1.36 7.24 2.17
CA ASN A 61 -1.01 7.63 3.54
C ASN A 61 -0.45 6.43 4.31
N ILE A 62 0.48 6.70 5.22
CA ILE A 62 1.09 5.65 6.02
C ILE A 62 1.03 6.00 7.51
N ARG A 63 0.80 4.98 8.33
CA ARG A 63 0.72 5.18 9.78
C ARG A 63 1.68 4.24 10.50
N ASP A 64 2.15 4.66 11.67
CA ASP A 64 3.07 3.86 12.47
C ASP A 64 2.41 3.39 13.75
N ASN A 65 2.27 2.07 13.89
CA ASN A 65 1.66 1.47 15.06
C ASN A 65 2.68 1.26 16.17
N GLY A 66 3.86 0.76 15.79
CA GLY A 66 4.91 0.52 16.75
C GLY A 66 4.85 -0.88 17.33
N ASP A 67 3.69 -1.52 17.22
CA ASP A 67 3.51 -2.87 17.73
C ASP A 67 3.96 -3.90 16.70
N GLY A 68 4.83 -3.50 15.80
CA GLY A 68 5.32 -4.41 14.77
C GLY A 68 4.40 -4.46 13.57
N THR A 69 3.58 -3.42 13.40
CA THR A 69 2.64 -3.37 12.29
C THR A 69 2.46 -1.94 11.80
N TYR A 70 1.72 -1.78 10.71
CA TYR A 70 1.46 -0.47 10.14
C TYR A 70 0.13 -0.43 9.41
N THR A 71 -0.38 0.77 9.17
CA THR A 71 -1.65 0.95 8.47
C THR A 71 -1.54 1.97 7.36
N VAL A 72 -2.08 1.64 6.19
CA VAL A 72 -2.04 2.54 5.05
C VAL A 72 -3.42 2.68 4.40
N SER A 73 -3.79 3.90 4.04
CA SER A 73 -5.07 4.16 3.41
C SER A 73 -4.91 4.90 2.10
N TYR A 74 -5.81 4.64 1.15
CA TYR A 74 -5.75 5.29 -0.15
C TYR A 74 -7.11 5.25 -0.83
N LEU A 75 -7.29 6.10 -1.84
CA LEU A 75 -8.54 6.17 -2.58
C LEU A 75 -8.30 6.01 -4.08
N PRO A 76 -8.48 4.77 -4.58
CA PRO A 76 -8.29 4.47 -6.00
C PRO A 76 -9.37 5.08 -6.88
N ASP A 77 -9.22 6.37 -7.19
CA ASP A 77 -10.18 7.08 -8.02
C ASP A 77 -10.45 6.31 -9.32
N MET A 78 -9.39 5.98 -10.05
CA MET A 78 -9.51 5.26 -11.30
C MET A 78 -9.67 3.76 -11.04
N SER A 79 -10.03 3.02 -12.08
CA SER A 79 -10.22 1.58 -11.97
C SER A 79 -9.24 0.83 -12.86
N GLY A 80 -8.85 -0.37 -12.43
CA GLY A 80 -7.91 -1.16 -13.19
C GLY A 80 -6.84 -1.81 -12.34
N ARG A 81 -5.71 -2.15 -12.95
CA ARG A 81 -4.61 -2.78 -12.23
C ARG A 81 -3.70 -1.73 -11.62
N TYR A 82 -3.80 -1.55 -10.30
CA TYR A 82 -2.98 -0.56 -9.60
C TYR A 82 -1.65 -1.18 -9.18
N THR A 83 -0.59 -0.39 -9.27
CA THR A 83 0.75 -0.84 -8.91
C THR A 83 1.16 -0.29 -7.55
N ILE A 84 1.08 -1.14 -6.53
CA ILE A 84 1.46 -0.75 -5.18
C ILE A 84 2.86 -1.22 -4.83
N THR A 85 3.81 -0.27 -4.80
CA THR A 85 5.19 -0.60 -4.49
C THR A 85 5.51 -0.28 -3.03
N ILE A 86 5.77 -1.33 -2.25
CA ILE A 86 6.09 -1.16 -0.84
C ILE A 86 7.54 -1.50 -0.56
N LYS A 87 8.27 -0.54 -0.01
CA LYS A 87 9.68 -0.73 0.32
C LYS A 87 9.96 -0.39 1.78
N TYR A 88 10.71 -1.27 2.44
CA TYR A 88 11.05 -1.07 3.85
C TYR A 88 12.52 -0.70 4.01
N GLY A 89 12.77 0.43 4.67
CA GLY A 89 14.14 0.88 4.88
C GLY A 89 15.00 0.70 3.65
N GLY A 90 14.38 0.74 2.48
CA GLY A 90 15.11 0.58 1.23
C GLY A 90 15.16 -0.85 0.78
N ASP A 91 14.07 -1.58 0.96
CA ASP A 91 14.00 -2.98 0.57
C ASP A 91 12.58 -3.36 0.15
N GLU A 92 12.38 -3.51 -1.16
CA GLU A 92 11.06 -3.88 -1.69
C GLU A 92 10.67 -5.28 -1.24
N ILE A 93 9.51 -5.39 -0.60
CA ILE A 93 9.02 -6.68 -0.12
C ILE A 93 8.94 -7.68 -1.27
N PRO A 94 9.06 -8.98 -0.92
CA PRO A 94 9.01 -10.07 -1.90
C PRO A 94 7.62 -10.26 -2.49
N TYR A 95 6.69 -9.39 -2.08
CA TYR A 95 5.32 -9.46 -2.56
C TYR A 95 5.03 -8.36 -3.57
N SER A 96 5.87 -7.33 -3.57
CA SER A 96 5.71 -6.21 -4.48
C SER A 96 6.47 -6.44 -5.77
N PRO A 97 6.01 -5.82 -6.87
CA PRO A 97 4.82 -4.95 -6.83
C PRO A 97 3.54 -5.73 -6.60
N PHE A 98 2.62 -5.14 -5.84
CA PHE A 98 1.34 -5.79 -5.55
C PHE A 98 0.33 -5.50 -6.64
N ARG A 99 0.03 -6.52 -7.46
CA ARG A 99 -0.92 -6.38 -8.54
C ARG A 99 -2.35 -6.46 -8.03
N ILE A 100 -2.97 -5.29 -7.84
CA ILE A 100 -4.34 -5.24 -7.34
C ILE A 100 -5.28 -4.68 -8.41
N HIS A 101 -6.41 -5.35 -8.61
CA HIS A 101 -7.40 -4.93 -9.59
C HIS A 101 -8.57 -4.21 -8.92
N ALA A 102 -8.95 -3.06 -9.47
CA ALA A 102 -10.06 -2.29 -8.93
C ALA A 102 -11.28 -2.37 -9.82
N LEU A 103 -12.44 -2.62 -9.21
CA LEU A 103 -13.69 -2.73 -9.96
C LEU A 103 -14.58 -1.53 -9.70
N PRO A 104 -15.29 -1.09 -10.75
CA PRO A 104 -16.20 0.06 -10.66
C PRO A 104 -17.44 -0.24 -9.83
N THR A 105 -17.45 0.25 -8.58
CA THR A 105 -18.57 0.03 -7.69
C THR A 105 -19.48 1.26 -7.62
N GLY A 106 -20.76 1.05 -7.89
CA GLY A 106 -21.71 2.15 -7.86
C GLY A 106 -23.08 1.74 -8.35
N ASP A 107 -23.87 1.14 -7.48
CA ASP A 107 -25.21 0.70 -7.83
C ASP A 107 -26.19 1.87 -7.83
N ALA A 108 -26.07 2.73 -6.82
CA ALA A 108 -26.94 3.90 -6.71
C ALA A 108 -26.24 5.16 -7.18
N SER A 109 -25.12 5.48 -6.55
CA SER A 109 -24.34 6.67 -6.90
C SER A 109 -22.88 6.31 -7.13
N SER A 110 -22.19 7.14 -7.91
CA SER A 110 -20.79 6.92 -8.22
C SER A 110 -19.90 7.90 -7.46
N GLY A 111 -18.95 7.36 -6.68
CA GLY A 111 -18.06 8.19 -5.91
C GLY A 111 -18.43 8.24 -4.44
N PRO A 112 -17.41 8.33 -3.57
CA PRO A 112 -17.61 8.38 -2.12
C PRO A 112 -18.25 9.69 -1.67
N SER A 113 -19.16 9.60 -0.70
CA SER A 113 -19.84 10.77 -0.18
C SER A 113 -19.51 10.99 1.29
N SER A 114 -19.42 12.25 1.69
CA SER A 114 -19.11 12.59 3.07
C SER A 114 -19.90 11.72 4.05
N GLY A 115 -21.21 11.61 3.80
CA GLY A 115 -22.06 10.81 4.66
C GLY A 115 -21.94 9.33 4.36
N GLY A 1 16.09 13.81 8.41
CA GLY A 1 16.06 12.76 9.41
C GLY A 1 17.33 11.94 9.44
N SER A 2 18.19 12.21 10.40
CA SER A 2 19.47 11.51 10.52
C SER A 2 19.26 10.16 11.21
N SER A 3 19.15 9.10 10.42
CA SER A 3 18.95 7.75 10.96
C SER A 3 20.17 6.88 10.69
N GLY A 4 20.55 6.08 11.69
CA GLY A 4 21.70 5.21 11.54
C GLY A 4 21.76 4.56 10.17
N SER A 5 22.94 4.09 9.79
CA SER A 5 23.14 3.44 8.50
C SER A 5 23.58 2.00 8.68
N SER A 6 22.66 1.06 8.46
CA SER A 6 22.96 -0.35 8.59
C SER A 6 21.83 -1.20 8.00
N GLY A 7 22.20 -2.14 7.13
CA GLY A 7 21.22 -3.01 6.50
C GLY A 7 20.73 -4.09 7.44
N ALA A 8 20.07 -3.69 8.52
CA ALA A 8 19.55 -4.63 9.51
C ALA A 8 18.03 -4.73 9.41
N HIS A 9 17.52 -4.78 8.18
CA HIS A 9 16.09 -4.88 7.95
C HIS A 9 15.77 -5.95 6.91
N ASP A 10 14.71 -6.71 7.14
CA ASP A 10 14.30 -7.76 6.23
C ASP A 10 12.86 -7.55 5.76
N ALA A 11 12.71 -7.07 4.53
CA ALA A 11 11.40 -6.83 3.96
C ALA A 11 10.61 -8.12 3.81
N SER A 12 11.33 -9.25 3.79
CA SER A 12 10.70 -10.55 3.65
C SER A 12 9.84 -10.89 4.87
N LYS A 13 10.21 -10.30 6.01
CA LYS A 13 9.48 -10.54 7.25
C LYS A 13 8.26 -9.62 7.34
N VAL A 14 7.83 -9.10 6.20
CA VAL A 14 6.67 -8.22 6.15
C VAL A 14 5.45 -8.94 5.62
N ARG A 15 4.31 -8.77 6.29
CA ARG A 15 3.07 -9.42 5.87
C ARG A 15 2.04 -8.37 5.44
N ALA A 16 1.61 -8.46 4.18
CA ALA A 16 0.63 -7.53 3.65
C ALA A 16 -0.76 -8.16 3.60
N SER A 17 -1.70 -7.56 4.35
CA SER A 17 -3.06 -8.07 4.40
C SER A 17 -4.06 -6.93 4.53
N GLY A 18 -5.33 -7.22 4.28
CA GLY A 18 -6.36 -6.21 4.37
C GLY A 18 -7.15 -6.05 3.08
N PRO A 19 -8.11 -5.11 3.08
CA PRO A 19 -8.95 -4.84 1.92
C PRO A 19 -8.18 -4.19 0.78
N GLY A 20 -7.34 -3.21 1.12
CA GLY A 20 -6.56 -2.52 0.11
C GLY A 20 -5.68 -3.47 -0.68
N LEU A 21 -5.34 -4.60 -0.08
CA LEU A 21 -4.50 -5.60 -0.75
C LEU A 21 -5.31 -6.81 -1.16
N ASN A 22 -6.55 -6.57 -1.60
CA ASN A 22 -7.43 -7.64 -2.04
C ASN A 22 -7.08 -8.11 -3.45
N ALA A 23 -6.71 -9.38 -3.57
CA ALA A 23 -6.35 -9.95 -4.86
C ALA A 23 -7.60 -10.25 -5.70
N SER A 24 -8.71 -10.51 -5.02
CA SER A 24 -9.96 -10.83 -5.68
C SER A 24 -10.53 -9.60 -6.39
N GLY A 25 -10.14 -8.41 -5.90
CA GLY A 25 -10.61 -7.18 -6.48
C GLY A 25 -11.25 -6.26 -5.46
N ILE A 26 -10.92 -4.98 -5.54
CA ILE A 26 -11.46 -4.00 -4.60
C ILE A 26 -12.36 -2.99 -5.33
N PRO A 27 -13.43 -2.57 -4.65
CA PRO A 27 -14.39 -1.61 -5.20
C PRO A 27 -13.80 -0.20 -5.33
N ALA A 28 -13.57 0.22 -6.58
CA ALA A 28 -13.00 1.54 -6.83
C ALA A 28 -13.93 2.64 -6.32
N SER A 29 -13.44 3.87 -6.34
CA SER A 29 -14.22 5.02 -5.87
C SER A 29 -14.59 4.85 -4.41
N LEU A 30 -13.66 4.35 -3.61
CA LEU A 30 -13.89 4.14 -2.19
C LEU A 30 -12.57 4.12 -1.43
N PRO A 31 -12.56 4.75 -0.24
CA PRO A 31 -11.37 4.81 0.61
C PRO A 31 -11.03 3.45 1.22
N VAL A 32 -9.96 2.84 0.72
CA VAL A 32 -9.53 1.54 1.22
C VAL A 32 -8.16 1.64 1.89
N GLU A 33 -7.99 0.89 2.98
CA GLU A 33 -6.73 0.89 3.72
C GLU A 33 -6.35 -0.51 4.15
N PHE A 34 -5.07 -0.86 4.01
CA PHE A 34 -4.58 -2.18 4.39
C PHE A 34 -3.76 -2.10 5.66
N THR A 35 -3.17 -3.23 6.05
CA THR A 35 -2.35 -3.29 7.26
C THR A 35 -1.11 -4.14 7.04
N ILE A 36 0.05 -3.55 7.28
CA ILE A 36 1.32 -4.26 7.11
C ILE A 36 1.84 -4.79 8.45
N ASP A 37 1.54 -6.04 8.74
CA ASP A 37 1.98 -6.67 9.98
C ASP A 37 3.43 -7.12 9.88
N ALA A 38 4.34 -6.26 10.31
CA ALA A 38 5.77 -6.58 10.27
C ALA A 38 6.42 -6.35 11.63
N ARG A 39 6.95 -7.42 12.21
CA ARG A 39 7.60 -7.35 13.51
C ARG A 39 9.11 -7.18 13.36
N ASP A 40 9.73 -8.13 12.67
CA ASP A 40 11.18 -8.09 12.45
C ASP A 40 11.50 -7.56 11.05
N ALA A 41 10.63 -6.70 10.54
CA ALA A 41 10.82 -6.12 9.21
C ALA A 41 12.08 -5.25 9.17
N GLY A 42 12.60 -4.91 10.35
CA GLY A 42 13.79 -4.08 10.42
C GLY A 42 13.55 -2.79 11.17
N GLU A 43 14.62 -2.07 11.46
CA GLU A 43 14.52 -0.80 12.18
C GLU A 43 14.55 0.38 11.21
N GLY A 44 13.53 0.45 10.35
CA GLY A 44 13.44 1.53 9.40
C GLY A 44 12.04 2.08 9.26
N LEU A 45 11.77 2.74 8.13
CA LEU A 45 10.46 3.33 7.90
C LEU A 45 9.79 2.68 6.68
N LEU A 46 8.52 2.31 6.83
CA LEU A 46 7.78 1.69 5.74
C LEU A 46 7.33 2.73 4.72
N THR A 47 7.36 2.36 3.44
CA THR A 47 6.96 3.26 2.37
C THR A 47 5.98 2.59 1.42
N VAL A 48 4.95 3.31 1.02
CA VAL A 48 3.95 2.78 0.11
C VAL A 48 3.69 3.73 -1.05
N GLN A 49 3.63 3.19 -2.26
CA GLN A 49 3.39 3.99 -3.45
C GLN A 49 2.36 3.33 -4.36
N ILE A 50 1.45 4.14 -4.90
CA ILE A 50 0.42 3.62 -5.78
C ILE A 50 0.42 4.36 -7.12
N LEU A 51 0.43 3.60 -8.21
CA LEU A 51 0.44 4.19 -9.54
C LEU A 51 -0.86 3.87 -10.29
N ASP A 52 -1.67 4.90 -10.52
CA ASP A 52 -2.93 4.72 -11.23
C ASP A 52 -2.77 3.83 -12.44
N PRO A 53 -3.89 3.31 -12.97
CA PRO A 53 -3.89 2.43 -14.13
C PRO A 53 -3.53 3.16 -15.41
N GLU A 54 -3.13 4.43 -15.27
CA GLU A 54 -2.75 5.24 -16.42
C GLU A 54 -1.24 5.39 -16.50
N GLY A 55 -0.58 5.36 -15.35
CA GLY A 55 0.87 5.49 -15.30
C GLY A 55 1.30 6.76 -14.60
N LYS A 56 0.58 7.14 -13.55
CA LYS A 56 0.90 8.34 -12.79
C LYS A 56 0.91 8.05 -11.29
N PRO A 57 1.73 8.80 -10.55
CA PRO A 57 1.84 8.66 -9.10
C PRO A 57 0.59 9.13 -8.36
N LYS A 58 0.14 8.33 -7.40
CA LYS A 58 -1.04 8.67 -6.61
C LYS A 58 -0.66 9.15 -5.22
N LYS A 59 -1.67 9.48 -4.42
CA LYS A 59 -1.44 9.96 -3.06
C LYS A 59 -1.83 8.90 -2.04
N ALA A 60 -0.87 8.48 -1.22
CA ALA A 60 -1.12 7.47 -0.20
C ALA A 60 -0.67 7.96 1.18
N ASN A 61 -1.27 7.40 2.22
CA ASN A 61 -0.93 7.77 3.59
C ASN A 61 -0.38 6.58 4.37
N ILE A 62 0.60 6.83 5.21
CA ILE A 62 1.20 5.77 6.02
C ILE A 62 1.19 6.13 7.50
N ARG A 63 0.85 5.16 8.34
CA ARG A 63 0.80 5.38 9.78
C ARG A 63 1.61 4.31 10.52
N ASP A 64 2.27 4.72 11.59
CA ASP A 64 3.09 3.81 12.38
C ASP A 64 2.34 3.38 13.64
N ASN A 65 2.19 2.07 13.81
CA ASN A 65 1.50 1.53 14.98
C ASN A 65 2.45 1.34 16.15
N GLY A 66 3.69 0.94 15.84
CA GLY A 66 4.69 0.72 16.88
C GLY A 66 4.63 -0.67 17.46
N ASP A 67 3.47 -1.33 17.34
CA ASP A 67 3.30 -2.67 17.86
C ASP A 67 3.76 -3.71 16.84
N GLY A 68 4.75 -3.33 16.02
CA GLY A 68 5.26 -4.24 15.02
C GLY A 68 4.36 -4.34 13.81
N THR A 69 3.65 -3.26 13.50
CA THR A 69 2.75 -3.23 12.35
C THR A 69 2.61 -1.83 11.79
N TYR A 70 1.86 -1.70 10.71
CA TYR A 70 1.65 -0.41 10.06
C TYR A 70 0.29 -0.35 9.38
N THR A 71 -0.17 0.87 9.09
CA THR A 71 -1.46 1.06 8.44
C THR A 71 -1.34 2.01 7.25
N VAL A 72 -1.99 1.66 6.15
CA VAL A 72 -1.96 2.48 4.95
C VAL A 72 -3.36 2.64 4.35
N SER A 73 -3.70 3.87 4.00
CA SER A 73 -5.00 4.16 3.41
C SER A 73 -4.86 4.90 2.09
N TYR A 74 -5.77 4.64 1.16
CA TYR A 74 -5.75 5.28 -0.14
C TYR A 74 -7.12 5.23 -0.80
N LEU A 75 -7.32 6.09 -1.79
CA LEU A 75 -8.59 6.14 -2.51
C LEU A 75 -8.37 6.05 -4.02
N PRO A 76 -8.52 4.83 -4.56
CA PRO A 76 -8.35 4.58 -6.00
C PRO A 76 -9.46 5.19 -6.84
N ASP A 77 -9.29 6.47 -7.19
CA ASP A 77 -10.28 7.17 -7.99
C ASP A 77 -10.62 6.39 -9.24
N MET A 78 -9.61 6.12 -10.06
CA MET A 78 -9.80 5.38 -11.30
C MET A 78 -9.94 3.88 -11.02
N SER A 79 -10.24 3.11 -12.06
CA SER A 79 -10.41 1.67 -11.92
C SER A 79 -9.45 0.93 -12.85
N GLY A 80 -8.96 -0.22 -12.39
CA GLY A 80 -8.05 -1.02 -13.19
C GLY A 80 -6.97 -1.66 -12.36
N ARG A 81 -5.87 -2.05 -13.01
CA ARG A 81 -4.76 -2.69 -12.32
C ARG A 81 -3.85 -1.65 -11.67
N TYR A 82 -3.97 -1.50 -10.35
CA TYR A 82 -3.16 -0.54 -9.62
C TYR A 82 -1.83 -1.16 -9.19
N THR A 83 -0.77 -0.37 -9.27
CA THR A 83 0.56 -0.85 -8.89
C THR A 83 0.96 -0.30 -7.53
N ILE A 84 0.92 -1.15 -6.51
CA ILE A 84 1.29 -0.76 -5.15
C ILE A 84 2.71 -1.21 -4.82
N THR A 85 3.64 -0.25 -4.81
CA THR A 85 5.03 -0.55 -4.50
C THR A 85 5.34 -0.27 -3.04
N ILE A 86 5.67 -1.32 -2.30
CA ILE A 86 5.98 -1.19 -0.88
C ILE A 86 7.45 -1.52 -0.61
N LYS A 87 8.16 -0.58 -0.01
CA LYS A 87 9.58 -0.77 0.31
C LYS A 87 9.84 -0.49 1.78
N TYR A 88 10.62 -1.36 2.41
CA TYR A 88 10.96 -1.20 3.82
C TYR A 88 12.40 -0.73 3.99
N GLY A 89 12.57 0.38 4.71
CA GLY A 89 13.90 0.93 4.93
C GLY A 89 14.81 0.73 3.73
N GLY A 90 14.24 0.85 2.54
CA GLY A 90 15.04 0.68 1.33
C GLY A 90 15.16 -0.77 0.91
N ASP A 91 14.06 -1.51 1.03
CA ASP A 91 14.06 -2.92 0.66
C ASP A 91 12.67 -3.35 0.18
N GLU A 92 12.53 -3.57 -1.12
CA GLU A 92 11.26 -3.98 -1.70
C GLU A 92 10.87 -5.37 -1.22
N ILE A 93 9.63 -5.51 -0.78
CA ILE A 93 9.13 -6.78 -0.28
C ILE A 93 9.03 -7.80 -1.42
N PRO A 94 9.15 -9.10 -1.06
CA PRO A 94 9.07 -10.19 -2.02
C PRO A 94 7.67 -10.37 -2.59
N TYR A 95 6.75 -9.50 -2.18
CA TYR A 95 5.37 -9.56 -2.65
C TYR A 95 5.08 -8.44 -3.64
N SER A 96 5.96 -7.45 -3.68
CA SER A 96 5.80 -6.31 -4.58
C SER A 96 6.50 -6.57 -5.91
N PRO A 97 6.01 -5.91 -6.98
CA PRO A 97 4.86 -5.02 -6.89
C PRO A 97 3.56 -5.76 -6.62
N PHE A 98 2.67 -5.14 -5.84
CA PHE A 98 1.39 -5.75 -5.50
C PHE A 98 0.36 -5.46 -6.59
N ARG A 99 0.05 -6.48 -7.39
CA ARG A 99 -0.92 -6.34 -8.47
C ARG A 99 -2.34 -6.41 -7.92
N ILE A 100 -3.02 -5.27 -7.93
CA ILE A 100 -4.40 -5.20 -7.44
C ILE A 100 -5.36 -4.74 -8.54
N HIS A 101 -6.57 -5.27 -8.51
CA HIS A 101 -7.58 -4.92 -9.50
C HIS A 101 -8.75 -4.19 -8.86
N ALA A 102 -9.03 -2.98 -9.34
CA ALA A 102 -10.13 -2.18 -8.82
C ALA A 102 -11.33 -2.23 -9.73
N LEU A 103 -12.42 -2.83 -9.25
CA LEU A 103 -13.64 -2.94 -10.04
C LEU A 103 -14.49 -1.69 -9.90
N PRO A 104 -15.06 -1.24 -11.03
CA PRO A 104 -15.91 -0.04 -11.07
C PRO A 104 -17.24 -0.25 -10.36
N THR A 105 -17.36 0.31 -9.16
CA THR A 105 -18.57 0.19 -8.36
C THR A 105 -19.73 0.93 -9.02
N GLY A 106 -20.46 0.22 -9.89
CA GLY A 106 -21.59 0.82 -10.57
C GLY A 106 -22.72 1.19 -9.62
N ASP A 107 -23.08 0.26 -8.76
CA ASP A 107 -24.15 0.49 -7.78
C ASP A 107 -23.93 1.79 -7.02
N ALA A 108 -22.74 1.91 -6.42
CA ALA A 108 -22.40 3.10 -5.65
C ALA A 108 -22.66 4.36 -6.45
N SER A 109 -23.73 5.09 -6.10
CA SER A 109 -24.08 6.31 -6.80
C SER A 109 -22.92 7.31 -6.77
N SER A 110 -22.33 7.48 -5.60
CA SER A 110 -21.21 8.40 -5.45
C SER A 110 -20.33 7.99 -4.27
N GLY A 111 -19.16 8.62 -4.17
CA GLY A 111 -18.24 8.30 -3.10
C GLY A 111 -17.29 9.44 -2.80
N PRO A 112 -16.13 9.45 -3.47
CA PRO A 112 -15.11 10.48 -3.28
C PRO A 112 -15.55 11.84 -3.83
N SER A 113 -15.11 12.91 -3.18
CA SER A 113 -15.45 14.25 -3.61
C SER A 113 -14.21 15.14 -3.71
N SER A 114 -13.34 15.04 -2.71
CA SER A 114 -12.12 15.84 -2.70
C SER A 114 -10.91 14.96 -2.34
N GLY A 115 -10.96 14.36 -1.15
CA GLY A 115 -9.87 13.51 -0.73
C GLY A 115 -9.60 12.36 -1.69
N GLY A 1 21.55 15.64 7.00
CA GLY A 1 21.52 16.17 8.36
C GLY A 1 22.22 15.26 9.35
N SER A 2 21.84 13.98 9.34
CA SER A 2 22.43 13.00 10.25
C SER A 2 22.65 11.67 9.55
N SER A 3 23.50 10.83 10.14
CA SER A 3 23.80 9.52 9.57
C SER A 3 24.36 8.58 10.63
N GLY A 4 24.49 7.31 10.28
CA GLY A 4 25.01 6.33 11.21
C GLY A 4 23.95 5.39 11.72
N SER A 5 23.77 4.26 11.03
CA SER A 5 22.76 3.28 11.42
C SER A 5 23.05 1.93 10.76
N SER A 6 22.62 0.86 11.42
CA SER A 6 22.83 -0.49 10.90
C SER A 6 21.74 -0.85 9.88
N GLY A 7 22.17 -1.30 8.70
CA GLY A 7 21.23 -1.67 7.66
C GLY A 7 20.82 -3.13 7.75
N ALA A 8 20.21 -3.51 8.87
CA ALA A 8 19.77 -4.89 9.07
C ALA A 8 18.25 -4.98 9.07
N HIS A 9 17.67 -4.89 7.87
CA HIS A 9 16.22 -4.97 7.73
C HIS A 9 15.83 -6.06 6.73
N ASP A 10 14.75 -6.79 7.04
CA ASP A 10 14.27 -7.86 6.17
C ASP A 10 12.87 -7.55 5.66
N ALA A 11 12.80 -7.00 4.45
CA ALA A 11 11.52 -6.65 3.84
C ALA A 11 10.69 -7.91 3.58
N SER A 12 11.34 -9.06 3.59
CA SER A 12 10.66 -10.33 3.35
C SER A 12 9.85 -10.75 4.57
N LYS A 13 10.13 -10.12 5.70
CA LYS A 13 9.43 -10.42 6.94
C LYS A 13 8.21 -9.53 7.11
N VAL A 14 7.78 -8.91 6.02
CA VAL A 14 6.62 -8.03 6.03
C VAL A 14 5.37 -8.76 5.57
N ARG A 15 4.30 -8.65 6.35
CA ARG A 15 3.03 -9.29 6.01
C ARG A 15 2.04 -8.30 5.42
N ALA A 16 1.16 -8.79 4.55
CA ALA A 16 0.17 -7.94 3.90
C ALA A 16 -1.20 -8.61 3.90
N SER A 17 -2.18 -7.95 4.51
CA SER A 17 -3.53 -8.49 4.58
C SER A 17 -4.54 -7.40 4.92
N GLY A 18 -5.57 -7.27 4.10
CA GLY A 18 -6.58 -6.26 4.33
C GLY A 18 -7.47 -6.03 3.12
N PRO A 19 -8.40 -5.08 3.24
CA PRO A 19 -9.32 -4.74 2.15
C PRO A 19 -8.63 -4.05 0.98
N GLY A 20 -7.66 -3.19 1.29
CA GLY A 20 -6.93 -2.49 0.26
C GLY A 20 -6.07 -3.41 -0.58
N LEU A 21 -5.56 -4.48 0.05
CA LEU A 21 -4.71 -5.44 -0.64
C LEU A 21 -5.54 -6.61 -1.15
N ASN A 22 -6.82 -6.36 -1.44
CA ASN A 22 -7.71 -7.39 -1.94
C ASN A 22 -7.27 -7.87 -3.32
N ALA A 23 -6.81 -9.12 -3.39
CA ALA A 23 -6.35 -9.70 -4.64
C ALA A 23 -7.53 -10.11 -5.51
N SER A 24 -8.68 -10.35 -4.88
CA SER A 24 -9.88 -10.75 -5.59
C SER A 24 -10.55 -9.55 -6.26
N GLY A 25 -10.08 -8.36 -5.92
CA GLY A 25 -10.63 -7.15 -6.50
C GLY A 25 -11.10 -6.16 -5.44
N ILE A 26 -10.65 -4.91 -5.56
CA ILE A 26 -11.03 -3.88 -4.60
C ILE A 26 -12.06 -2.93 -5.20
N PRO A 27 -13.00 -2.47 -4.36
CA PRO A 27 -14.06 -1.56 -4.78
C PRO A 27 -13.53 -0.16 -5.10
N ALA A 28 -13.48 0.18 -6.38
CA ALA A 28 -12.99 1.48 -6.81
C ALA A 28 -13.91 2.59 -6.31
N SER A 29 -13.45 3.83 -6.44
CA SER A 29 -14.22 4.99 -6.00
C SER A 29 -14.61 4.86 -4.53
N LEU A 30 -13.76 4.17 -3.76
CA LEU A 30 -14.02 3.97 -2.34
C LEU A 30 -12.70 3.94 -1.56
N PRO A 31 -12.69 4.60 -0.39
CA PRO A 31 -11.52 4.66 0.48
C PRO A 31 -11.20 3.31 1.12
N VAL A 32 -10.06 2.73 0.73
CA VAL A 32 -9.65 1.44 1.26
C VAL A 32 -8.29 1.54 1.95
N GLU A 33 -8.12 0.79 3.04
CA GLU A 33 -6.87 0.80 3.78
C GLU A 33 -6.50 -0.61 4.23
N PHE A 34 -5.23 -0.97 4.05
CA PHE A 34 -4.74 -2.28 4.41
C PHE A 34 -3.88 -2.20 5.68
N THR A 35 -3.29 -3.33 6.06
CA THR A 35 -2.44 -3.39 7.24
C THR A 35 -1.18 -4.20 6.97
N ILE A 36 -0.03 -3.62 7.31
CA ILE A 36 1.25 -4.29 7.11
C ILE A 36 1.87 -4.72 8.44
N ASP A 37 1.59 -5.95 8.84
CA ASP A 37 2.12 -6.48 10.10
C ASP A 37 3.56 -6.95 9.92
N ALA A 38 4.51 -6.12 10.33
CA ALA A 38 5.92 -6.46 10.22
C ALA A 38 6.63 -6.28 11.56
N ARG A 39 7.16 -7.38 12.10
CA ARG A 39 7.86 -7.34 13.38
C ARG A 39 9.37 -7.21 13.15
N ASP A 40 9.95 -8.16 12.43
CA ASP A 40 11.37 -8.15 12.16
C ASP A 40 11.65 -7.58 10.77
N ALA A 41 10.79 -6.67 10.32
CA ALA A 41 10.94 -6.04 9.01
C ALA A 41 12.17 -5.13 8.99
N GLY A 42 12.79 -4.94 10.15
CA GLY A 42 13.96 -4.09 10.24
C GLY A 42 13.71 -2.81 11.01
N GLU A 43 14.77 -2.13 11.38
CA GLU A 43 14.66 -0.88 12.14
C GLU A 43 14.69 0.32 11.22
N GLY A 44 13.71 0.39 10.31
CA GLY A 44 13.64 1.49 9.38
C GLY A 44 12.25 2.09 9.28
N LEU A 45 11.93 2.67 8.12
CA LEU A 45 10.62 3.28 7.92
C LEU A 45 9.91 2.63 6.74
N LEU A 46 8.63 2.31 6.93
CA LEU A 46 7.83 1.68 5.88
C LEU A 46 7.35 2.72 4.87
N THR A 47 7.45 2.39 3.59
CA THR A 47 7.03 3.29 2.52
C THR A 47 6.06 2.60 1.58
N VAL A 48 5.04 3.34 1.14
CA VAL A 48 4.04 2.79 0.22
C VAL A 48 3.79 3.75 -0.94
N GLN A 49 3.67 3.20 -2.14
CA GLN A 49 3.43 4.01 -3.33
C GLN A 49 2.42 3.32 -4.25
N ILE A 50 1.55 4.11 -4.86
CA ILE A 50 0.54 3.59 -5.76
C ILE A 50 0.57 4.30 -7.11
N LEU A 51 0.59 3.52 -8.19
CA LEU A 51 0.63 4.08 -9.54
C LEU A 51 -0.67 3.78 -10.28
N ASP A 52 -1.45 4.82 -10.56
CA ASP A 52 -2.71 4.67 -11.28
C ASP A 52 -2.54 3.73 -12.47
N PRO A 53 -3.68 3.22 -12.98
CA PRO A 53 -3.69 2.31 -14.13
C PRO A 53 -3.29 3.00 -15.43
N GLU A 54 -2.86 4.25 -15.31
CA GLU A 54 -2.44 5.02 -16.48
C GLU A 54 -0.93 5.15 -16.54
N GLY A 55 -0.29 5.07 -15.37
CA GLY A 55 1.16 5.19 -15.31
C GLY A 55 1.60 6.46 -14.63
N LYS A 56 0.89 6.87 -13.60
CA LYS A 56 1.22 8.08 -12.86
C LYS A 56 1.17 7.83 -11.35
N PRO A 57 1.98 8.61 -10.60
CA PRO A 57 2.04 8.49 -9.15
C PRO A 57 0.77 8.98 -8.46
N LYS A 58 0.35 8.26 -7.42
CA LYS A 58 -0.85 8.61 -6.68
C LYS A 58 -0.50 9.13 -5.29
N LYS A 59 -1.53 9.39 -4.49
CA LYS A 59 -1.33 9.89 -3.13
C LYS A 59 -1.87 8.90 -2.10
N ALA A 60 -0.98 8.38 -1.26
CA ALA A 60 -1.38 7.42 -0.23
C ALA A 60 -0.94 7.89 1.15
N ASN A 61 -1.55 7.32 2.19
CA ASN A 61 -1.22 7.69 3.56
C ASN A 61 -0.61 6.51 4.30
N ILE A 62 0.22 6.80 5.29
CA ILE A 62 0.86 5.77 6.09
C ILE A 62 0.80 6.07 7.58
N ARG A 63 0.50 5.06 8.38
CA ARG A 63 0.40 5.23 9.82
C ARG A 63 1.31 4.23 10.55
N ASP A 64 1.94 4.68 11.63
CA ASP A 64 2.83 3.85 12.41
C ASP A 64 2.15 3.37 13.69
N ASN A 65 1.93 2.06 13.80
CA ASN A 65 1.28 1.49 14.97
C ASN A 65 2.27 1.34 16.12
N GLY A 66 3.49 0.92 15.79
CA GLY A 66 4.51 0.75 16.80
C GLY A 66 4.50 -0.64 17.41
N ASP A 67 3.40 -1.37 17.19
CA ASP A 67 3.26 -2.72 17.72
C ASP A 67 3.78 -3.75 16.71
N GLY A 68 4.74 -3.35 15.90
CA GLY A 68 5.29 -4.24 14.89
C GLY A 68 4.43 -4.34 13.66
N THR A 69 3.64 -3.29 13.40
CA THR A 69 2.76 -3.26 12.24
C THR A 69 2.53 -1.84 11.76
N TYR A 70 1.80 -1.69 10.67
CA TYR A 70 1.50 -0.37 10.10
C TYR A 70 0.17 -0.39 9.37
N THR A 71 -0.38 0.79 9.13
CA THR A 71 -1.65 0.92 8.43
C THR A 71 -1.55 1.94 7.29
N VAL A 72 -2.15 1.60 6.15
CA VAL A 72 -2.14 2.47 4.99
C VAL A 72 -3.52 2.62 4.39
N SER A 73 -3.84 3.83 3.95
CA SER A 73 -5.15 4.11 3.36
C SER A 73 -5.00 4.86 2.04
N TYR A 74 -5.88 4.56 1.09
CA TYR A 74 -5.85 5.20 -0.22
C TYR A 74 -7.22 5.15 -0.89
N LEU A 75 -7.41 6.02 -1.87
CA LEU A 75 -8.68 6.07 -2.60
C LEU A 75 -8.45 5.96 -4.10
N PRO A 76 -8.61 4.75 -4.64
CA PRO A 76 -8.43 4.48 -6.06
C PRO A 76 -9.52 5.09 -6.92
N ASP A 77 -9.29 6.31 -7.40
CA ASP A 77 -10.26 7.00 -8.22
C ASP A 77 -10.34 6.38 -9.62
N MET A 78 -9.18 6.15 -10.22
CA MET A 78 -9.12 5.56 -11.56
C MET A 78 -9.12 4.04 -11.47
N SER A 79 -10.30 3.44 -11.59
CA SER A 79 -10.44 1.99 -11.53
C SER A 79 -9.46 1.31 -12.49
N GLY A 80 -9.07 0.09 -12.15
CA GLY A 80 -8.14 -0.65 -12.99
C GLY A 80 -7.06 -1.34 -12.18
N ARG A 81 -6.03 -1.83 -12.88
CA ARG A 81 -4.93 -2.51 -12.23
C ARG A 81 -3.96 -1.51 -11.61
N TYR A 82 -3.95 -1.44 -10.29
CA TYR A 82 -3.07 -0.52 -9.57
C TYR A 82 -1.78 -1.21 -9.16
N THR A 83 -0.66 -0.48 -9.26
CA THR A 83 0.64 -1.02 -8.90
C THR A 83 1.12 -0.45 -7.58
N ILE A 84 1.06 -1.25 -6.52
CA ILE A 84 1.50 -0.81 -5.20
C ILE A 84 2.93 -1.25 -4.92
N THR A 85 3.80 -0.28 -4.70
CA THR A 85 5.20 -0.57 -4.42
C THR A 85 5.55 -0.30 -2.96
N ILE A 86 5.62 -1.37 -2.17
CA ILE A 86 5.93 -1.25 -0.75
C ILE A 86 7.40 -1.56 -0.48
N LYS A 87 8.12 -0.55 0.01
CA LYS A 87 9.54 -0.71 0.30
C LYS A 87 9.82 -0.44 1.77
N TYR A 88 10.72 -1.23 2.36
CA TYR A 88 11.07 -1.08 3.76
C TYR A 88 12.54 -0.67 3.91
N GLY A 89 12.77 0.44 4.62
CA GLY A 89 14.11 0.93 4.82
C GLY A 89 14.98 0.77 3.58
N GLY A 90 14.36 0.90 2.41
CA GLY A 90 15.10 0.77 1.17
C GLY A 90 15.17 -0.67 0.68
N ASP A 91 14.18 -1.47 1.06
CA ASP A 91 14.14 -2.87 0.65
C ASP A 91 12.73 -3.27 0.21
N GLU A 92 12.56 -3.41 -1.10
CA GLU A 92 11.26 -3.78 -1.66
C GLU A 92 10.86 -5.18 -1.22
N ILE A 93 9.63 -5.33 -0.76
CA ILE A 93 9.13 -6.63 -0.32
C ILE A 93 9.06 -7.62 -1.47
N PRO A 94 9.23 -8.91 -1.15
CA PRO A 94 9.20 -9.98 -2.15
C PRO A 94 7.79 -10.21 -2.71
N TYR A 95 6.85 -9.38 -2.27
CA TYR A 95 5.47 -9.49 -2.72
C TYR A 95 5.09 -8.32 -3.64
N SER A 96 6.00 -7.36 -3.74
CA SER A 96 5.77 -6.19 -4.58
C SER A 96 6.51 -6.32 -5.91
N PRO A 97 5.98 -5.64 -6.95
CA PRO A 97 4.78 -4.81 -6.82
C PRO A 97 3.53 -5.64 -6.60
N PHE A 98 2.61 -5.13 -5.78
CA PHE A 98 1.36 -5.83 -5.49
C PHE A 98 0.32 -5.54 -6.56
N ARG A 99 -0.06 -6.56 -7.32
CA ARG A 99 -1.05 -6.41 -8.38
C ARG A 99 -2.47 -6.40 -7.80
N ILE A 100 -3.05 -5.21 -7.70
CA ILE A 100 -4.39 -5.07 -7.17
C ILE A 100 -5.35 -4.53 -8.23
N HIS A 101 -6.36 -5.33 -8.57
CA HIS A 101 -7.35 -4.93 -9.57
C HIS A 101 -8.54 -4.26 -8.91
N ALA A 102 -8.92 -3.09 -9.43
CA ALA A 102 -10.07 -2.36 -8.89
C ALA A 102 -11.27 -2.46 -9.81
N LEU A 103 -12.45 -2.58 -9.22
CA LEU A 103 -13.69 -2.69 -9.99
C LEU A 103 -14.64 -1.55 -9.65
N PRO A 104 -15.36 -1.06 -10.66
CA PRO A 104 -16.32 0.04 -10.50
C PRO A 104 -17.56 -0.39 -9.72
N THR A 105 -17.69 0.14 -8.50
CA THR A 105 -18.83 -0.20 -7.65
C THR A 105 -20.01 0.74 -7.92
N GLY A 106 -21.22 0.19 -7.87
CA GLY A 106 -22.40 0.99 -8.11
C GLY A 106 -23.11 1.38 -6.83
N ASP A 107 -23.89 2.46 -6.88
CA ASP A 107 -24.62 2.92 -5.71
C ASP A 107 -23.68 3.17 -4.54
N ALA A 108 -22.54 3.80 -4.83
CA ALA A 108 -21.55 4.11 -3.80
C ALA A 108 -21.65 5.56 -3.35
N SER A 109 -21.79 5.76 -2.05
CA SER A 109 -21.89 7.11 -1.49
C SER A 109 -20.53 7.64 -1.09
N SER A 110 -19.74 6.80 -0.43
CA SER A 110 -18.41 7.19 0.02
C SER A 110 -17.43 7.22 -1.15
N GLY A 111 -16.44 8.10 -1.07
CA GLY A 111 -15.45 8.21 -2.13
C GLY A 111 -15.03 9.65 -2.37
N PRO A 112 -14.50 9.93 -3.56
CA PRO A 112 -14.04 11.26 -3.94
C PRO A 112 -15.19 12.24 -4.11
N SER A 113 -15.51 12.97 -3.04
CA SER A 113 -16.60 13.94 -3.08
C SER A 113 -16.05 15.36 -3.00
N SER A 114 -16.09 16.07 -4.13
CA SER A 114 -15.60 17.44 -4.19
C SER A 114 -16.12 18.15 -5.43
N GLY A 115 -16.03 19.48 -5.43
CA GLY A 115 -16.50 20.26 -6.56
C GLY A 115 -15.42 21.15 -7.14
N GLY A 1 31.08 -8.20 -2.61
CA GLY A 1 30.08 -8.91 -1.83
C GLY A 1 29.02 -7.97 -1.26
N SER A 2 29.39 -7.25 -0.21
CA SER A 2 28.46 -6.32 0.43
C SER A 2 28.40 -5.00 -0.33
N SER A 3 27.38 -4.85 -1.17
CA SER A 3 27.21 -3.64 -1.96
C SER A 3 26.04 -2.81 -1.43
N GLY A 4 26.22 -1.49 -1.39
CA GLY A 4 25.18 -0.61 -0.91
C GLY A 4 25.52 0.01 0.43
N SER A 5 24.50 0.23 1.26
CA SER A 5 24.69 0.83 2.57
C SER A 5 24.54 -0.23 3.67
N SER A 6 24.89 0.15 4.89
CA SER A 6 24.79 -0.75 6.03
C SER A 6 23.40 -0.70 6.65
N GLY A 7 22.83 -1.87 6.90
CA GLY A 7 21.51 -1.94 7.49
C GLY A 7 21.08 -3.37 7.81
N ALA A 8 20.24 -3.52 8.83
CA ALA A 8 19.77 -4.84 9.24
C ALA A 8 18.24 -4.91 9.20
N HIS A 9 17.70 -5.07 8.00
CA HIS A 9 16.24 -5.15 7.83
C HIS A 9 15.89 -6.22 6.81
N ASP A 10 14.75 -6.88 7.04
CA ASP A 10 14.30 -7.94 6.14
C ASP A 10 12.85 -7.71 5.72
N ALA A 11 12.66 -7.05 4.57
CA ALA A 11 11.32 -6.77 4.07
C ALA A 11 10.50 -8.05 3.92
N SER A 12 11.18 -9.13 3.57
CA SER A 12 10.50 -10.42 3.39
C SER A 12 9.71 -10.79 4.63
N LYS A 13 10.01 -10.12 5.75
CA LYS A 13 9.32 -10.38 7.00
C LYS A 13 8.13 -9.44 7.18
N VAL A 14 7.67 -8.87 6.08
CA VAL A 14 6.54 -7.95 6.11
C VAL A 14 5.28 -8.61 5.55
N ARG A 15 4.23 -8.66 6.38
CA ARG A 15 2.97 -9.26 5.97
C ARG A 15 2.02 -8.20 5.43
N ALA A 16 1.42 -8.48 4.26
CA ALA A 16 0.50 -7.56 3.64
C ALA A 16 -0.90 -8.17 3.53
N SER A 17 -1.83 -7.62 4.29
CA SER A 17 -3.22 -8.12 4.30
C SER A 17 -4.20 -6.96 4.41
N GLY A 18 -5.49 -7.27 4.24
CA GLY A 18 -6.51 -6.25 4.33
C GLY A 18 -7.28 -6.10 3.03
N PRO A 19 -8.24 -5.16 3.02
CA PRO A 19 -9.07 -4.88 1.83
C PRO A 19 -8.28 -4.22 0.71
N GLY A 20 -7.46 -3.24 1.06
CA GLY A 20 -6.66 -2.55 0.07
C GLY A 20 -5.79 -3.49 -0.73
N LEU A 21 -5.48 -4.64 -0.15
CA LEU A 21 -4.64 -5.63 -0.82
C LEU A 21 -5.48 -6.84 -1.26
N ASN A 22 -6.74 -6.58 -1.59
CA ASN A 22 -7.65 -7.64 -2.03
C ASN A 22 -7.25 -8.14 -3.42
N ALA A 23 -6.94 -9.43 -3.50
CA ALA A 23 -6.56 -10.05 -4.77
C ALA A 23 -7.78 -10.35 -5.63
N SER A 24 -8.93 -10.49 -4.98
CA SER A 24 -10.17 -10.79 -5.69
C SER A 24 -10.71 -9.55 -6.39
N GLY A 25 -10.29 -8.38 -5.92
CA GLY A 25 -10.73 -7.14 -6.52
C GLY A 25 -11.40 -6.22 -5.51
N ILE A 26 -11.07 -4.93 -5.58
CA ILE A 26 -11.65 -3.95 -4.68
C ILE A 26 -12.50 -2.93 -5.43
N PRO A 27 -13.58 -2.47 -4.77
CA PRO A 27 -14.49 -1.48 -5.37
C PRO A 27 -13.85 -0.11 -5.51
N ALA A 28 -13.54 0.27 -6.74
CA ALA A 28 -12.93 1.57 -7.01
C ALA A 28 -13.82 2.71 -6.55
N SER A 29 -13.27 3.92 -6.51
CA SER A 29 -14.02 5.09 -6.08
C SER A 29 -14.42 4.97 -4.61
N LEU A 30 -13.54 4.39 -3.81
CA LEU A 30 -13.81 4.21 -2.39
C LEU A 30 -12.50 4.20 -1.60
N PRO A 31 -12.50 4.85 -0.43
CA PRO A 31 -11.33 4.92 0.45
C PRO A 31 -11.02 3.57 1.09
N VAL A 32 -9.98 2.91 0.59
CA VAL A 32 -9.58 1.61 1.12
C VAL A 32 -8.23 1.71 1.82
N GLU A 33 -8.04 0.89 2.85
CA GLU A 33 -6.79 0.88 3.60
C GLU A 33 -6.43 -0.54 4.03
N PHE A 34 -5.16 -0.91 3.87
CA PHE A 34 -4.69 -2.23 4.24
C PHE A 34 -3.89 -2.18 5.54
N THR A 35 -3.32 -3.31 5.92
CA THR A 35 -2.53 -3.40 7.15
C THR A 35 -1.23 -4.15 6.91
N ILE A 36 -0.12 -3.51 7.24
CA ILE A 36 1.20 -4.13 7.07
C ILE A 36 1.78 -4.55 8.40
N ASP A 37 1.48 -5.78 8.82
CA ASP A 37 1.98 -6.32 10.08
C ASP A 37 3.41 -6.83 9.92
N ALA A 38 4.38 -6.02 10.36
CA ALA A 38 5.78 -6.41 10.27
C ALA A 38 6.48 -6.26 11.61
N ARG A 39 6.96 -7.37 12.15
CA ARG A 39 7.65 -7.37 13.44
C ARG A 39 9.15 -7.26 13.25
N ASP A 40 9.73 -8.21 12.51
CA ASP A 40 11.16 -8.21 12.26
C ASP A 40 11.47 -7.65 10.87
N ALA A 41 10.69 -6.66 10.45
CA ALA A 41 10.88 -6.03 9.15
C ALA A 41 12.19 -5.26 9.09
N GLY A 42 12.68 -4.87 10.26
CA GLY A 42 13.93 -4.13 10.32
C GLY A 42 13.80 -2.82 11.07
N GLU A 43 14.93 -2.15 11.30
CA GLU A 43 14.93 -0.88 12.01
C GLU A 43 15.04 0.29 11.04
N GLY A 44 13.94 0.55 10.32
CA GLY A 44 13.93 1.64 9.35
C GLY A 44 12.57 2.28 9.22
N LEU A 45 12.27 2.79 8.03
CA LEU A 45 10.99 3.43 7.77
C LEU A 45 10.29 2.79 6.58
N LEU A 46 9.02 2.45 6.76
CA LEU A 46 8.23 1.82 5.70
C LEU A 46 7.74 2.87 4.71
N THR A 47 7.66 2.48 3.44
CA THR A 47 7.20 3.38 2.39
C THR A 47 6.14 2.72 1.51
N VAL A 48 5.12 3.48 1.17
CA VAL A 48 4.04 2.96 0.33
C VAL A 48 3.74 3.91 -0.84
N GLN A 49 3.63 3.34 -2.03
CA GLN A 49 3.35 4.14 -3.22
C GLN A 49 2.35 3.43 -4.13
N ILE A 50 1.41 4.20 -4.69
CA ILE A 50 0.40 3.64 -5.57
C ILE A 50 0.36 4.38 -6.90
N LEU A 51 0.35 3.63 -7.99
CA LEU A 51 0.31 4.21 -9.33
C LEU A 51 -0.97 3.84 -10.04
N ASP A 52 -1.80 4.85 -10.33
CA ASP A 52 -3.07 4.63 -11.02
C ASP A 52 -2.90 3.63 -12.15
N PRO A 53 -4.03 3.10 -12.63
CA PRO A 53 -4.04 2.11 -13.72
C PRO A 53 -3.63 2.72 -15.06
N GLU A 54 -3.19 3.97 -15.02
CA GLU A 54 -2.77 4.68 -16.23
C GLU A 54 -1.25 4.82 -16.28
N GLY A 55 -0.64 4.99 -15.11
CA GLY A 55 0.81 5.14 -15.04
C GLY A 55 1.22 6.46 -14.40
N LYS A 56 0.46 6.90 -13.41
CA LYS A 56 0.76 8.15 -12.71
C LYS A 56 0.79 7.94 -11.20
N PRO A 57 1.56 8.78 -10.50
CA PRO A 57 1.69 8.71 -9.05
C PRO A 57 0.42 9.13 -8.33
N LYS A 58 0.06 8.39 -7.29
CA LYS A 58 -1.15 8.68 -6.52
C LYS A 58 -0.78 9.19 -5.13
N LYS A 59 -1.80 9.42 -4.30
CA LYS A 59 -1.59 9.91 -2.94
C LYS A 59 -2.06 8.88 -1.92
N ALA A 60 -1.12 8.41 -1.09
CA ALA A 60 -1.44 7.43 -0.07
C ALA A 60 -0.98 7.91 1.31
N ASN A 61 -1.55 7.32 2.35
CA ASN A 61 -1.20 7.68 3.72
C ASN A 61 -0.57 6.50 4.45
N ILE A 62 0.24 6.80 5.47
CA ILE A 62 0.91 5.78 6.25
C ILE A 62 0.82 6.07 7.73
N ARG A 63 0.56 5.03 8.54
CA ARG A 63 0.47 5.18 9.98
C ARG A 63 1.41 4.23 10.69
N ASP A 64 2.00 4.69 11.79
CA ASP A 64 2.92 3.87 12.57
C ASP A 64 2.27 3.40 13.87
N ASN A 65 2.02 2.10 13.97
CA ASN A 65 1.41 1.52 15.15
C ASN A 65 2.43 1.35 16.27
N GLY A 66 3.59 0.82 15.92
CA GLY A 66 4.64 0.62 16.90
C GLY A 66 4.64 -0.79 17.46
N ASP A 67 3.52 -1.48 17.32
CA ASP A 67 3.39 -2.85 17.82
C ASP A 67 3.85 -3.85 16.75
N GLY A 68 4.76 -3.42 15.89
CA GLY A 68 5.27 -4.29 14.85
C GLY A 68 4.33 -4.37 13.67
N THR A 69 3.53 -3.32 13.46
CA THR A 69 2.58 -3.28 12.36
C THR A 69 2.41 -1.86 11.83
N TYR A 70 1.72 -1.74 10.70
CA TYR A 70 1.49 -0.43 10.09
C TYR A 70 0.17 -0.42 9.32
N THR A 71 -0.33 0.78 9.02
CA THR A 71 -1.58 0.92 8.29
C THR A 71 -1.44 1.94 7.17
N VAL A 72 -2.11 1.69 6.05
CA VAL A 72 -2.06 2.58 4.90
C VAL A 72 -3.44 2.72 4.26
N SER A 73 -3.84 3.96 4.00
CA SER A 73 -5.12 4.23 3.38
C SER A 73 -4.97 5.01 2.08
N TYR A 74 -5.85 4.76 1.12
CA TYR A 74 -5.80 5.44 -0.17
C TYR A 74 -7.16 5.39 -0.86
N LEU A 75 -7.30 6.19 -1.91
CA LEU A 75 -8.56 6.24 -2.67
C LEU A 75 -8.29 6.10 -4.16
N PRO A 76 -8.44 4.87 -4.67
CA PRO A 76 -8.24 4.57 -6.09
C PRO A 76 -9.30 5.19 -6.98
N ASP A 77 -9.16 6.47 -7.29
CA ASP A 77 -10.12 7.18 -8.13
C ASP A 77 -10.39 6.39 -9.41
N MET A 78 -9.34 6.09 -10.16
CA MET A 78 -9.47 5.35 -11.41
C MET A 78 -9.64 3.85 -11.13
N SER A 79 -10.10 3.12 -12.14
CA SER A 79 -10.30 1.69 -12.01
C SER A 79 -9.33 0.91 -12.90
N GLY A 80 -8.96 -0.29 -12.46
CA GLY A 80 -8.04 -1.11 -13.22
C GLY A 80 -7.01 -1.79 -12.35
N ARG A 81 -5.84 -2.04 -12.91
CA ARG A 81 -4.76 -2.69 -12.17
C ARG A 81 -3.84 -1.67 -11.52
N TYR A 82 -3.93 -1.54 -10.20
CA TYR A 82 -3.10 -0.59 -9.46
C TYR A 82 -1.76 -1.21 -9.09
N THR A 83 -0.70 -0.41 -9.18
CA THR A 83 0.64 -0.86 -8.86
C THR A 83 1.12 -0.29 -7.53
N ILE A 84 1.04 -1.10 -6.47
CA ILE A 84 1.47 -0.67 -5.15
C ILE A 84 2.90 -1.11 -4.87
N THR A 85 3.78 -0.14 -4.64
CA THR A 85 5.18 -0.43 -4.35
C THR A 85 5.50 -0.20 -2.88
N ILE A 86 5.76 -1.28 -2.16
CA ILE A 86 6.08 -1.20 -0.74
C ILE A 86 7.55 -1.55 -0.48
N LYS A 87 8.30 -0.58 0.04
CA LYS A 87 9.71 -0.78 0.32
C LYS A 87 10.01 -0.50 1.80
N TYR A 88 10.85 -1.33 2.39
CA TYR A 88 11.23 -1.17 3.79
C TYR A 88 12.67 -0.71 3.93
N GLY A 89 12.88 0.40 4.64
CA GLY A 89 14.22 0.92 4.84
C GLY A 89 15.10 0.72 3.62
N GLY A 90 14.50 0.80 2.44
CA GLY A 90 15.26 0.62 1.21
C GLY A 90 15.33 -0.83 0.78
N ASP A 91 14.24 -1.57 0.99
CA ASP A 91 14.18 -2.98 0.62
C ASP A 91 12.79 -3.37 0.18
N GLU A 92 12.61 -3.55 -1.13
CA GLU A 92 11.31 -3.92 -1.69
C GLU A 92 10.94 -5.35 -1.30
N ILE A 93 9.79 -5.50 -0.68
CA ILE A 93 9.31 -6.83 -0.25
C ILE A 93 9.21 -7.77 -1.43
N PRO A 94 9.34 -9.08 -1.16
CA PRO A 94 9.26 -10.12 -2.19
C PRO A 94 7.85 -10.29 -2.73
N TYR A 95 6.93 -9.44 -2.26
CA TYR A 95 5.54 -9.50 -2.69
C TYR A 95 5.23 -8.38 -3.67
N SER A 96 6.02 -7.30 -3.60
CA SER A 96 5.83 -6.16 -4.48
C SER A 96 6.56 -6.36 -5.81
N PRO A 97 6.06 -5.72 -6.87
CA PRO A 97 4.86 -4.86 -6.77
C PRO A 97 3.59 -5.66 -6.53
N PHE A 98 2.68 -5.09 -5.76
CA PHE A 98 1.41 -5.74 -5.44
C PHE A 98 0.38 -5.50 -6.54
N ARG A 99 0.11 -6.52 -7.33
CA ARG A 99 -0.85 -6.42 -8.42
C ARG A 99 -2.28 -6.50 -7.89
N ILE A 100 -2.95 -5.35 -7.84
CA ILE A 100 -4.33 -5.30 -7.36
C ILE A 100 -5.29 -4.86 -8.46
N HIS A 101 -6.54 -5.30 -8.36
CA HIS A 101 -7.55 -4.95 -9.35
C HIS A 101 -8.70 -4.17 -8.71
N ALA A 102 -9.07 -3.06 -9.34
CA ALA A 102 -10.15 -2.22 -8.82
C ALA A 102 -11.37 -2.27 -9.75
N LEU A 103 -12.46 -2.84 -9.25
CA LEU A 103 -13.68 -2.96 -10.04
C LEU A 103 -14.52 -1.69 -9.91
N PRO A 104 -15.08 -1.24 -11.04
CA PRO A 104 -15.92 -0.03 -11.08
C PRO A 104 -17.25 -0.24 -10.38
N THR A 105 -17.33 0.20 -9.14
CA THR A 105 -18.56 0.07 -8.36
C THR A 105 -19.65 1.00 -8.88
N GLY A 106 -19.27 2.24 -9.18
CA GLY A 106 -20.22 3.22 -9.69
C GLY A 106 -21.08 3.79 -8.60
N ASP A 107 -21.77 2.94 -7.86
CA ASP A 107 -22.65 3.37 -6.77
C ASP A 107 -21.88 4.23 -5.78
N ALA A 108 -22.29 5.49 -5.64
CA ALA A 108 -21.64 6.42 -4.72
C ALA A 108 -22.20 6.27 -3.31
N SER A 109 -21.36 5.82 -2.39
CA SER A 109 -21.78 5.62 -1.00
C SER A 109 -20.57 5.43 -0.09
N SER A 110 -20.57 6.09 1.05
CA SER A 110 -19.47 5.99 2.00
C SER A 110 -18.14 6.17 1.31
N GLY A 111 -18.08 7.10 0.36
CA GLY A 111 -16.85 7.36 -0.36
C GLY A 111 -16.46 8.82 -0.34
N PRO A 112 -15.68 9.24 -1.35
CA PRO A 112 -15.21 10.62 -1.46
C PRO A 112 -16.33 11.59 -1.80
N SER A 113 -17.34 11.09 -2.51
CA SER A 113 -18.47 11.91 -2.91
C SER A 113 -18.02 13.13 -3.70
N SER A 114 -17.24 12.89 -4.75
CA SER A 114 -16.74 13.96 -5.59
C SER A 114 -16.82 13.59 -7.07
N GLY A 115 -17.21 14.56 -7.89
CA GLY A 115 -17.33 14.31 -9.32
C GLY A 115 -16.94 15.52 -10.14
N GLY A 1 20.49 13.23 -0.97
CA GLY A 1 21.46 12.17 -1.13
C GLY A 1 21.52 11.24 0.08
N SER A 2 20.85 10.10 -0.02
CA SER A 2 20.82 9.14 1.07
C SER A 2 22.15 8.38 1.17
N SER A 3 22.79 8.47 2.33
CA SER A 3 24.07 7.80 2.55
C SER A 3 23.99 6.88 3.75
N GLY A 4 25.05 6.09 3.96
CA GLY A 4 25.09 5.17 5.08
C GLY A 4 25.28 3.73 4.63
N SER A 5 26.40 3.14 5.03
CA SER A 5 26.71 1.76 4.66
C SER A 5 26.26 0.80 5.76
N SER A 6 24.98 0.44 5.74
CA SER A 6 24.42 -0.47 6.74
C SER A 6 23.04 -0.96 6.30
N GLY A 7 22.69 -2.17 6.75
CA GLY A 7 21.39 -2.73 6.42
C GLY A 7 21.03 -3.90 7.30
N ALA A 8 20.16 -3.66 8.27
CA ALA A 8 19.72 -4.70 9.18
C ALA A 8 18.20 -4.84 9.17
N HIS A 9 17.61 -4.81 7.98
CA HIS A 9 16.17 -4.93 7.83
C HIS A 9 15.82 -6.03 6.82
N ASP A 10 14.66 -6.65 7.01
CA ASP A 10 14.22 -7.71 6.12
C ASP A 10 12.74 -7.53 5.76
N ALA A 11 12.49 -7.03 4.55
CA ALA A 11 11.13 -6.81 4.09
C ALA A 11 10.34 -8.11 4.06
N SER A 12 11.04 -9.21 3.82
CA SER A 12 10.41 -10.53 3.75
C SER A 12 9.59 -10.79 5.02
N LYS A 13 9.99 -10.18 6.12
CA LYS A 13 9.31 -10.34 7.39
C LYS A 13 8.09 -9.43 7.47
N VAL A 14 7.64 -8.94 6.32
CA VAL A 14 6.49 -8.05 6.27
C VAL A 14 5.26 -8.77 5.72
N ARG A 15 4.20 -8.82 6.52
CA ARG A 15 2.97 -9.47 6.12
C ARG A 15 1.95 -8.46 5.61
N ALA A 16 1.51 -8.63 4.37
CA ALA A 16 0.53 -7.74 3.77
C ALA A 16 -0.85 -8.38 3.71
N SER A 17 -1.82 -7.74 4.34
CA SER A 17 -3.18 -8.26 4.37
C SER A 17 -4.19 -7.12 4.53
N GLY A 18 -5.42 -7.37 4.09
CA GLY A 18 -6.46 -6.35 4.20
C GLY A 18 -7.21 -6.17 2.90
N PRO A 19 -8.14 -5.20 2.89
CA PRO A 19 -8.97 -4.90 1.71
C PRO A 19 -8.15 -4.26 0.58
N GLY A 20 -7.28 -3.31 0.95
CA GLY A 20 -6.46 -2.65 -0.04
C GLY A 20 -5.56 -3.61 -0.80
N LEU A 21 -5.24 -4.73 -0.16
CA LEU A 21 -4.38 -5.73 -0.78
C LEU A 21 -5.20 -6.92 -1.27
N ASN A 22 -6.43 -6.65 -1.70
CA ASN A 22 -7.32 -7.69 -2.19
C ASN A 22 -6.94 -8.11 -3.61
N ALA A 23 -6.66 -9.40 -3.79
CA ALA A 23 -6.28 -9.92 -5.09
C ALA A 23 -7.52 -10.20 -5.94
N SER A 24 -8.64 -10.50 -5.28
CA SER A 24 -9.88 -10.79 -5.99
C SER A 24 -10.44 -9.53 -6.64
N GLY A 25 -10.07 -8.37 -6.10
CA GLY A 25 -10.55 -7.11 -6.63
C GLY A 25 -11.13 -6.21 -5.57
N ILE A 26 -10.73 -4.94 -5.59
CA ILE A 26 -11.22 -3.97 -4.62
C ILE A 26 -12.17 -2.96 -5.26
N PRO A 27 -13.18 -2.52 -4.50
CA PRO A 27 -14.17 -1.54 -4.98
C PRO A 27 -13.56 -0.15 -5.17
N ALA A 28 -13.46 0.27 -6.42
CA ALA A 28 -12.92 1.58 -6.74
C ALA A 28 -13.80 2.70 -6.19
N SER A 29 -13.39 3.94 -6.41
CA SER A 29 -14.14 5.09 -5.95
C SER A 29 -14.50 4.94 -4.47
N LEU A 30 -13.69 4.19 -3.74
CA LEU A 30 -13.91 3.96 -2.32
C LEU A 30 -12.59 3.94 -1.56
N PRO A 31 -12.58 4.57 -0.37
CA PRO A 31 -11.39 4.63 0.48
C PRO A 31 -11.04 3.27 1.09
N VAL A 32 -9.97 2.67 0.60
CA VAL A 32 -9.53 1.37 1.10
C VAL A 32 -8.18 1.47 1.80
N GLU A 33 -7.98 0.66 2.82
CA GLU A 33 -6.73 0.67 3.58
C GLU A 33 -6.37 -0.75 4.03
N PHE A 34 -5.08 -1.08 3.91
CA PHE A 34 -4.60 -2.41 4.31
C PHE A 34 -3.82 -2.32 5.62
N THR A 35 -3.23 -3.45 6.01
CA THR A 35 -2.46 -3.52 7.24
C THR A 35 -1.15 -4.28 7.02
N ILE A 36 -0.03 -3.63 7.30
CA ILE A 36 1.27 -4.24 7.14
C ILE A 36 1.84 -4.70 8.48
N ASP A 37 1.52 -5.93 8.87
CA ASP A 37 1.99 -6.48 10.13
C ASP A 37 3.41 -7.02 9.99
N ALA A 38 4.39 -6.18 10.34
CA ALA A 38 5.79 -6.56 10.26
C ALA A 38 6.51 -6.31 11.58
N ARG A 39 7.02 -7.38 12.18
CA ARG A 39 7.73 -7.27 13.45
C ARG A 39 9.24 -7.15 13.22
N ASP A 40 9.81 -8.14 12.54
CA ASP A 40 11.24 -8.14 12.26
C ASP A 40 11.52 -7.52 10.90
N ALA A 41 10.63 -6.63 10.46
CA ALA A 41 10.78 -5.96 9.18
C ALA A 41 12.09 -5.18 9.11
N GLY A 42 12.61 -4.83 10.30
CA GLY A 42 13.86 -4.07 10.36
C GLY A 42 13.69 -2.73 11.03
N GLU A 43 14.79 -2.03 11.25
CA GLU A 43 14.77 -0.73 11.90
C GLU A 43 14.83 0.39 10.86
N GLY A 44 13.71 0.64 10.19
CA GLY A 44 13.66 1.67 9.18
C GLY A 44 12.30 2.32 9.07
N LEU A 45 12.01 2.91 7.93
CA LEU A 45 10.73 3.56 7.69
C LEU A 45 9.99 2.93 6.52
N LEU A 46 8.76 2.50 6.75
CA LEU A 46 7.94 1.88 5.72
C LEU A 46 7.53 2.91 4.67
N THR A 47 7.58 2.50 3.40
CA THR A 47 7.20 3.37 2.30
C THR A 47 6.15 2.73 1.40
N VAL A 48 5.16 3.51 0.99
CA VAL A 48 4.09 3.02 0.13
C VAL A 48 3.86 3.94 -1.05
N GLN A 49 3.71 3.36 -2.23
CA GLN A 49 3.48 4.13 -3.44
C GLN A 49 2.43 3.47 -4.33
N ILE A 50 1.53 4.28 -4.89
CA ILE A 50 0.47 3.76 -5.75
C ILE A 50 0.45 4.50 -7.09
N LEU A 51 0.38 3.74 -8.18
CA LEU A 51 0.34 4.32 -9.52
C LEU A 51 -0.97 3.98 -10.22
N ASP A 52 -1.80 5.00 -10.43
CA ASP A 52 -3.09 4.81 -11.09
C ASP A 52 -2.94 3.86 -12.28
N PRO A 53 -4.08 3.33 -12.75
CA PRO A 53 -4.11 2.40 -13.89
C PRO A 53 -3.76 3.07 -15.20
N GLU A 54 -3.35 4.34 -15.12
CA GLU A 54 -2.99 5.10 -16.32
C GLU A 54 -1.47 5.25 -16.42
N GLY A 55 -0.80 5.27 -15.27
CA GLY A 55 0.64 5.41 -15.26
C GLY A 55 1.09 6.71 -14.62
N LYS A 56 0.40 7.12 -13.56
CA LYS A 56 0.73 8.35 -12.86
C LYS A 56 0.78 8.11 -11.35
N PRO A 57 1.62 8.90 -10.66
CA PRO A 57 1.78 8.80 -9.20
C PRO A 57 0.54 9.29 -8.44
N LYS A 58 0.07 8.46 -7.52
CA LYS A 58 -1.10 8.82 -6.72
C LYS A 58 -0.70 9.26 -5.32
N LYS A 59 -1.69 9.57 -4.50
CA LYS A 59 -1.44 10.03 -3.13
C LYS A 59 -1.82 8.94 -2.13
N ALA A 60 -0.86 8.52 -1.32
CA ALA A 60 -1.10 7.50 -0.31
C ALA A 60 -0.65 7.97 1.07
N ASN A 61 -1.26 7.40 2.10
CA ASN A 61 -0.92 7.77 3.47
C ASN A 61 -0.38 6.56 4.24
N ILE A 62 0.51 6.82 5.19
CA ILE A 62 1.11 5.76 6.00
C ILE A 62 1.03 6.10 7.48
N ARG A 63 0.81 5.08 8.30
CA ARG A 63 0.72 5.26 9.74
C ARG A 63 1.63 4.27 10.47
N ASP A 64 2.11 4.68 11.63
CA ASP A 64 2.99 3.83 12.44
C ASP A 64 2.29 3.36 13.71
N ASN A 65 2.12 2.06 13.84
CA ASN A 65 1.46 1.49 15.01
C ASN A 65 2.45 1.31 16.16
N GLY A 66 3.68 0.92 15.82
CA GLY A 66 4.70 0.73 16.84
C GLY A 66 4.69 -0.67 17.41
N ASP A 67 3.54 -1.34 17.31
CA ASP A 67 3.41 -2.70 17.82
C ASP A 67 3.89 -3.72 16.79
N GLY A 68 4.79 -3.28 15.92
CA GLY A 68 5.33 -4.17 14.89
C GLY A 68 4.41 -4.28 13.70
N THR A 69 3.60 -3.25 13.46
CA THR A 69 2.68 -3.24 12.34
C THR A 69 2.49 -1.83 11.78
N TYR A 70 1.76 -1.72 10.68
CA TYR A 70 1.53 -0.44 10.04
C TYR A 70 0.18 -0.43 9.32
N THR A 71 -0.32 0.76 9.03
CA THR A 71 -1.60 0.91 8.34
C THR A 71 -1.49 1.92 7.20
N VAL A 72 -2.09 1.58 6.05
CA VAL A 72 -2.06 2.46 4.89
C VAL A 72 -3.44 2.58 4.26
N SER A 73 -3.84 3.80 3.94
CA SER A 73 -5.14 4.06 3.33
C SER A 73 -4.99 4.87 2.04
N TYR A 74 -5.89 4.61 1.09
CA TYR A 74 -5.86 5.31 -0.19
C TYR A 74 -7.22 5.25 -0.87
N LEU A 75 -7.40 6.09 -1.88
CA LEU A 75 -8.66 6.15 -2.62
C LEU A 75 -8.41 6.04 -4.12
N PRO A 76 -8.56 4.82 -4.67
CA PRO A 76 -8.36 4.57 -6.09
C PRO A 76 -9.46 5.19 -6.96
N ASP A 77 -9.33 6.48 -7.23
CA ASP A 77 -10.30 7.19 -8.04
C ASP A 77 -10.66 6.40 -9.30
N MET A 78 -9.64 6.10 -10.10
CA MET A 78 -9.84 5.35 -11.33
C MET A 78 -9.89 3.85 -11.04
N SER A 79 -10.28 3.07 -12.06
CA SER A 79 -10.37 1.63 -11.91
C SER A 79 -9.37 0.92 -12.82
N GLY A 80 -8.87 -0.22 -12.36
CA GLY A 80 -7.91 -0.98 -13.16
C GLY A 80 -6.82 -1.61 -12.30
N ARG A 81 -5.73 -1.99 -12.93
CA ARG A 81 -4.61 -2.61 -12.22
C ARG A 81 -3.73 -1.56 -11.57
N TYR A 82 -3.81 -1.46 -10.25
CA TYR A 82 -3.01 -0.48 -9.51
C TYR A 82 -1.66 -1.07 -9.11
N THR A 83 -0.61 -0.26 -9.22
CA THR A 83 0.73 -0.70 -8.86
C THR A 83 1.13 -0.18 -7.50
N ILE A 84 1.07 -1.05 -6.50
CA ILE A 84 1.43 -0.69 -5.13
C ILE A 84 2.85 -1.14 -4.80
N THR A 85 3.78 -0.19 -4.75
CA THR A 85 5.17 -0.48 -4.43
C THR A 85 5.47 -0.25 -2.96
N ILE A 86 5.70 -1.33 -2.23
CA ILE A 86 6.00 -1.24 -0.80
C ILE A 86 7.46 -1.59 -0.52
N LYS A 87 8.17 -0.65 0.08
CA LYS A 87 9.58 -0.86 0.41
C LYS A 87 9.86 -0.54 1.88
N TYR A 88 10.65 -1.38 2.52
CA TYR A 88 10.99 -1.18 3.94
C TYR A 88 12.46 -0.83 4.10
N GLY A 89 12.72 0.31 4.72
CA GLY A 89 14.09 0.74 4.93
C GLY A 89 14.98 0.48 3.72
N GLY A 90 14.40 0.59 2.53
CA GLY A 90 15.15 0.35 1.31
C GLY A 90 15.19 -1.11 0.93
N ASP A 91 14.06 -1.79 1.07
CA ASP A 91 13.96 -3.20 0.73
C ASP A 91 12.55 -3.57 0.28
N GLU A 92 12.39 -3.85 -1.00
CA GLU A 92 11.09 -4.20 -1.56
C GLU A 92 10.69 -5.61 -1.13
N ILE A 93 9.52 -5.73 -0.51
CA ILE A 93 9.01 -7.01 -0.06
C ILE A 93 8.90 -8.00 -1.22
N PRO A 94 8.98 -9.30 -0.89
CA PRO A 94 8.89 -10.37 -1.88
C PRO A 94 7.49 -10.50 -2.47
N TYR A 95 6.60 -9.61 -2.05
CA TYR A 95 5.22 -9.63 -2.54
C TYR A 95 4.96 -8.46 -3.48
N SER A 96 5.85 -7.47 -3.45
CA SER A 96 5.72 -6.30 -4.29
C SER A 96 6.50 -6.47 -5.60
N PRO A 97 6.04 -5.78 -6.65
CA PRO A 97 4.87 -4.90 -6.58
C PRO A 97 3.57 -5.68 -6.41
N PHE A 98 2.65 -5.12 -5.62
CA PHE A 98 1.37 -5.76 -5.38
C PHE A 98 0.37 -5.40 -6.46
N ARG A 99 0.09 -6.35 -7.35
CA ARG A 99 -0.86 -6.14 -8.43
C ARG A 99 -2.29 -6.24 -7.94
N ILE A 100 -2.96 -5.10 -7.85
CA ILE A 100 -4.34 -5.05 -7.39
C ILE A 100 -5.28 -4.57 -8.49
N HIS A 101 -6.50 -5.11 -8.51
CA HIS A 101 -7.49 -4.73 -9.52
C HIS A 101 -8.67 -4.02 -8.87
N ALA A 102 -8.91 -2.78 -9.28
CA ALA A 102 -10.02 -1.99 -8.74
C ALA A 102 -11.24 -2.08 -9.65
N LEU A 103 -12.32 -2.66 -9.13
CA LEU A 103 -13.55 -2.80 -9.89
C LEU A 103 -14.51 -1.64 -9.60
N PRO A 104 -15.15 -1.13 -10.66
CA PRO A 104 -16.10 -0.02 -10.54
C PRO A 104 -17.39 -0.42 -9.83
N THR A 105 -17.59 0.11 -8.63
CA THR A 105 -18.78 -0.20 -7.84
C THR A 105 -18.99 0.83 -6.74
N GLY A 106 -20.25 1.15 -6.47
CA GLY A 106 -20.56 2.12 -5.44
C GLY A 106 -21.87 2.84 -5.69
N ASP A 107 -22.96 2.08 -5.79
CA ASP A 107 -24.27 2.65 -6.03
C ASP A 107 -24.85 3.24 -4.75
N ALA A 108 -24.72 2.51 -3.65
CA ALA A 108 -25.23 2.95 -2.36
C ALA A 108 -24.27 3.94 -1.71
N SER A 109 -22.97 3.65 -1.78
CA SER A 109 -21.96 4.51 -1.19
C SER A 109 -21.25 5.34 -2.26
N SER A 110 -20.95 6.59 -1.94
CA SER A 110 -20.28 7.49 -2.88
C SER A 110 -18.77 7.33 -2.79
N GLY A 111 -18.21 7.65 -1.63
CA GLY A 111 -16.78 7.55 -1.44
C GLY A 111 -16.10 8.90 -1.36
N PRO A 112 -15.48 9.33 -2.47
CA PRO A 112 -14.78 10.61 -2.54
C PRO A 112 -15.75 11.80 -2.50
N SER A 113 -15.85 12.43 -1.34
CA SER A 113 -16.74 13.57 -1.17
C SER A 113 -16.38 14.68 -2.15
N SER A 114 -17.35 15.10 -2.96
CA SER A 114 -17.14 16.15 -3.94
C SER A 114 -17.01 17.51 -3.26
N GLY A 115 -15.83 17.80 -2.75
CA GLY A 115 -15.60 19.08 -2.08
C GLY A 115 -14.70 18.93 -0.86
N GLY A 1 24.81 6.35 1.47
CA GLY A 1 23.68 7.22 1.24
C GLY A 1 22.81 7.40 2.47
N SER A 2 21.53 7.67 2.27
CA SER A 2 20.60 7.86 3.38
C SER A 2 20.27 6.53 4.05
N SER A 3 19.74 5.61 3.26
CA SER A 3 19.37 4.29 3.78
C SER A 3 20.60 3.52 4.25
N GLY A 4 21.57 3.37 3.35
CA GLY A 4 22.79 2.66 3.69
C GLY A 4 22.94 1.36 2.92
N SER A 5 24.18 1.00 2.59
CA SER A 5 24.45 -0.22 1.85
C SER A 5 24.05 -1.45 2.65
N SER A 6 24.60 -1.56 3.86
CA SER A 6 24.30 -2.69 4.73
C SER A 6 23.39 -2.27 5.87
N GLY A 7 22.43 -3.13 6.21
CA GLY A 7 21.51 -2.84 7.29
C GLY A 7 21.06 -4.09 8.02
N ALA A 8 20.09 -3.92 8.92
CA ALA A 8 19.58 -5.03 9.70
C ALA A 8 18.05 -5.13 9.58
N HIS A 9 17.55 -4.92 8.37
CA HIS A 9 16.11 -4.99 8.12
C HIS A 9 15.77 -6.13 7.18
N ASP A 10 14.60 -6.73 7.38
CA ASP A 10 14.15 -7.84 6.54
C ASP A 10 12.76 -7.57 5.98
N ALA A 11 12.71 -7.03 4.76
CA ALA A 11 11.45 -6.73 4.11
C ALA A 11 10.59 -7.98 3.97
N SER A 12 11.24 -9.13 3.85
CA SER A 12 10.54 -10.40 3.71
C SER A 12 9.67 -10.68 4.93
N LYS A 13 10.09 -10.16 6.08
CA LYS A 13 9.35 -10.36 7.32
C LYS A 13 8.09 -9.51 7.35
N VAL A 14 7.84 -8.82 6.24
CA VAL A 14 6.66 -7.96 6.13
C VAL A 14 5.47 -8.74 5.59
N ARG A 15 4.43 -8.86 6.41
CA ARG A 15 3.23 -9.58 6.01
C ARG A 15 2.09 -8.62 5.69
N ALA A 16 1.49 -8.78 4.51
CA ALA A 16 0.40 -7.92 4.09
C ALA A 16 -0.95 -8.59 4.33
N SER A 17 -1.96 -7.79 4.67
CA SER A 17 -3.30 -8.30 4.93
C SER A 17 -4.29 -7.16 5.10
N GLY A 18 -5.26 -7.10 4.20
CA GLY A 18 -6.27 -6.05 4.27
C GLY A 18 -7.12 -5.98 3.02
N PRO A 19 -8.09 -5.05 3.01
CA PRO A 19 -8.99 -4.86 1.87
C PRO A 19 -8.28 -4.27 0.66
N GLY A 20 -7.45 -3.25 0.90
CA GLY A 20 -6.72 -2.62 -0.18
C GLY A 20 -5.86 -3.59 -0.95
N LEU A 21 -5.54 -4.72 -0.32
CA LEU A 21 -4.71 -5.75 -0.95
C LEU A 21 -5.56 -6.93 -1.42
N ASN A 22 -6.81 -6.65 -1.79
CA ASN A 22 -7.71 -7.68 -2.26
C ASN A 22 -7.34 -8.14 -3.67
N ALA A 23 -7.03 -9.43 -3.80
CA ALA A 23 -6.66 -10.00 -5.08
C ALA A 23 -7.88 -10.21 -5.97
N SER A 24 -9.03 -10.42 -5.34
CA SER A 24 -10.27 -10.63 -6.08
C SER A 24 -10.75 -9.35 -6.74
N GLY A 25 -10.32 -8.22 -6.20
CA GLY A 25 -10.70 -6.93 -6.75
C GLY A 25 -11.39 -6.05 -5.73
N ILE A 26 -10.98 -4.78 -5.69
CA ILE A 26 -11.58 -3.83 -4.75
C ILE A 26 -12.45 -2.82 -5.48
N PRO A 27 -13.52 -2.36 -4.79
CA PRO A 27 -14.45 -1.38 -5.35
C PRO A 27 -13.83 0.00 -5.50
N ALA A 28 -13.66 0.42 -6.75
CA ALA A 28 -13.08 1.73 -7.04
C ALA A 28 -13.94 2.85 -6.46
N SER A 29 -13.40 4.07 -6.47
CA SER A 29 -14.12 5.23 -5.95
C SER A 29 -14.54 5.00 -4.50
N LEU A 30 -13.57 4.61 -3.67
CA LEU A 30 -13.83 4.36 -2.25
C LEU A 30 -12.53 4.32 -1.47
N PRO A 31 -12.53 4.97 -0.29
CA PRO A 31 -11.37 5.02 0.59
C PRO A 31 -11.06 3.68 1.23
N VAL A 32 -10.03 3.01 0.72
CA VAL A 32 -9.63 1.70 1.23
C VAL A 32 -8.25 1.78 1.91
N GLU A 33 -8.10 1.03 2.99
CA GLU A 33 -6.84 1.00 3.73
C GLU A 33 -6.51 -0.41 4.21
N PHE A 34 -5.25 -0.80 4.01
CA PHE A 34 -4.81 -2.13 4.41
C PHE A 34 -3.94 -2.06 5.67
N THR A 35 -3.41 -3.21 6.08
CA THR A 35 -2.56 -3.27 7.26
C THR A 35 -1.33 -4.12 7.01
N ILE A 36 -0.15 -3.54 7.25
CA ILE A 36 1.10 -4.24 7.06
C ILE A 36 1.67 -4.76 8.37
N ASP A 37 1.42 -6.04 8.65
CA ASP A 37 1.90 -6.66 9.88
C ASP A 37 3.34 -7.13 9.72
N ALA A 38 4.28 -6.29 10.14
CA ALA A 38 5.70 -6.63 10.06
C ALA A 38 6.40 -6.44 11.40
N ARG A 39 6.93 -7.52 11.94
CA ARG A 39 7.62 -7.47 13.23
C ARG A 39 9.12 -7.30 13.02
N ASP A 40 9.73 -8.23 12.30
CA ASP A 40 11.15 -8.19 12.03
C ASP A 40 11.45 -7.48 10.72
N ALA A 41 10.53 -6.61 10.30
CA ALA A 41 10.68 -5.87 9.06
C ALA A 41 11.96 -5.05 9.06
N GLY A 42 12.50 -4.80 10.25
CA GLY A 42 13.73 -4.03 10.37
C GLY A 42 13.53 -2.74 11.14
N GLU A 43 14.60 -1.96 11.27
CA GLU A 43 14.53 -0.69 11.99
C GLU A 43 14.71 0.49 11.04
N GLY A 44 13.63 0.84 10.34
CA GLY A 44 13.70 1.96 9.41
C GLY A 44 12.35 2.63 9.23
N LEU A 45 12.06 3.05 8.00
CA LEU A 45 10.80 3.72 7.69
C LEU A 45 10.10 3.03 6.53
N LEU A 46 8.84 2.64 6.74
CA LEU A 46 8.06 1.98 5.71
C LEU A 46 7.60 2.98 4.65
N THR A 47 7.67 2.57 3.39
CA THR A 47 7.27 3.43 2.28
C THR A 47 6.24 2.73 1.39
N VAL A 48 5.20 3.46 1.01
CA VAL A 48 4.16 2.92 0.15
C VAL A 48 3.81 3.87 -0.98
N GLN A 49 3.71 3.35 -2.19
CA GLN A 49 3.39 4.16 -3.36
C GLN A 49 2.39 3.44 -4.25
N ILE A 50 1.47 4.21 -4.84
CA ILE A 50 0.45 3.64 -5.73
C ILE A 50 0.42 4.37 -7.05
N LEU A 51 0.42 3.61 -8.14
CA LEU A 51 0.40 4.18 -9.48
C LEU A 51 -0.90 3.81 -10.20
N ASP A 52 -1.75 4.82 -10.44
CA ASP A 52 -3.01 4.62 -11.12
C ASP A 52 -2.84 3.67 -12.31
N PRO A 53 -3.96 3.12 -12.79
CA PRO A 53 -3.97 2.20 -13.93
C PRO A 53 -3.64 2.90 -15.25
N GLU A 54 -3.26 4.17 -15.16
CA GLU A 54 -2.91 4.95 -16.33
C GLU A 54 -1.40 5.14 -16.44
N GLY A 55 -0.73 5.17 -15.29
CA GLY A 55 0.71 5.33 -15.27
C GLY A 55 1.13 6.64 -14.61
N LYS A 56 0.41 7.03 -13.55
CA LYS A 56 0.71 8.26 -12.83
C LYS A 56 0.76 8.01 -11.33
N PRO A 57 1.55 8.84 -10.62
CA PRO A 57 1.72 8.73 -9.18
C PRO A 57 0.45 9.13 -8.42
N LYS A 58 0.09 8.33 -7.42
CA LYS A 58 -1.10 8.60 -6.62
C LYS A 58 -0.71 9.13 -5.23
N LYS A 59 -1.72 9.35 -4.39
CA LYS A 59 -1.48 9.85 -3.04
C LYS A 59 -1.99 8.86 -2.00
N ALA A 60 -1.07 8.32 -1.21
CA ALA A 60 -1.43 7.36 -0.17
C ALA A 60 -0.87 7.79 1.18
N ASN A 61 -1.48 7.28 2.26
CA ASN A 61 -1.04 7.62 3.61
C ASN A 61 -0.47 6.39 4.31
N ILE A 62 0.54 6.61 5.15
CA ILE A 62 1.18 5.54 5.88
C ILE A 62 1.20 5.82 7.38
N ARG A 63 0.95 4.79 8.18
CA ARG A 63 0.94 4.92 9.63
C ARG A 63 1.68 3.77 10.29
N ASP A 64 2.34 4.06 11.41
CA ASP A 64 3.09 3.05 12.15
C ASP A 64 2.41 2.72 13.48
N ASN A 65 2.18 1.44 13.71
CA ASN A 65 1.54 1.00 14.95
C ASN A 65 2.50 1.10 16.12
N GLY A 66 3.75 0.70 15.91
CA GLY A 66 4.74 0.77 16.96
C GLY A 66 4.92 -0.56 17.67
N ASP A 67 3.94 -1.45 17.53
CA ASP A 67 3.98 -2.76 18.16
C ASP A 67 4.57 -3.80 17.21
N GLY A 68 4.65 -3.45 15.92
CA GLY A 68 5.19 -4.36 14.94
C GLY A 68 4.31 -4.46 13.70
N THR A 69 3.56 -3.39 13.43
CA THR A 69 2.68 -3.37 12.27
C THR A 69 2.51 -1.95 11.73
N TYR A 70 1.80 -1.82 10.61
CA TYR A 70 1.58 -0.52 10.00
C TYR A 70 0.23 -0.48 9.29
N THR A 71 -0.25 0.73 9.00
CA THR A 71 -1.53 0.91 8.33
C THR A 71 -1.41 1.92 7.19
N VAL A 72 -2.06 1.61 6.07
CA VAL A 72 -2.03 2.50 4.91
C VAL A 72 -3.42 2.68 4.33
N SER A 73 -3.74 3.93 3.96
CA SER A 73 -5.05 4.24 3.39
C SER A 73 -4.90 4.99 2.06
N TYR A 74 -5.81 4.72 1.14
CA TYR A 74 -5.79 5.37 -0.17
C TYR A 74 -7.16 5.33 -0.83
N LEU A 75 -7.33 6.14 -1.87
CA LEU A 75 -8.60 6.20 -2.59
C LEU A 75 -8.38 6.06 -4.09
N PRO A 76 -8.56 4.85 -4.61
CA PRO A 76 -8.39 4.56 -6.04
C PRO A 76 -9.49 5.19 -6.89
N ASP A 77 -9.31 6.45 -7.24
CA ASP A 77 -10.28 7.17 -8.06
C ASP A 77 -10.58 6.39 -9.34
N MET A 78 -9.53 6.04 -10.07
CA MET A 78 -9.67 5.30 -11.32
C MET A 78 -9.86 3.81 -11.06
N SER A 79 -10.24 3.07 -12.09
CA SER A 79 -10.45 1.63 -11.98
C SER A 79 -9.48 0.87 -12.87
N GLY A 80 -9.04 -0.29 -12.38
CA GLY A 80 -8.11 -1.11 -13.16
C GLY A 80 -7.04 -1.75 -12.29
N ARG A 81 -5.92 -2.11 -12.91
CA ARG A 81 -4.83 -2.74 -12.19
C ARG A 81 -3.92 -1.69 -11.55
N TYR A 82 -3.95 -1.61 -10.23
CA TYR A 82 -3.13 -0.65 -9.50
C TYR A 82 -1.78 -1.25 -9.11
N THR A 83 -0.73 -0.45 -9.21
CA THR A 83 0.61 -0.92 -8.87
C THR A 83 1.08 -0.32 -7.55
N ILE A 84 1.05 -1.12 -6.49
CA ILE A 84 1.48 -0.67 -5.17
C ILE A 84 2.90 -1.10 -4.88
N THR A 85 3.80 -0.13 -4.71
CA THR A 85 5.20 -0.42 -4.42
C THR A 85 5.50 -0.18 -2.94
N ILE A 86 5.78 -1.27 -2.22
CA ILE A 86 6.10 -1.18 -0.80
C ILE A 86 7.56 -1.53 -0.54
N LYS A 87 8.29 -0.62 0.08
CA LYS A 87 9.70 -0.83 0.39
C LYS A 87 9.99 -0.51 1.86
N TYR A 88 10.90 -1.26 2.45
CA TYR A 88 11.27 -1.06 3.85
C TYR A 88 12.73 -0.62 3.97
N GLY A 89 12.96 0.50 4.64
CA GLY A 89 14.31 1.00 4.82
C GLY A 89 15.19 0.74 3.61
N GLY A 90 14.61 0.90 2.42
CA GLY A 90 15.36 0.68 1.19
C GLY A 90 15.43 -0.79 0.81
N ASP A 91 14.35 -1.51 1.08
CA ASP A 91 14.30 -2.94 0.77
C ASP A 91 12.89 -3.33 0.32
N GLU A 92 12.73 -3.54 -0.98
CA GLU A 92 11.43 -3.93 -1.53
C GLU A 92 11.02 -5.31 -1.05
N ILE A 93 9.80 -5.43 -0.55
CA ILE A 93 9.29 -6.70 -0.06
C ILE A 93 9.16 -7.72 -1.17
N PRO A 94 9.28 -9.01 -0.82
CA PRO A 94 9.18 -10.11 -1.78
C PRO A 94 7.77 -10.29 -2.32
N TYR A 95 6.87 -9.40 -1.91
CA TYR A 95 5.48 -9.46 -2.35
C TYR A 95 5.18 -8.35 -3.35
N SER A 96 6.06 -7.36 -3.41
CA SER A 96 5.90 -6.23 -4.32
C SER A 96 6.63 -6.48 -5.64
N PRO A 97 6.15 -5.85 -6.72
CA PRO A 97 4.98 -4.97 -6.66
C PRO A 97 3.68 -5.74 -6.41
N PHE A 98 2.78 -5.13 -5.64
CA PHE A 98 1.51 -5.77 -5.33
C PHE A 98 0.48 -5.50 -6.43
N ARG A 99 0.20 -6.53 -7.23
CA ARG A 99 -0.76 -6.41 -8.32
C ARG A 99 -2.19 -6.46 -7.79
N ILE A 100 -2.88 -5.33 -7.84
CA ILE A 100 -4.26 -5.24 -7.37
C ILE A 100 -5.19 -4.75 -8.47
N HIS A 101 -6.45 -5.18 -8.41
CA HIS A 101 -7.44 -4.78 -9.41
C HIS A 101 -8.58 -4.02 -8.75
N ALA A 102 -9.10 -3.01 -9.45
CA ALA A 102 -10.20 -2.21 -8.94
C ALA A 102 -11.42 -2.31 -9.84
N LEU A 103 -12.53 -2.77 -9.28
CA LEU A 103 -13.77 -2.91 -10.03
C LEU A 103 -14.66 -1.68 -9.87
N PRO A 104 -15.33 -1.28 -10.96
CA PRO A 104 -16.22 -0.12 -10.96
C PRO A 104 -17.49 -0.36 -10.15
N THR A 105 -17.69 0.45 -9.11
CA THR A 105 -18.86 0.32 -8.25
C THR A 105 -20.12 0.08 -9.08
N GLY A 106 -20.98 -0.80 -8.59
CA GLY A 106 -22.21 -1.11 -9.29
C GLY A 106 -22.99 0.15 -9.65
N ASP A 107 -24.18 -0.04 -10.22
CA ASP A 107 -25.03 1.08 -10.62
C ASP A 107 -25.26 2.03 -9.45
N ALA A 108 -24.40 3.03 -9.33
CA ALA A 108 -24.51 4.02 -8.25
C ALA A 108 -23.57 5.19 -8.49
N SER A 109 -23.63 6.17 -7.60
CA SER A 109 -22.79 7.36 -7.70
C SER A 109 -21.32 6.99 -7.54
N SER A 110 -20.45 7.72 -8.24
CA SER A 110 -19.02 7.47 -8.19
C SER A 110 -18.48 7.75 -6.79
N GLY A 111 -18.77 6.85 -5.85
CA GLY A 111 -18.31 7.01 -4.49
C GLY A 111 -18.40 8.45 -4.01
N PRO A 112 -17.46 8.86 -3.15
CA PRO A 112 -17.42 10.22 -2.61
C PRO A 112 -17.06 11.26 -3.65
N SER A 113 -17.12 12.54 -3.27
CA SER A 113 -16.78 13.63 -4.19
C SER A 113 -15.36 14.10 -3.97
N SER A 114 -14.81 14.76 -4.99
CA SER A 114 -13.43 15.26 -4.92
C SER A 114 -13.42 16.78 -4.79
N GLY A 115 -12.34 17.31 -4.22
CA GLY A 115 -12.23 18.74 -4.05
C GLY A 115 -11.35 19.12 -2.87
N GLY A 1 18.42 15.23 8.54
CA GLY A 1 18.58 14.23 7.51
C GLY A 1 17.36 13.35 7.36
N SER A 2 17.43 12.38 6.45
CA SER A 2 16.31 11.47 6.21
C SER A 2 16.75 10.02 6.38
N SER A 3 17.86 9.66 5.75
CA SER A 3 18.38 8.30 5.83
C SER A 3 19.84 8.30 6.27
N GLY A 4 20.07 8.09 7.56
CA GLY A 4 21.42 8.08 8.08
C GLY A 4 22.01 6.68 8.11
N SER A 5 22.34 6.20 9.32
CA SER A 5 22.92 4.87 9.48
C SER A 5 21.91 3.91 10.08
N SER A 6 21.35 3.05 9.24
CA SER A 6 20.35 2.07 9.68
C SER A 6 20.25 0.92 8.69
N GLY A 7 20.38 -0.30 9.19
CA GLY A 7 20.29 -1.47 8.34
C GLY A 7 19.81 -2.70 9.08
N ALA A 8 20.25 -3.87 8.64
CA ALA A 8 19.85 -5.12 9.28
C ALA A 8 18.34 -5.29 9.25
N HIS A 9 17.74 -5.04 8.10
CA HIS A 9 16.30 -5.17 7.94
C HIS A 9 15.95 -6.25 6.91
N ASP A 10 14.75 -6.80 7.02
CA ASP A 10 14.30 -7.84 6.11
C ASP A 10 12.85 -7.62 5.70
N ALA A 11 12.65 -7.16 4.48
CA ALA A 11 11.30 -6.91 3.97
C ALA A 11 10.51 -8.20 3.85
N SER A 12 11.21 -9.33 3.81
CA SER A 12 10.57 -10.63 3.70
C SER A 12 9.75 -10.95 4.95
N LYS A 13 10.07 -10.26 6.05
CA LYS A 13 9.36 -10.47 7.29
C LYS A 13 8.15 -9.55 7.39
N VAL A 14 7.76 -8.96 6.26
CA VAL A 14 6.63 -8.05 6.23
C VAL A 14 5.39 -8.75 5.67
N ARG A 15 4.34 -8.81 6.48
CA ARG A 15 3.09 -9.46 6.06
C ARG A 15 2.07 -8.43 5.62
N ALA A 16 1.59 -8.56 4.40
CA ALA A 16 0.60 -7.64 3.85
C ALA A 16 -0.79 -8.28 3.81
N SER A 17 -1.72 -7.69 4.54
CA SER A 17 -3.08 -8.20 4.61
C SER A 17 -4.10 -7.06 4.72
N GLY A 18 -5.34 -7.34 4.32
CA GLY A 18 -6.37 -6.32 4.39
C GLY A 18 -7.12 -6.18 3.08
N PRO A 19 -8.12 -5.28 3.06
CA PRO A 19 -8.93 -5.03 1.86
C PRO A 19 -8.15 -4.33 0.76
N GLY A 20 -7.38 -3.32 1.14
CA GLY A 20 -6.59 -2.58 0.18
C GLY A 20 -5.67 -3.48 -0.62
N LEU A 21 -5.31 -4.62 -0.05
CA LEU A 21 -4.42 -5.57 -0.72
C LEU A 21 -5.20 -6.80 -1.18
N ASN A 22 -6.45 -6.60 -1.56
CA ASN A 22 -7.30 -7.70 -2.03
C ASN A 22 -6.95 -8.08 -3.46
N ALA A 23 -6.51 -9.32 -3.65
CA ALA A 23 -6.14 -9.81 -4.96
C ALA A 23 -7.39 -10.17 -5.78
N SER A 24 -8.50 -10.38 -5.09
CA SER A 24 -9.75 -10.74 -5.75
C SER A 24 -10.37 -9.52 -6.43
N GLY A 25 -9.94 -8.34 -6.00
CA GLY A 25 -10.47 -7.11 -6.58
C GLY A 25 -11.15 -6.23 -5.55
N ILE A 26 -10.87 -4.94 -5.58
CA ILE A 26 -11.46 -3.99 -4.65
C ILE A 26 -12.33 -2.98 -5.37
N PRO A 27 -13.39 -2.51 -4.69
CA PRO A 27 -14.32 -1.52 -5.25
C PRO A 27 -13.68 -0.15 -5.41
N ALA A 28 -13.55 0.30 -6.66
CA ALA A 28 -12.97 1.60 -6.95
C ALA A 28 -13.84 2.73 -6.41
N SER A 29 -13.31 3.95 -6.42
CA SER A 29 -14.03 5.10 -5.93
C SER A 29 -14.44 4.92 -4.47
N LEU A 30 -13.63 4.19 -3.72
CA LEU A 30 -13.90 3.94 -2.31
C LEU A 30 -12.62 3.95 -1.50
N PRO A 31 -12.67 4.59 -0.32
CA PRO A 31 -11.52 4.68 0.59
C PRO A 31 -11.16 3.34 1.21
N VAL A 32 -10.09 2.73 0.73
CA VAL A 32 -9.64 1.43 1.24
C VAL A 32 -8.28 1.56 1.93
N GLU A 33 -8.12 0.83 3.03
CA GLU A 33 -6.86 0.86 3.78
C GLU A 33 -6.48 -0.53 4.26
N PHE A 34 -5.21 -0.89 4.09
CA PHE A 34 -4.73 -2.20 4.51
C PHE A 34 -3.88 -2.09 5.77
N THR A 35 -3.30 -3.20 6.19
CA THR A 35 -2.46 -3.24 7.37
C THR A 35 -1.21 -4.09 7.15
N ILE A 36 -0.05 -3.50 7.38
CA ILE A 36 1.22 -4.20 7.20
C ILE A 36 1.75 -4.69 8.54
N ASP A 37 1.45 -5.94 8.87
CA ASP A 37 1.91 -6.54 10.13
C ASP A 37 3.35 -7.02 10.00
N ALA A 38 4.29 -6.17 10.43
CA ALA A 38 5.70 -6.50 10.37
C ALA A 38 6.37 -6.29 11.72
N ARG A 39 6.88 -7.37 12.29
CA ARG A 39 7.55 -7.31 13.60
C ARG A 39 9.06 -7.16 13.42
N ASP A 40 9.67 -8.11 12.72
CA ASP A 40 11.10 -8.08 12.49
C ASP A 40 11.42 -7.54 11.09
N ALA A 41 10.61 -6.59 10.65
CA ALA A 41 10.80 -5.98 9.33
C ALA A 41 12.11 -5.19 9.28
N GLY A 42 12.75 -5.04 10.44
CA GLY A 42 14.00 -4.30 10.49
C GLY A 42 13.83 -2.90 11.06
N GLU A 43 14.93 -2.19 11.20
CA GLU A 43 14.90 -0.83 11.73
C GLU A 43 14.94 0.20 10.61
N GLY A 44 13.80 0.83 10.34
CA GLY A 44 13.73 1.82 9.29
C GLY A 44 12.34 2.43 9.16
N LEU A 45 12.00 2.88 7.96
CA LEU A 45 10.70 3.50 7.71
C LEU A 45 9.99 2.82 6.54
N LEU A 46 8.73 2.47 6.75
CA LEU A 46 7.93 1.83 5.71
C LEU A 46 7.47 2.83 4.67
N THR A 47 7.51 2.43 3.39
CA THR A 47 7.10 3.30 2.31
C THR A 47 6.07 2.61 1.42
N VAL A 48 5.08 3.39 0.97
CA VAL A 48 4.02 2.85 0.11
C VAL A 48 3.73 3.80 -1.05
N GLN A 49 3.74 3.26 -2.27
CA GLN A 49 3.47 4.06 -3.45
C GLN A 49 2.43 3.38 -4.34
N ILE A 50 1.55 4.17 -4.93
CA ILE A 50 0.52 3.64 -5.81
C ILE A 50 0.47 4.40 -7.13
N LEU A 51 0.48 3.65 -8.23
CA LEU A 51 0.44 4.26 -9.57
C LEU A 51 -0.85 3.89 -10.29
N ASP A 52 -1.71 4.88 -10.51
CA ASP A 52 -2.98 4.66 -11.18
C ASP A 52 -2.78 3.77 -12.41
N PRO A 53 -3.90 3.20 -12.91
CA PRO A 53 -3.88 2.32 -14.08
C PRO A 53 -3.55 3.07 -15.37
N GLU A 54 -3.21 4.34 -15.23
CA GLU A 54 -2.87 5.17 -16.39
C GLU A 54 -1.36 5.38 -16.48
N GLY A 55 -0.69 5.36 -15.33
CA GLY A 55 0.75 5.55 -15.31
C GLY A 55 1.14 6.84 -14.61
N LYS A 56 0.41 7.18 -13.54
CA LYS A 56 0.69 8.40 -12.79
C LYS A 56 0.72 8.11 -11.29
N PRO A 57 1.50 8.91 -10.55
CA PRO A 57 1.63 8.76 -9.10
C PRO A 57 0.36 9.15 -8.36
N LYS A 58 -0.01 8.34 -7.36
CA LYS A 58 -1.20 8.60 -6.56
C LYS A 58 -0.83 9.13 -5.18
N LYS A 59 -1.84 9.35 -4.36
CA LYS A 59 -1.64 9.85 -3.01
C LYS A 59 -2.01 8.80 -1.97
N ALA A 60 -1.02 8.34 -1.22
CA ALA A 60 -1.24 7.32 -0.19
C ALA A 60 -0.72 7.79 1.16
N ASN A 61 -1.30 7.27 2.24
CA ASN A 61 -0.89 7.63 3.59
C ASN A 61 -0.38 6.41 4.35
N ILE A 62 0.68 6.62 5.12
CA ILE A 62 1.28 5.54 5.91
C ILE A 62 1.22 5.85 7.40
N ARG A 63 0.78 4.88 8.18
CA ARG A 63 0.68 5.05 9.63
C ARG A 63 1.55 4.02 10.36
N ASP A 64 2.10 4.43 11.50
CA ASP A 64 2.95 3.55 12.29
C ASP A 64 2.28 3.19 13.61
N ASN A 65 2.12 1.90 13.86
CA ASN A 65 1.51 1.42 15.10
C ASN A 65 2.48 1.50 16.27
N GLY A 66 3.71 1.05 16.03
CA GLY A 66 4.71 1.08 17.08
C GLY A 66 4.80 -0.23 17.83
N ASP A 67 3.79 -1.08 17.67
CA ASP A 67 3.77 -2.37 18.34
C ASP A 67 4.35 -3.46 17.44
N GLY A 68 4.52 -3.14 16.16
CA GLY A 68 5.07 -4.11 15.22
C GLY A 68 4.22 -4.24 13.97
N THR A 69 3.44 -3.20 13.68
CA THR A 69 2.58 -3.22 12.50
C THR A 69 2.42 -1.81 11.93
N TYR A 70 1.69 -1.71 10.83
CA TYR A 70 1.45 -0.42 10.18
C TYR A 70 0.10 -0.39 9.47
N THR A 71 -0.38 0.80 9.16
CA THR A 71 -1.65 0.97 8.49
C THR A 71 -1.56 1.98 7.36
N VAL A 72 -2.12 1.63 6.21
CA VAL A 72 -2.10 2.51 5.04
C VAL A 72 -3.49 2.65 4.43
N SER A 73 -3.84 3.86 4.02
CA SER A 73 -5.13 4.13 3.40
C SER A 73 -4.97 4.83 2.07
N TYR A 74 -5.87 4.52 1.13
CA TYR A 74 -5.84 5.12 -0.20
C TYR A 74 -7.21 5.04 -0.87
N LEU A 75 -7.45 5.96 -1.80
CA LEU A 75 -8.71 5.99 -2.52
C LEU A 75 -8.48 5.89 -4.02
N PRO A 76 -8.62 4.67 -4.56
CA PRO A 76 -8.43 4.41 -6.00
C PRO A 76 -9.55 5.01 -6.84
N ASP A 77 -9.47 6.30 -7.09
CA ASP A 77 -10.47 7.00 -7.89
C ASP A 77 -10.66 6.31 -9.24
N MET A 78 -9.57 6.13 -9.97
CA MET A 78 -9.62 5.48 -11.27
C MET A 78 -9.76 3.97 -11.13
N SER A 79 -10.28 3.32 -12.17
CA SER A 79 -10.47 1.88 -12.16
C SER A 79 -9.46 1.19 -13.07
N GLY A 80 -8.93 0.06 -12.60
CA GLY A 80 -7.96 -0.69 -13.39
C GLY A 80 -6.90 -1.34 -12.52
N ARG A 81 -5.83 -1.81 -13.17
CA ARG A 81 -4.75 -2.46 -12.45
C ARG A 81 -3.85 -1.44 -11.75
N TYR A 82 -3.92 -1.44 -10.42
CA TYR A 82 -3.13 -0.50 -9.63
C TYR A 82 -1.78 -1.12 -9.24
N THR A 83 -0.73 -0.31 -9.30
CA THR A 83 0.61 -0.79 -8.95
C THR A 83 1.04 -0.25 -7.60
N ILE A 84 0.99 -1.10 -6.58
CA ILE A 84 1.39 -0.71 -5.24
C ILE A 84 2.80 -1.17 -4.92
N THR A 85 3.72 -0.21 -4.80
CA THR A 85 5.12 -0.51 -4.51
C THR A 85 5.43 -0.25 -3.04
N ILE A 86 5.77 -1.31 -2.31
CA ILE A 86 6.09 -1.20 -0.90
C ILE A 86 7.56 -1.50 -0.65
N LYS A 87 8.27 -0.56 -0.03
CA LYS A 87 9.68 -0.74 0.27
C LYS A 87 9.97 -0.43 1.74
N TYR A 88 10.75 -1.29 2.38
CA TYR A 88 11.10 -1.11 3.79
C TYR A 88 12.57 -0.72 3.94
N GLY A 89 12.81 0.39 4.64
CA GLY A 89 14.16 0.86 4.85
C GLY A 89 15.04 0.65 3.63
N GLY A 90 14.43 0.68 2.44
CA GLY A 90 15.18 0.49 1.22
C GLY A 90 15.24 -0.96 0.79
N ASP A 91 14.14 -1.69 1.00
CA ASP A 91 14.08 -3.10 0.63
C ASP A 91 12.67 -3.48 0.19
N GLU A 92 12.49 -3.67 -1.11
CA GLU A 92 11.18 -4.03 -1.66
C GLU A 92 10.76 -5.42 -1.16
N ILE A 93 9.52 -5.53 -0.72
CA ILE A 93 8.99 -6.79 -0.23
C ILE A 93 8.92 -7.83 -1.34
N PRO A 94 9.02 -9.11 -0.96
CA PRO A 94 8.96 -10.23 -1.92
C PRO A 94 7.57 -10.41 -2.51
N TYR A 95 6.66 -9.53 -2.14
CA TYR A 95 5.28 -9.60 -2.64
C TYR A 95 5.01 -8.48 -3.63
N SER A 96 5.90 -7.50 -3.68
CA SER A 96 5.75 -6.37 -4.58
C SER A 96 6.47 -6.63 -5.90
N PRO A 97 6.00 -5.98 -6.97
CA PRO A 97 4.85 -5.06 -6.90
C PRO A 97 3.54 -5.80 -6.64
N PHE A 98 2.65 -5.17 -5.88
CA PHE A 98 1.36 -5.76 -5.56
C PHE A 98 0.35 -5.50 -6.67
N ARG A 99 0.04 -6.53 -7.44
CA ARG A 99 -0.92 -6.42 -8.53
C ARG A 99 -2.36 -6.42 -8.01
N ILE A 100 -2.97 -5.24 -7.96
CA ILE A 100 -4.34 -5.10 -7.48
C ILE A 100 -5.26 -4.64 -8.60
N HIS A 101 -6.50 -5.11 -8.58
CA HIS A 101 -7.49 -4.74 -9.58
C HIS A 101 -8.69 -4.05 -8.94
N ALA A 102 -9.03 -2.87 -9.46
CA ALA A 102 -10.15 -2.10 -8.93
C ALA A 102 -11.35 -2.15 -9.88
N LEU A 103 -12.48 -2.62 -9.37
CA LEU A 103 -13.70 -2.73 -10.18
C LEU A 103 -14.53 -1.47 -10.05
N PRO A 104 -15.15 -1.04 -11.18
CA PRO A 104 -15.99 0.14 -11.22
C PRO A 104 -17.30 -0.04 -10.47
N THR A 105 -17.36 0.47 -9.25
CA THR A 105 -18.55 0.36 -8.41
C THR A 105 -19.48 1.55 -8.62
N GLY A 106 -20.65 1.29 -9.20
CA GLY A 106 -21.61 2.35 -9.45
C GLY A 106 -21.56 2.84 -10.89
N ASP A 107 -22.39 3.84 -11.20
CA ASP A 107 -22.44 4.40 -12.53
C ASP A 107 -21.79 5.78 -12.57
N ALA A 108 -22.14 6.62 -11.60
CA ALA A 108 -21.59 7.97 -11.52
C ALA A 108 -20.11 7.93 -11.16
N SER A 109 -19.28 8.48 -12.05
CA SER A 109 -17.84 8.51 -11.83
C SER A 109 -17.48 9.54 -10.76
N SER A 110 -17.60 9.12 -9.50
CA SER A 110 -17.29 10.01 -8.38
C SER A 110 -17.31 9.24 -7.07
N GLY A 111 -16.22 9.35 -6.31
CA GLY A 111 -16.14 8.66 -5.02
C GLY A 111 -16.79 9.44 -3.90
N PRO A 112 -16.68 8.92 -2.67
CA PRO A 112 -17.25 9.56 -1.49
C PRO A 112 -16.53 10.84 -1.11
N SER A 113 -17.30 11.88 -0.82
CA SER A 113 -16.74 13.18 -0.45
C SER A 113 -16.53 13.27 1.06
N SER A 114 -15.37 13.78 1.47
CA SER A 114 -15.06 13.92 2.89
C SER A 114 -15.16 15.37 3.32
N GLY A 115 -14.63 16.27 2.50
CA GLY A 115 -14.66 17.69 2.82
C GLY A 115 -15.32 18.50 1.73
N GLY A 1 24.80 14.11 2.09
CA GLY A 1 25.66 13.25 2.88
C GLY A 1 25.89 11.91 2.23
N SER A 2 26.17 10.89 3.04
CA SER A 2 26.42 9.55 2.53
C SER A 2 25.83 8.50 3.47
N SER A 3 25.00 7.62 2.92
CA SER A 3 24.36 6.57 3.71
C SER A 3 24.80 5.20 3.21
N GLY A 4 24.58 4.17 4.05
CA GLY A 4 24.95 2.83 3.68
C GLY A 4 25.40 2.01 4.88
N SER A 5 25.09 0.71 4.86
CA SER A 5 25.46 -0.18 5.95
C SER A 5 25.12 -1.62 5.60
N SER A 6 25.63 -2.55 6.42
CA SER A 6 25.37 -3.98 6.20
C SER A 6 23.89 -4.23 5.97
N GLY A 7 23.05 -3.69 6.85
CA GLY A 7 21.63 -3.88 6.72
C GLY A 7 21.05 -4.72 7.85
N ALA A 8 20.08 -4.15 8.58
CA ALA A 8 19.46 -4.85 9.69
C ALA A 8 17.94 -4.85 9.54
N HIS A 9 17.47 -5.07 8.31
CA HIS A 9 16.03 -5.10 8.05
C HIS A 9 15.69 -6.18 7.04
N ASP A 10 14.57 -6.85 7.25
CA ASP A 10 14.13 -7.91 6.36
C ASP A 10 12.71 -7.65 5.85
N ALA A 11 12.61 -7.21 4.60
CA ALA A 11 11.31 -6.92 3.99
C ALA A 11 10.48 -8.18 3.86
N SER A 12 11.15 -9.32 3.71
CA SER A 12 10.47 -10.60 3.57
C SER A 12 9.63 -10.92 4.81
N LYS A 13 9.94 -10.23 5.91
CA LYS A 13 9.23 -10.44 7.17
C LYS A 13 8.01 -9.52 7.25
N VAL A 14 7.65 -8.93 6.12
CA VAL A 14 6.49 -8.03 6.06
C VAL A 14 5.28 -8.73 5.48
N ARG A 15 4.20 -8.79 6.27
CA ARG A 15 2.98 -9.44 5.82
C ARG A 15 1.94 -8.40 5.39
N ALA A 16 1.40 -8.58 4.18
CA ALA A 16 0.40 -7.67 3.65
C ALA A 16 -0.99 -8.29 3.71
N SER A 17 -1.90 -7.63 4.41
CA SER A 17 -3.27 -8.12 4.54
C SER A 17 -4.26 -6.96 4.60
N GLY A 18 -5.53 -7.26 4.36
CA GLY A 18 -6.55 -6.24 4.40
C GLY A 18 -7.28 -6.09 3.07
N PRO A 19 -8.27 -5.19 3.03
CA PRO A 19 -9.06 -4.95 1.82
C PRO A 19 -8.26 -4.23 0.74
N GLY A 20 -7.53 -3.19 1.14
CA GLY A 20 -6.72 -2.45 0.19
C GLY A 20 -5.83 -3.35 -0.65
N LEU A 21 -5.47 -4.49 -0.10
CA LEU A 21 -4.61 -5.44 -0.80
C LEU A 21 -5.40 -6.66 -1.25
N ASN A 22 -6.67 -6.44 -1.59
CA ASN A 22 -7.54 -7.52 -2.05
C ASN A 22 -7.13 -8.02 -3.43
N ALA A 23 -6.78 -9.29 -3.52
CA ALA A 23 -6.37 -9.89 -4.79
C ALA A 23 -7.58 -10.16 -5.69
N SER A 24 -8.72 -10.44 -5.06
CA SER A 24 -9.94 -10.73 -5.81
C SER A 24 -10.47 -9.47 -6.49
N GLY A 25 -10.11 -8.31 -5.95
CA GLY A 25 -10.55 -7.04 -6.51
C GLY A 25 -11.31 -6.20 -5.52
N ILE A 26 -11.01 -4.91 -5.47
CA ILE A 26 -11.67 -4.00 -4.56
C ILE A 26 -12.54 -2.99 -5.31
N PRO A 27 -13.62 -2.55 -4.67
CA PRO A 27 -14.55 -1.57 -5.26
C PRO A 27 -13.94 -0.19 -5.38
N ALA A 28 -13.62 0.20 -6.62
CA ALA A 28 -13.03 1.51 -6.87
C ALA A 28 -13.95 2.63 -6.41
N SER A 29 -13.45 3.86 -6.46
CA SER A 29 -14.23 5.03 -6.04
C SER A 29 -14.62 4.90 -4.57
N LEU A 30 -13.71 4.38 -3.76
CA LEU A 30 -13.95 4.22 -2.33
C LEU A 30 -12.65 4.18 -1.56
N PRO A 31 -12.63 4.85 -0.39
CA PRO A 31 -11.45 4.91 0.48
C PRO A 31 -11.13 3.57 1.12
N VAL A 32 -10.07 2.91 0.64
CA VAL A 32 -9.66 1.62 1.18
C VAL A 32 -8.30 1.71 1.85
N GLU A 33 -8.13 0.96 2.93
CA GLU A 33 -6.87 0.95 3.66
C GLU A 33 -6.51 -0.46 4.14
N PHE A 34 -5.26 -0.84 3.95
CA PHE A 34 -4.79 -2.16 4.35
C PHE A 34 -3.94 -2.07 5.62
N THR A 35 -3.43 -3.23 6.07
CA THR A 35 -2.61 -3.28 7.26
C THR A 35 -1.38 -4.16 7.05
N ILE A 36 -0.20 -3.57 7.23
CA ILE A 36 1.05 -4.30 7.04
C ILE A 36 1.59 -4.80 8.38
N ASP A 37 1.29 -6.07 8.69
CA ASP A 37 1.74 -6.67 9.93
C ASP A 37 3.21 -7.12 9.82
N ALA A 38 4.11 -6.24 10.26
CA ALA A 38 5.54 -6.55 10.21
C ALA A 38 6.20 -6.33 11.56
N ARG A 39 6.73 -7.40 12.14
CA ARG A 39 7.38 -7.31 13.45
C ARG A 39 8.89 -7.14 13.29
N ASP A 40 9.52 -8.08 12.59
CA ASP A 40 10.96 -8.02 12.37
C ASP A 40 11.27 -7.49 10.97
N ALA A 41 10.46 -6.54 10.51
CA ALA A 41 10.65 -5.95 9.19
C ALA A 41 11.95 -5.16 9.13
N GLY A 42 12.48 -4.79 10.29
CA GLY A 42 13.71 -4.04 10.34
C GLY A 42 13.57 -2.75 11.14
N GLU A 43 14.70 -2.07 11.36
CA GLU A 43 14.70 -0.83 12.12
C GLU A 43 14.81 0.37 11.19
N GLY A 44 13.88 0.44 10.22
CA GLY A 44 13.89 1.55 9.28
C GLY A 44 12.53 2.18 9.14
N LEU A 45 12.27 2.78 7.98
CA LEU A 45 10.99 3.44 7.72
C LEU A 45 10.28 2.81 6.53
N LEU A 46 9.03 2.44 6.72
CA LEU A 46 8.24 1.82 5.66
C LEU A 46 7.79 2.86 4.64
N THR A 47 7.80 2.48 3.36
CA THR A 47 7.40 3.38 2.30
C THR A 47 6.37 2.72 1.39
N VAL A 48 5.33 3.47 1.04
CA VAL A 48 4.27 2.96 0.17
C VAL A 48 4.01 3.91 -0.99
N GLN A 49 3.84 3.35 -2.19
CA GLN A 49 3.58 4.15 -3.37
C GLN A 49 2.55 3.47 -4.28
N ILE A 50 1.60 4.24 -4.78
CA ILE A 50 0.57 3.72 -5.65
C ILE A 50 0.55 4.45 -6.99
N LEU A 51 0.44 3.68 -8.07
CA LEU A 51 0.40 4.26 -9.42
C LEU A 51 -0.90 3.91 -10.13
N ASP A 52 -1.70 4.93 -10.39
CA ASP A 52 -2.99 4.73 -11.07
C ASP A 52 -2.83 3.78 -12.26
N PRO A 53 -3.96 3.23 -12.74
CA PRO A 53 -3.97 2.31 -13.87
C PRO A 53 -3.62 2.99 -15.19
N GLU A 54 -3.23 4.26 -15.11
CA GLU A 54 -2.86 5.04 -16.29
C GLU A 54 -1.35 5.20 -16.39
N GLY A 55 -0.69 5.25 -15.24
CA GLY A 55 0.75 5.40 -15.23
C GLY A 55 1.19 6.69 -14.58
N LYS A 56 0.48 7.10 -13.52
CA LYS A 56 0.80 8.32 -12.81
C LYS A 56 0.85 8.09 -11.30
N PRO A 57 1.64 8.91 -10.59
CA PRO A 57 1.79 8.80 -9.14
C PRO A 57 0.52 9.22 -8.40
N LYS A 58 0.16 8.46 -7.38
CA LYS A 58 -1.03 8.75 -6.59
C LYS A 58 -0.66 9.25 -5.20
N LYS A 59 -1.65 9.52 -4.38
CA LYS A 59 -1.42 10.01 -3.02
C LYS A 59 -1.95 9.01 -1.99
N ALA A 60 -1.03 8.49 -1.17
CA ALA A 60 -1.40 7.52 -0.14
C ALA A 60 -0.89 7.95 1.22
N ASN A 61 -1.45 7.36 2.28
CA ASN A 61 -1.04 7.68 3.64
C ASN A 61 -0.49 6.46 4.36
N ILE A 62 0.57 6.65 5.12
CA ILE A 62 1.18 5.55 5.87
C ILE A 62 1.22 5.86 7.36
N ARG A 63 0.92 4.84 8.16
CA ARG A 63 0.92 4.99 9.62
C ARG A 63 1.61 3.81 10.29
N ASP A 64 2.28 4.08 11.41
CA ASP A 64 2.97 3.03 12.15
C ASP A 64 2.28 2.76 13.49
N ASN A 65 2.04 1.48 13.77
CA ASN A 65 1.39 1.10 15.01
C ASN A 65 2.34 1.25 16.19
N GLY A 66 3.60 0.87 15.99
CA GLY A 66 4.58 0.97 17.04
C GLY A 66 4.84 -0.35 17.74
N ASP A 67 3.87 -1.25 17.66
CA ASP A 67 3.98 -2.57 18.28
C ASP A 67 4.63 -3.57 17.34
N GLY A 68 4.42 -3.36 16.04
CA GLY A 68 4.99 -4.25 15.04
C GLY A 68 4.12 -4.36 13.81
N THR A 69 3.42 -3.29 13.47
CA THR A 69 2.54 -3.28 12.31
C THR A 69 2.43 -1.88 11.72
N TYR A 70 1.66 -1.75 10.65
CA TYR A 70 1.48 -0.48 9.98
C TYR A 70 0.12 -0.41 9.28
N THR A 71 -0.34 0.80 9.01
CA THR A 71 -1.62 1.00 8.33
C THR A 71 -1.49 1.98 7.17
N VAL A 72 -2.12 1.64 6.05
CA VAL A 72 -2.08 2.47 4.87
C VAL A 72 -3.48 2.65 4.26
N SER A 73 -3.82 3.90 3.93
CA SER A 73 -5.12 4.20 3.35
C SER A 73 -4.97 4.96 2.04
N TYR A 74 -5.87 4.68 1.10
CA TYR A 74 -5.83 5.34 -0.21
C TYR A 74 -7.20 5.29 -0.89
N LEU A 75 -7.38 6.13 -1.89
CA LEU A 75 -8.65 6.18 -2.62
C LEU A 75 -8.41 6.04 -4.12
N PRO A 76 -8.57 4.81 -4.63
CA PRO A 76 -8.38 4.50 -6.05
C PRO A 76 -9.48 5.11 -6.92
N ASP A 77 -9.34 6.39 -7.24
CA ASP A 77 -10.31 7.09 -8.07
C ASP A 77 -10.58 6.31 -9.35
N MET A 78 -9.53 6.01 -10.10
CA MET A 78 -9.65 5.27 -11.34
C MET A 78 -9.80 3.78 -11.09
N SER A 79 -10.16 3.03 -12.12
CA SER A 79 -10.35 1.59 -12.00
C SER A 79 -9.34 0.84 -12.87
N GLY A 80 -8.89 -0.31 -12.38
CA GLY A 80 -7.93 -1.11 -13.13
C GLY A 80 -6.90 -1.76 -12.22
N ARG A 81 -5.76 -2.15 -12.81
CA ARG A 81 -4.70 -2.79 -12.05
C ARG A 81 -3.75 -1.74 -11.46
N TYR A 82 -3.87 -1.52 -10.15
CA TYR A 82 -3.04 -0.56 -9.46
C TYR A 82 -1.69 -1.17 -9.07
N THR A 83 -0.63 -0.39 -9.21
CA THR A 83 0.71 -0.86 -8.87
C THR A 83 1.19 -0.26 -7.55
N ILE A 84 1.12 -1.06 -6.49
CA ILE A 84 1.54 -0.62 -5.17
C ILE A 84 2.97 -1.09 -4.86
N THR A 85 3.90 -0.13 -4.82
CA THR A 85 5.30 -0.44 -4.53
C THR A 85 5.62 -0.21 -3.06
N ILE A 86 5.85 -1.29 -2.33
CA ILE A 86 6.17 -1.19 -0.91
C ILE A 86 7.65 -1.52 -0.66
N LYS A 87 8.37 -0.57 -0.08
CA LYS A 87 9.78 -0.74 0.22
C LYS A 87 10.07 -0.46 1.69
N TYR A 88 10.87 -1.32 2.31
CA TYR A 88 11.22 -1.16 3.72
C TYR A 88 12.69 -0.77 3.87
N GLY A 89 12.94 0.28 4.63
CA GLY A 89 14.30 0.75 4.84
C GLY A 89 15.15 0.63 3.59
N GLY A 90 14.53 0.81 2.44
CA GLY A 90 15.26 0.71 1.19
C GLY A 90 15.35 -0.72 0.67
N ASP A 91 14.31 -1.50 0.92
CA ASP A 91 14.28 -2.89 0.49
C ASP A 91 12.88 -3.29 0.03
N GLU A 92 12.70 -3.46 -1.27
CA GLU A 92 11.42 -3.84 -1.83
C GLU A 92 11.01 -5.24 -1.37
N ILE A 93 9.84 -5.35 -0.76
CA ILE A 93 9.34 -6.63 -0.27
C ILE A 93 9.24 -7.64 -1.40
N PRO A 94 9.36 -8.93 -1.06
CA PRO A 94 9.28 -10.02 -2.03
C PRO A 94 7.87 -10.21 -2.58
N TYR A 95 6.97 -9.33 -2.16
CA TYR A 95 5.58 -9.40 -2.61
C TYR A 95 5.27 -8.29 -3.61
N SER A 96 6.10 -7.25 -3.60
CA SER A 96 5.92 -6.11 -4.50
C SER A 96 6.62 -6.36 -5.83
N PRO A 97 6.11 -5.73 -6.89
CA PRO A 97 4.95 -4.85 -6.81
C PRO A 97 3.65 -5.62 -6.53
N PHE A 98 2.77 -5.01 -5.76
CA PHE A 98 1.49 -5.65 -5.42
C PHE A 98 0.45 -5.40 -6.51
N ARG A 99 0.13 -6.46 -7.26
CA ARG A 99 -0.84 -6.35 -8.33
C ARG A 99 -2.26 -6.42 -7.79
N ILE A 100 -2.91 -5.26 -7.69
CA ILE A 100 -4.27 -5.19 -7.18
C ILE A 100 -5.25 -4.76 -8.28
N HIS A 101 -6.45 -5.32 -8.24
CA HIS A 101 -7.47 -5.01 -9.23
C HIS A 101 -8.60 -4.20 -8.60
N ALA A 102 -9.08 -3.19 -9.32
CA ALA A 102 -10.15 -2.34 -8.84
C ALA A 102 -11.38 -2.45 -9.73
N LEU A 103 -12.49 -2.91 -9.16
CA LEU A 103 -13.73 -3.07 -9.91
C LEU A 103 -14.63 -1.85 -9.71
N PRO A 104 -15.31 -1.43 -10.80
CA PRO A 104 -16.22 -0.29 -10.76
C PRO A 104 -17.49 -0.58 -9.97
N THR A 105 -17.62 0.09 -8.82
CA THR A 105 -18.78 -0.09 -7.97
C THR A 105 -19.94 0.82 -8.40
N GLY A 106 -21.09 0.21 -8.65
CA GLY A 106 -22.25 0.98 -9.07
C GLY A 106 -22.93 1.69 -7.92
N ASP A 107 -23.85 2.59 -8.24
CA ASP A 107 -24.57 3.34 -7.22
C ASP A 107 -23.60 4.01 -6.25
N ALA A 108 -22.52 4.56 -6.79
CA ALA A 108 -21.51 5.23 -5.98
C ALA A 108 -20.99 6.48 -6.67
N SER A 109 -21.00 7.60 -5.95
CA SER A 109 -20.52 8.86 -6.50
C SER A 109 -19.21 8.67 -7.26
N SER A 110 -18.92 9.61 -8.15
CA SER A 110 -17.70 9.55 -8.95
C SER A 110 -16.49 9.99 -8.13
N GLY A 111 -15.61 9.04 -7.83
CA GLY A 111 -14.42 9.35 -7.05
C GLY A 111 -14.72 10.29 -5.90
N PRO A 112 -15.44 9.78 -4.88
CA PRO A 112 -15.81 10.56 -3.70
C PRO A 112 -14.61 10.86 -2.81
N SER A 113 -14.78 11.80 -1.90
CA SER A 113 -13.70 12.19 -0.99
C SER A 113 -14.26 12.90 0.26
N SER A 114 -13.45 12.96 1.30
CA SER A 114 -13.87 13.60 2.54
C SER A 114 -14.38 15.01 2.28
N GLY A 115 -13.65 15.76 1.47
CA GLY A 115 -14.05 17.11 1.14
C GLY A 115 -13.09 18.15 1.70
N GLY A 1 28.55 2.52 -5.00
CA GLY A 1 28.00 1.68 -3.95
C GLY A 1 28.71 1.86 -2.62
N SER A 2 27.93 1.92 -1.54
CA SER A 2 28.50 2.11 -0.21
C SER A 2 29.16 0.82 0.28
N SER A 3 30.47 0.87 0.44
CA SER A 3 31.23 -0.29 0.90
C SER A 3 31.43 -0.25 2.41
N GLY A 4 30.45 -0.78 3.14
CA GLY A 4 30.54 -0.79 4.59
C GLY A 4 29.50 -1.69 5.23
N SER A 5 28.24 -1.31 5.12
CA SER A 5 27.15 -2.09 5.69
C SER A 5 25.92 -2.07 4.79
N SER A 6 25.20 -3.18 4.75
CA SER A 6 24.01 -3.28 3.91
C SER A 6 22.76 -2.87 4.70
N GLY A 7 22.51 -3.57 5.81
CA GLY A 7 21.35 -3.28 6.63
C GLY A 7 20.84 -4.48 7.38
N ALA A 8 20.15 -4.24 8.49
CA ALA A 8 19.61 -5.33 9.29
C ALA A 8 18.09 -5.38 9.20
N HIS A 9 17.57 -5.12 8.00
CA HIS A 9 16.14 -5.14 7.76
C HIS A 9 15.75 -6.27 6.81
N ASP A 10 14.58 -6.86 7.05
CA ASP A 10 14.10 -7.95 6.21
C ASP A 10 12.69 -7.66 5.70
N ALA A 11 12.60 -7.23 4.45
CA ALA A 11 11.31 -6.91 3.84
C ALA A 11 10.44 -8.16 3.74
N SER A 12 11.08 -9.31 3.57
CA SER A 12 10.36 -10.58 3.46
C SER A 12 9.60 -10.88 4.75
N LYS A 13 9.87 -10.12 5.79
CA LYS A 13 9.21 -10.30 7.07
C LYS A 13 7.99 -9.40 7.20
N VAL A 14 7.66 -8.71 6.11
CA VAL A 14 6.51 -7.81 6.10
C VAL A 14 5.25 -8.52 5.61
N ARG A 15 4.23 -8.55 6.46
CA ARG A 15 2.97 -9.21 6.11
C ARG A 15 1.96 -8.21 5.58
N ALA A 16 1.42 -8.48 4.40
CA ALA A 16 0.43 -7.60 3.79
C ALA A 16 -0.94 -8.25 3.74
N SER A 17 -1.90 -7.67 4.45
CA SER A 17 -3.26 -8.20 4.49
C SER A 17 -4.27 -7.08 4.67
N GLY A 18 -5.49 -7.32 4.19
CA GLY A 18 -6.54 -6.31 4.30
C GLY A 18 -7.30 -6.12 3.00
N PRO A 19 -8.26 -5.18 3.01
CA PRO A 19 -9.08 -4.88 1.83
C PRO A 19 -8.27 -4.20 0.73
N GLY A 20 -7.43 -3.25 1.13
CA GLY A 20 -6.62 -2.53 0.16
C GLY A 20 -5.72 -3.45 -0.65
N LEU A 21 -5.39 -4.61 -0.07
CA LEU A 21 -4.54 -5.57 -0.74
C LEU A 21 -5.34 -6.79 -1.18
N ASN A 22 -6.56 -6.56 -1.63
CA ASN A 22 -7.42 -7.64 -2.09
C ASN A 22 -7.01 -8.13 -3.47
N ALA A 23 -6.64 -9.40 -3.56
CA ALA A 23 -6.21 -9.99 -4.83
C ALA A 23 -7.41 -10.32 -5.70
N SER A 24 -8.57 -10.49 -5.07
CA SER A 24 -9.79 -10.81 -5.80
C SER A 24 -10.37 -9.58 -6.48
N GLY A 25 -9.99 -8.41 -6.00
CA GLY A 25 -10.47 -7.16 -6.57
C GLY A 25 -11.08 -6.24 -5.54
N ILE A 26 -10.70 -4.97 -5.58
CA ILE A 26 -11.21 -3.99 -4.64
C ILE A 26 -12.16 -3.01 -5.33
N PRO A 27 -13.20 -2.58 -4.60
CA PRO A 27 -14.20 -1.64 -5.11
C PRO A 27 -13.63 -0.24 -5.30
N ALA A 28 -13.47 0.16 -6.57
CA ALA A 28 -12.93 1.48 -6.88
C ALA A 28 -13.85 2.58 -6.35
N SER A 29 -13.36 3.82 -6.40
CA SER A 29 -14.13 4.96 -5.92
C SER A 29 -14.54 4.77 -4.47
N LEU A 30 -13.58 4.31 -3.65
CA LEU A 30 -13.84 4.09 -2.23
C LEU A 30 -12.53 4.06 -1.45
N PRO A 31 -12.54 4.68 -0.25
CA PRO A 31 -11.36 4.73 0.61
C PRO A 31 -11.02 3.37 1.21
N VAL A 32 -9.99 2.74 0.66
CA VAL A 32 -9.56 1.43 1.14
C VAL A 32 -8.21 1.51 1.84
N GLU A 33 -8.05 0.74 2.91
CA GLU A 33 -6.80 0.73 3.66
C GLU A 33 -6.45 -0.68 4.11
N PHE A 34 -5.17 -1.03 4.00
CA PHE A 34 -4.70 -2.35 4.38
C PHE A 34 -3.90 -2.29 5.68
N THR A 35 -3.36 -3.43 6.10
CA THR A 35 -2.57 -3.50 7.32
C THR A 35 -1.23 -4.19 7.08
N ILE A 36 -0.15 -3.48 7.34
CA ILE A 36 1.20 -4.03 7.15
C ILE A 36 1.79 -4.49 8.48
N ASP A 37 1.49 -5.72 8.86
CA ASP A 37 2.01 -6.28 10.11
C ASP A 37 3.45 -6.76 9.94
N ALA A 38 4.39 -5.94 10.39
CA ALA A 38 5.81 -6.27 10.28
C ALA A 38 6.50 -6.13 11.63
N ARG A 39 7.02 -7.23 12.15
CA ARG A 39 7.72 -7.23 13.44
C ARG A 39 9.22 -7.08 13.24
N ASP A 40 9.81 -8.00 12.49
CA ASP A 40 11.24 -7.97 12.23
C ASP A 40 11.53 -7.43 10.83
N ALA A 41 10.69 -6.49 10.39
CA ALA A 41 10.86 -5.89 9.07
C ALA A 41 12.17 -5.12 8.97
N GLY A 42 12.73 -4.76 10.13
CA GLY A 42 13.98 -4.02 10.16
C GLY A 42 13.87 -2.73 10.93
N GLU A 43 15.01 -2.09 11.18
CA GLU A 43 15.04 -0.84 11.91
C GLU A 43 15.05 0.36 10.97
N GLY A 44 14.07 0.39 10.07
CA GLY A 44 13.97 1.48 9.12
C GLY A 44 12.59 2.08 9.04
N LEU A 45 12.25 2.66 7.90
CA LEU A 45 10.94 3.27 7.70
C LEU A 45 10.20 2.61 6.54
N LEU A 46 8.90 2.41 6.71
CA LEU A 46 8.07 1.79 5.68
C LEU A 46 7.60 2.83 4.67
N THR A 47 7.64 2.47 3.39
CA THR A 47 7.21 3.37 2.33
C THR A 47 6.18 2.70 1.43
N VAL A 48 5.18 3.46 1.00
CA VAL A 48 4.14 2.95 0.13
C VAL A 48 3.92 3.86 -1.07
N GLN A 49 3.85 3.26 -2.26
CA GLN A 49 3.64 4.02 -3.48
C GLN A 49 2.59 3.36 -4.37
N ILE A 50 1.63 4.15 -4.83
CA ILE A 50 0.56 3.65 -5.70
C ILE A 50 0.55 4.36 -7.04
N LEU A 51 0.39 3.58 -8.11
CA LEU A 51 0.36 4.15 -9.45
C LEU A 51 -0.98 3.85 -10.13
N ASP A 52 -1.73 4.91 -10.45
CA ASP A 52 -3.02 4.76 -11.09
C ASP A 52 -2.93 3.79 -12.28
N PRO A 53 -4.09 3.31 -12.73
CA PRO A 53 -4.17 2.36 -13.85
C PRO A 53 -3.80 3.01 -15.18
N GLU A 54 -3.33 4.25 -15.12
CA GLU A 54 -2.95 4.98 -16.32
C GLU A 54 -1.43 5.06 -16.44
N GLY A 55 -0.76 5.17 -15.31
CA GLY A 55 0.69 5.25 -15.30
C GLY A 55 1.19 6.54 -14.66
N LYS A 56 0.49 6.99 -13.63
CA LYS A 56 0.87 8.21 -12.93
C LYS A 56 0.98 7.97 -11.42
N PRO A 57 1.82 8.77 -10.76
CA PRO A 57 2.03 8.66 -9.31
C PRO A 57 0.81 9.11 -8.51
N LYS A 58 0.45 8.32 -7.51
CA LYS A 58 -0.70 8.64 -6.67
C LYS A 58 -0.26 9.08 -5.28
N LYS A 59 -1.22 9.37 -4.41
CA LYS A 59 -0.92 9.80 -3.05
C LYS A 59 -1.59 8.88 -2.03
N ALA A 60 -0.79 8.38 -1.09
CA ALA A 60 -1.30 7.49 -0.06
C ALA A 60 -0.90 7.98 1.34
N ASN A 61 -1.54 7.43 2.35
CA ASN A 61 -1.26 7.81 3.73
C ASN A 61 -0.72 6.63 4.52
N ILE A 62 0.18 6.92 5.46
CA ILE A 62 0.78 5.89 6.29
C ILE A 62 0.67 6.22 7.77
N ARG A 63 0.45 5.20 8.59
CA ARG A 63 0.32 5.39 10.03
C ARG A 63 1.26 4.47 10.79
N ASP A 64 1.63 4.88 12.00
CA ASP A 64 2.53 4.08 12.84
C ASP A 64 1.79 3.52 14.04
N ASN A 65 1.72 2.19 14.11
CA ASN A 65 1.04 1.52 15.21
C ASN A 65 1.99 1.31 16.40
N GLY A 66 3.20 0.87 16.10
CA GLY A 66 4.19 0.64 17.13
C GLY A 66 4.15 -0.77 17.67
N ASP A 67 3.04 -1.46 17.45
CA ASP A 67 2.88 -2.84 17.90
C ASP A 67 3.46 -3.81 16.89
N GLY A 68 4.42 -3.34 16.09
CA GLY A 68 5.03 -4.19 15.09
C GLY A 68 4.21 -4.28 13.83
N THR A 69 3.35 -3.29 13.60
CA THR A 69 2.50 -3.26 12.42
C THR A 69 2.28 -1.84 11.94
N TYR A 70 1.63 -1.71 10.78
CA TYR A 70 1.36 -0.40 10.20
C TYR A 70 0.03 -0.39 9.46
N THR A 71 -0.49 0.81 9.20
CA THR A 71 -1.76 0.94 8.50
C THR A 71 -1.64 1.94 7.35
N VAL A 72 -2.15 1.55 6.18
CA VAL A 72 -2.09 2.41 5.01
C VAL A 72 -3.48 2.55 4.37
N SER A 73 -3.85 3.78 4.04
CA SER A 73 -5.15 4.05 3.43
C SER A 73 -4.98 4.82 2.13
N TYR A 74 -5.85 4.55 1.17
CA TYR A 74 -5.80 5.22 -0.12
C TYR A 74 -7.16 5.14 -0.84
N LEU A 75 -7.39 6.06 -1.76
CA LEU A 75 -8.64 6.10 -2.51
C LEU A 75 -8.38 6.02 -4.00
N PRO A 76 -8.50 4.81 -4.57
CA PRO A 76 -8.28 4.57 -6.00
C PRO A 76 -9.38 5.18 -6.86
N ASP A 77 -9.26 6.48 -7.13
CA ASP A 77 -10.24 7.18 -7.94
C ASP A 77 -10.49 6.45 -9.26
N MET A 78 -9.41 6.16 -9.97
CA MET A 78 -9.50 5.46 -11.25
C MET A 78 -9.67 3.96 -11.04
N SER A 79 -10.14 3.27 -12.07
CA SER A 79 -10.37 1.83 -12.00
C SER A 79 -9.38 1.08 -12.90
N GLY A 80 -8.98 -0.12 -12.46
CA GLY A 80 -8.06 -0.91 -13.24
C GLY A 80 -7.02 -1.59 -12.37
N ARG A 81 -5.84 -1.84 -12.94
CA ARG A 81 -4.76 -2.50 -12.21
C ARG A 81 -3.83 -1.47 -11.58
N TYR A 82 -3.86 -1.39 -10.26
CA TYR A 82 -3.01 -0.44 -9.53
C TYR A 82 -1.68 -1.07 -9.16
N THR A 83 -0.61 -0.31 -9.30
CA THR A 83 0.73 -0.79 -8.97
C THR A 83 1.19 -0.26 -7.63
N ILE A 84 1.11 -1.11 -6.61
CA ILE A 84 1.53 -0.73 -5.26
C ILE A 84 2.94 -1.23 -4.96
N THR A 85 3.87 -0.29 -4.80
CA THR A 85 5.26 -0.64 -4.50
C THR A 85 5.60 -0.34 -3.05
N ILE A 86 5.80 -1.40 -2.26
CA ILE A 86 6.14 -1.24 -0.86
C ILE A 86 7.61 -1.55 -0.60
N LYS A 87 8.34 -0.56 -0.11
CA LYS A 87 9.76 -0.72 0.18
C LYS A 87 10.06 -0.44 1.65
N TYR A 88 10.83 -1.32 2.27
CA TYR A 88 11.19 -1.16 3.67
C TYR A 88 12.66 -0.79 3.83
N GLY A 89 12.91 0.32 4.52
CA GLY A 89 14.27 0.78 4.73
C GLY A 89 15.14 0.56 3.51
N GLY A 90 14.54 0.62 2.32
CA GLY A 90 15.28 0.42 1.09
C GLY A 90 15.33 -1.04 0.67
N ASP A 91 14.19 -1.72 0.80
CA ASP A 91 14.11 -3.13 0.42
C ASP A 91 12.71 -3.48 -0.08
N GLU A 92 12.60 -3.71 -1.39
CA GLU A 92 11.31 -4.05 -1.98
C GLU A 92 10.84 -5.43 -1.54
N ILE A 93 9.72 -5.46 -0.84
CA ILE A 93 9.17 -6.72 -0.34
C ILE A 93 9.05 -7.74 -1.48
N PRO A 94 9.16 -9.04 -1.11
CA PRO A 94 9.07 -10.13 -2.07
C PRO A 94 7.67 -10.30 -2.63
N TYR A 95 6.76 -9.44 -2.21
CA TYR A 95 5.37 -9.50 -2.66
C TYR A 95 5.06 -8.34 -3.61
N SER A 96 6.01 -7.42 -3.74
CA SER A 96 5.84 -6.26 -4.61
C SER A 96 6.56 -6.46 -5.93
N PRO A 97 6.07 -5.79 -6.99
CA PRO A 97 4.91 -4.91 -6.89
C PRO A 97 3.61 -5.69 -6.66
N PHE A 98 2.72 -5.11 -5.85
CA PHE A 98 1.45 -5.75 -5.54
C PHE A 98 0.41 -5.42 -6.62
N ARG A 99 0.00 -6.44 -7.37
CA ARG A 99 -0.99 -6.26 -8.42
C ARG A 99 -2.41 -6.32 -7.86
N ILE A 100 -3.01 -5.15 -7.65
CA ILE A 100 -4.36 -5.08 -7.12
C ILE A 100 -5.32 -4.48 -8.14
N HIS A 101 -6.32 -5.26 -8.54
CA HIS A 101 -7.31 -4.80 -9.51
C HIS A 101 -8.46 -4.08 -8.80
N ALA A 102 -8.95 -3.01 -9.43
CA ALA A 102 -10.05 -2.23 -8.87
C ALA A 102 -11.29 -2.31 -9.76
N LEU A 103 -12.37 -2.82 -9.20
CA LEU A 103 -13.63 -2.95 -9.95
C LEU A 103 -14.58 -1.81 -9.62
N PRO A 104 -15.26 -1.30 -10.65
CA PRO A 104 -16.22 -0.20 -10.50
C PRO A 104 -17.48 -0.63 -9.74
N THR A 105 -17.56 -0.21 -8.48
CA THR A 105 -18.70 -0.56 -7.64
C THR A 105 -19.85 0.43 -7.85
N GLY A 106 -19.53 1.61 -8.37
CA GLY A 106 -20.54 2.62 -8.61
C GLY A 106 -20.10 3.64 -9.63
N ASP A 107 -21.06 4.31 -10.27
CA ASP A 107 -20.76 5.32 -11.26
C ASP A 107 -21.54 6.61 -10.99
N ALA A 108 -22.82 6.46 -10.67
CA ALA A 108 -23.67 7.61 -10.38
C ALA A 108 -23.43 8.12 -8.97
N SER A 109 -23.69 7.27 -7.97
CA SER A 109 -23.50 7.65 -6.58
C SER A 109 -22.77 6.55 -5.82
N SER A 110 -21.52 6.83 -5.48
CA SER A 110 -20.70 5.86 -4.75
C SER A 110 -19.35 6.46 -4.36
N GLY A 111 -19.19 6.79 -3.08
CA GLY A 111 -17.95 7.37 -2.62
C GLY A 111 -17.85 8.85 -2.92
N PRO A 112 -16.62 9.34 -3.12
CA PRO A 112 -16.37 10.75 -3.41
C PRO A 112 -16.86 11.15 -4.81
N SER A 113 -17.46 10.20 -5.51
CA SER A 113 -17.97 10.44 -6.85
C SER A 113 -18.49 11.87 -6.98
N SER A 114 -17.86 12.65 -7.86
CA SER A 114 -18.25 14.03 -8.08
C SER A 114 -19.77 14.17 -8.09
N GLY A 115 -20.31 14.79 -7.03
CA GLY A 115 -21.74 14.97 -6.94
C GLY A 115 -22.19 16.34 -7.42
N GLY A 1 18.63 9.08 10.33
CA GLY A 1 18.08 7.90 9.69
C GLY A 1 18.81 6.63 10.08
N SER A 2 19.55 6.06 9.13
CA SER A 2 20.30 4.83 9.39
C SER A 2 21.59 5.13 10.14
N SER A 3 21.63 4.75 11.41
CA SER A 3 22.81 4.97 12.25
C SER A 3 23.20 3.71 13.00
N GLY A 4 24.49 3.56 13.27
CA GLY A 4 24.97 2.39 13.98
C GLY A 4 24.19 1.14 13.63
N SER A 5 24.15 0.81 12.34
CA SER A 5 23.43 -0.37 11.88
C SER A 5 23.66 -0.60 10.39
N SER A 6 24.17 -1.78 10.05
CA SER A 6 24.45 -2.11 8.66
C SER A 6 23.19 -2.64 7.97
N GLY A 7 22.32 -1.73 7.55
CA GLY A 7 21.09 -2.13 6.89
C GLY A 7 20.52 -3.42 7.44
N ALA A 8 20.16 -3.41 8.71
CA ALA A 8 19.60 -4.59 9.36
C ALA A 8 18.08 -4.60 9.26
N HIS A 9 17.56 -4.94 8.09
CA HIS A 9 16.12 -4.99 7.86
C HIS A 9 15.74 -6.12 6.92
N ASP A 10 14.66 -6.81 7.22
CA ASP A 10 14.18 -7.92 6.40
C ASP A 10 12.79 -7.64 5.85
N ALA A 11 12.73 -7.12 4.63
CA ALA A 11 11.45 -6.81 3.99
C ALA A 11 10.61 -8.07 3.82
N SER A 12 11.27 -9.20 3.62
CA SER A 12 10.58 -10.47 3.44
C SER A 12 9.79 -10.85 4.68
N LYS A 13 9.99 -10.09 5.76
CA LYS A 13 9.30 -10.34 7.02
C LYS A 13 8.07 -9.45 7.14
N VAL A 14 7.71 -8.80 6.05
CA VAL A 14 6.55 -7.90 6.03
C VAL A 14 5.32 -8.62 5.48
N ARG A 15 4.26 -8.67 6.28
CA ARG A 15 3.02 -9.31 5.87
C ARG A 15 1.99 -8.29 5.42
N ALA A 16 1.54 -8.43 4.17
CA ALA A 16 0.55 -7.51 3.61
C ALA A 16 -0.83 -8.17 3.55
N SER A 17 -1.79 -7.59 4.27
CA SER A 17 -3.14 -8.12 4.31
C SER A 17 -4.16 -6.98 4.44
N GLY A 18 -5.42 -7.30 4.19
CA GLY A 18 -6.48 -6.30 4.28
C GLY A 18 -7.24 -6.13 2.99
N PRO A 19 -8.20 -5.21 2.98
CA PRO A 19 -9.03 -4.93 1.80
C PRO A 19 -8.24 -4.24 0.69
N GLY A 20 -7.43 -3.25 1.07
CA GLY A 20 -6.63 -2.53 0.10
C GLY A 20 -5.73 -3.46 -0.71
N LEU A 21 -5.36 -4.59 -0.11
CA LEU A 21 -4.49 -5.56 -0.78
C LEU A 21 -5.28 -6.78 -1.21
N ASN A 22 -6.53 -6.56 -1.62
CA ASN A 22 -7.39 -7.66 -2.06
C ASN A 22 -7.08 -8.04 -3.51
N ALA A 23 -6.73 -9.31 -3.71
CA ALA A 23 -6.40 -9.82 -5.03
C ALA A 23 -7.67 -10.18 -5.80
N SER A 24 -8.77 -10.35 -5.08
CA SER A 24 -10.05 -10.71 -5.70
C SER A 24 -10.68 -9.49 -6.37
N GLY A 25 -10.23 -8.31 -5.98
CA GLY A 25 -10.76 -7.09 -6.55
C GLY A 25 -11.41 -6.18 -5.51
N ILE A 26 -11.13 -4.89 -5.60
CA ILE A 26 -11.68 -3.93 -4.66
C ILE A 26 -12.54 -2.89 -5.37
N PRO A 27 -13.61 -2.43 -4.70
CA PRO A 27 -14.53 -1.44 -5.26
C PRO A 27 -13.88 -0.05 -5.36
N ALA A 28 -13.67 0.40 -6.59
CA ALA A 28 -13.07 1.70 -6.83
C ALA A 28 -13.92 2.82 -6.23
N SER A 29 -13.42 4.05 -6.32
CA SER A 29 -14.13 5.20 -5.78
C SER A 29 -14.52 4.97 -4.32
N LEU A 30 -13.56 4.54 -3.52
CA LEU A 30 -13.80 4.28 -2.10
C LEU A 30 -12.48 4.24 -1.32
N PRO A 31 -12.48 4.87 -0.13
CA PRO A 31 -11.30 4.91 0.73
C PRO A 31 -10.97 3.55 1.34
N VAL A 32 -9.97 2.89 0.79
CA VAL A 32 -9.55 1.58 1.28
C VAL A 32 -8.19 1.65 1.95
N GLU A 33 -8.01 0.89 3.02
CA GLU A 33 -6.75 0.86 3.75
C GLU A 33 -6.41 -0.56 4.20
N PHE A 34 -5.14 -0.92 4.08
CA PHE A 34 -4.68 -2.25 4.47
C PHE A 34 -3.85 -2.19 5.75
N THR A 35 -3.34 -3.34 6.17
CA THR A 35 -2.52 -3.41 7.38
C THR A 35 -1.25 -4.22 7.14
N ILE A 36 -0.11 -3.57 7.34
CA ILE A 36 1.18 -4.23 7.15
C ILE A 36 1.75 -4.74 8.47
N ASP A 37 1.45 -6.00 8.78
CA ASP A 37 1.92 -6.61 10.01
C ASP A 37 3.37 -7.06 9.87
N ALA A 38 4.30 -6.21 10.29
CA ALA A 38 5.72 -6.53 10.21
C ALA A 38 6.41 -6.31 11.56
N ARG A 39 6.94 -7.39 12.12
CA ARG A 39 7.62 -7.32 13.40
C ARG A 39 9.13 -7.15 13.21
N ASP A 40 9.74 -8.09 12.50
CA ASP A 40 11.18 -8.04 12.24
C ASP A 40 11.46 -7.46 10.86
N ALA A 41 10.63 -6.51 10.44
CA ALA A 41 10.79 -5.87 9.14
C ALA A 41 12.11 -5.11 9.06
N GLY A 42 12.65 -4.74 10.22
CA GLY A 42 13.91 -4.02 10.26
C GLY A 42 13.80 -2.71 11.02
N GLU A 43 14.93 -2.07 11.26
CA GLU A 43 14.96 -0.81 11.98
C GLU A 43 14.96 0.37 11.02
N GLY A 44 13.95 0.41 10.15
CA GLY A 44 13.84 1.49 9.18
C GLY A 44 12.43 2.06 9.11
N LEU A 45 12.14 2.74 8.00
CA LEU A 45 10.82 3.33 7.79
C LEU A 45 10.11 2.70 6.60
N LEU A 46 8.86 2.32 6.80
CA LEU A 46 8.06 1.71 5.74
C LEU A 46 7.61 2.75 4.73
N THR A 47 7.57 2.36 3.46
CA THR A 47 7.16 3.25 2.39
C THR A 47 6.15 2.58 1.47
N VAL A 48 5.13 3.33 1.06
CA VAL A 48 4.10 2.81 0.18
C VAL A 48 3.79 3.79 -0.95
N GLN A 49 3.66 3.27 -2.16
CA GLN A 49 3.37 4.10 -3.32
C GLN A 49 2.39 3.41 -4.26
N ILE A 50 1.42 4.16 -4.77
CA ILE A 50 0.42 3.62 -5.68
C ILE A 50 0.42 4.36 -7.00
N LEU A 51 0.38 3.62 -8.10
CA LEU A 51 0.37 4.21 -9.43
C LEU A 51 -0.90 3.85 -10.18
N ASP A 52 -1.74 4.85 -10.44
CA ASP A 52 -3.00 4.65 -11.15
C ASP A 52 -2.80 3.66 -12.30
N PRO A 53 -3.92 3.11 -12.80
CA PRO A 53 -3.90 2.15 -13.92
C PRO A 53 -3.52 2.80 -15.23
N GLU A 54 -3.13 4.07 -15.17
CA GLU A 54 -2.74 4.80 -16.37
C GLU A 54 -1.23 4.98 -16.42
N GLY A 55 -0.60 5.10 -15.26
CA GLY A 55 0.84 5.26 -15.19
C GLY A 55 1.24 6.59 -14.56
N LYS A 56 0.51 6.99 -13.52
CA LYS A 56 0.79 8.23 -12.82
C LYS A 56 0.83 8.01 -11.31
N PRO A 57 1.60 8.87 -10.61
CA PRO A 57 1.75 8.78 -9.15
C PRO A 57 0.47 9.18 -8.42
N LYS A 58 0.10 8.39 -7.42
CA LYS A 58 -1.10 8.66 -6.64
C LYS A 58 -0.74 9.16 -5.24
N LYS A 59 -1.76 9.40 -4.42
CA LYS A 59 -1.54 9.87 -3.07
C LYS A 59 -1.86 8.79 -2.04
N ALA A 60 -0.86 8.39 -1.27
CA ALA A 60 -1.04 7.36 -0.25
C ALA A 60 -0.61 7.87 1.12
N ASN A 61 -1.22 7.32 2.16
CA ASN A 61 -0.91 7.72 3.53
C ASN A 61 -0.38 6.54 4.33
N ILE A 62 0.51 6.82 5.28
CA ILE A 62 1.10 5.78 6.12
C ILE A 62 1.00 6.14 7.60
N ARG A 63 0.69 5.15 8.43
CA ARG A 63 0.58 5.36 9.86
C ARG A 63 1.37 4.33 10.64
N ASP A 64 1.99 4.75 11.73
CA ASP A 64 2.78 3.85 12.57
C ASP A 64 1.98 3.34 13.76
N ASN A 65 1.92 2.04 13.91
CA ASN A 65 1.17 1.42 15.00
C ASN A 65 2.07 1.22 16.23
N GLY A 66 3.33 0.87 15.97
CA GLY A 66 4.27 0.65 17.06
C GLY A 66 4.22 -0.77 17.59
N ASP A 67 3.09 -1.44 17.39
CA ASP A 67 2.92 -2.81 17.86
C ASP A 67 3.47 -3.80 16.83
N GLY A 68 4.49 -3.38 16.10
CA GLY A 68 5.10 -4.24 15.10
C GLY A 68 4.25 -4.34 13.85
N THR A 69 3.48 -3.30 13.57
CA THR A 69 2.62 -3.29 12.39
C THR A 69 2.45 -1.86 11.86
N TYR A 70 1.79 -1.74 10.72
CA TYR A 70 1.57 -0.44 10.10
C TYR A 70 0.22 -0.41 9.37
N THR A 71 -0.26 0.80 9.09
CA THR A 71 -1.53 0.97 8.40
C THR A 71 -1.41 1.98 7.26
N VAL A 72 -1.98 1.63 6.11
CA VAL A 72 -1.94 2.51 4.95
C VAL A 72 -3.32 2.64 4.31
N SER A 73 -3.72 3.88 4.05
CA SER A 73 -5.03 4.14 3.44
C SER A 73 -4.87 4.89 2.12
N TYR A 74 -5.78 4.63 1.19
CA TYR A 74 -5.75 5.27 -0.12
C TYR A 74 -7.11 5.23 -0.78
N LEU A 75 -7.29 6.04 -1.81
CA LEU A 75 -8.55 6.11 -2.53
C LEU A 75 -8.33 5.99 -4.04
N PRO A 76 -8.52 4.78 -4.57
CA PRO A 76 -8.34 4.50 -6.01
C PRO A 76 -9.42 5.15 -6.86
N ASP A 77 -9.22 6.41 -7.19
CA ASP A 77 -10.19 7.15 -8.01
C ASP A 77 -10.55 6.36 -9.27
N MET A 78 -9.53 6.03 -10.06
CA MET A 78 -9.73 5.28 -11.29
C MET A 78 -9.85 3.79 -11.01
N SER A 79 -10.30 3.04 -12.01
CA SER A 79 -10.46 1.60 -11.86
C SER A 79 -9.50 0.85 -12.78
N GLY A 80 -9.08 -0.34 -12.36
CA GLY A 80 -8.17 -1.14 -13.15
C GLY A 80 -7.08 -1.78 -12.31
N ARG A 81 -5.97 -2.13 -12.95
CA ARG A 81 -4.85 -2.76 -12.26
C ARG A 81 -3.93 -1.71 -11.66
N TYR A 82 -3.92 -1.62 -10.34
CA TYR A 82 -3.09 -0.65 -9.63
C TYR A 82 -1.73 -1.25 -9.29
N THR A 83 -0.70 -0.41 -9.29
CA THR A 83 0.65 -0.86 -8.97
C THR A 83 1.11 -0.31 -7.61
N ILE A 84 1.16 -1.18 -6.61
CA ILE A 84 1.58 -0.78 -5.28
C ILE A 84 3.03 -1.18 -5.02
N THR A 85 3.86 -0.20 -4.69
CA THR A 85 5.27 -0.43 -4.42
C THR A 85 5.59 -0.22 -2.95
N ILE A 86 5.83 -1.32 -2.23
CA ILE A 86 6.15 -1.25 -0.82
C ILE A 86 7.62 -1.56 -0.56
N LYS A 87 8.33 -0.61 0.05
CA LYS A 87 9.75 -0.79 0.34
C LYS A 87 10.04 -0.48 1.82
N TYR A 88 10.83 -1.34 2.44
CA TYR A 88 11.19 -1.15 3.85
C TYR A 88 12.62 -0.66 3.99
N GLY A 89 12.79 0.50 4.62
CA GLY A 89 14.11 1.06 4.81
C GLY A 89 15.02 0.82 3.62
N GLY A 90 14.45 0.90 2.42
CA GLY A 90 15.23 0.68 1.21
C GLY A 90 15.33 -0.78 0.84
N ASP A 91 14.22 -1.51 0.97
CA ASP A 91 14.19 -2.93 0.66
C ASP A 91 12.81 -3.35 0.17
N GLU A 92 12.68 -3.57 -1.14
CA GLU A 92 11.40 -3.96 -1.72
C GLU A 92 11.02 -5.37 -1.27
N ILE A 93 9.84 -5.49 -0.69
CA ILE A 93 9.34 -6.78 -0.21
C ILE A 93 9.26 -7.79 -1.36
N PRO A 94 9.37 -9.07 -1.02
CA PRO A 94 9.30 -10.17 -2.00
C PRO A 94 7.90 -10.35 -2.58
N TYR A 95 6.98 -9.47 -2.16
CA TYR A 95 5.61 -9.53 -2.64
C TYR A 95 5.30 -8.39 -3.59
N SER A 96 6.20 -7.40 -3.63
CA SER A 96 6.03 -6.24 -4.51
C SER A 96 6.80 -6.43 -5.81
N PRO A 97 6.32 -5.76 -6.87
CA PRO A 97 5.14 -4.91 -6.81
C PRO A 97 3.85 -5.70 -6.61
N PHE A 98 2.94 -5.15 -5.83
CA PHE A 98 1.66 -5.81 -5.56
C PHE A 98 0.64 -5.50 -6.65
N ARG A 99 -0.01 -6.55 -7.16
CA ARG A 99 -1.00 -6.38 -8.21
C ARG A 99 -2.41 -6.40 -7.63
N ILE A 100 -3.17 -5.33 -7.89
CA ILE A 100 -4.54 -5.22 -7.40
C ILE A 100 -5.48 -4.76 -8.50
N HIS A 101 -6.70 -5.30 -8.48
CA HIS A 101 -7.70 -4.93 -9.48
C HIS A 101 -8.85 -4.15 -8.85
N ALA A 102 -9.19 -3.02 -9.45
CA ALA A 102 -10.27 -2.18 -8.94
C ALA A 102 -11.48 -2.22 -9.87
N LEU A 103 -12.58 -2.75 -9.36
CA LEU A 103 -13.81 -2.86 -10.14
C LEU A 103 -14.68 -1.61 -9.96
N PRO A 104 -15.30 -1.17 -11.06
CA PRO A 104 -16.17 0.01 -11.05
C PRO A 104 -17.47 -0.23 -10.28
N THR A 105 -17.50 0.22 -9.04
CA THR A 105 -18.68 0.05 -8.19
C THR A 105 -19.84 0.91 -8.69
N GLY A 106 -19.53 2.16 -9.04
CA GLY A 106 -20.56 3.07 -9.53
C GLY A 106 -21.20 3.87 -8.42
N ASP A 107 -21.43 3.21 -7.28
CA ASP A 107 -22.04 3.86 -6.14
C ASP A 107 -21.60 5.32 -6.04
N ALA A 108 -20.30 5.55 -6.26
CA ALA A 108 -19.75 6.90 -6.18
C ALA A 108 -19.33 7.38 -7.56
N SER A 109 -20.13 8.25 -8.16
CA SER A 109 -19.83 8.79 -9.48
C SER A 109 -18.65 9.75 -9.43
N SER A 110 -18.76 10.77 -8.58
CA SER A 110 -17.71 11.77 -8.43
C SER A 110 -16.68 11.33 -7.39
N GLY A 111 -17.17 10.68 -6.34
CA GLY A 111 -16.29 10.22 -5.28
C GLY A 111 -16.92 10.34 -3.91
N PRO A 112 -16.25 9.76 -2.90
CA PRO A 112 -16.72 9.80 -1.51
C PRO A 112 -16.64 11.20 -0.90
N SER A 113 -17.80 11.83 -0.74
CA SER A 113 -17.86 13.18 -0.17
C SER A 113 -17.27 13.20 1.25
N SER A 114 -16.25 14.01 1.45
CA SER A 114 -15.61 14.12 2.76
C SER A 114 -16.44 14.99 3.70
N GLY A 115 -17.12 14.34 4.64
CA GLY A 115 -17.95 15.06 5.59
C GLY A 115 -18.31 14.23 6.80
N GLY A 1 21.81 11.83 4.46
CA GLY A 1 20.96 10.99 5.27
C GLY A 1 21.70 10.37 6.44
N SER A 2 21.69 9.04 6.54
CA SER A 2 22.36 8.35 7.62
C SER A 2 23.70 7.80 7.15
N SER A 3 24.75 8.13 7.89
CA SER A 3 26.10 7.67 7.55
C SER A 3 26.67 6.79 8.66
N GLY A 4 27.33 5.71 8.26
CA GLY A 4 27.91 4.79 9.24
C GLY A 4 26.87 3.92 9.91
N SER A 5 25.92 3.42 9.12
CA SER A 5 24.86 2.58 9.64
C SER A 5 24.63 1.37 8.72
N SER A 6 24.63 0.19 9.31
CA SER A 6 24.43 -1.05 8.55
C SER A 6 22.94 -1.34 8.38
N GLY A 7 22.61 -2.17 7.40
CA GLY A 7 21.22 -2.52 7.15
C GLY A 7 20.83 -3.83 7.81
N ALA A 8 20.12 -3.73 8.93
CA ALA A 8 19.67 -4.92 9.65
C ALA A 8 18.16 -5.08 9.55
N HIS A 9 17.61 -4.87 8.36
CA HIS A 9 16.18 -4.99 8.15
C HIS A 9 15.88 -6.06 7.09
N ASP A 10 14.71 -6.67 7.19
CA ASP A 10 14.30 -7.70 6.25
C ASP A 10 12.85 -7.49 5.79
N ALA A 11 12.68 -7.02 4.56
CA ALA A 11 11.35 -6.78 4.02
C ALA A 11 10.58 -8.09 3.87
N SER A 12 11.31 -9.19 3.70
CA SER A 12 10.69 -10.50 3.54
C SER A 12 9.90 -10.88 4.79
N LYS A 13 10.07 -10.10 5.86
CA LYS A 13 9.39 -10.36 7.12
C LYS A 13 8.15 -9.47 7.25
N VAL A 14 7.77 -8.81 6.15
CA VAL A 14 6.62 -7.94 6.15
C VAL A 14 5.40 -8.62 5.51
N ARG A 15 4.33 -8.73 6.29
CA ARG A 15 3.11 -9.37 5.81
C ARG A 15 2.07 -8.32 5.39
N ALA A 16 1.47 -8.53 4.22
CA ALA A 16 0.46 -7.61 3.71
C ALA A 16 -0.92 -8.25 3.71
N SER A 17 -1.88 -7.58 4.32
CA SER A 17 -3.25 -8.08 4.40
C SER A 17 -4.24 -6.94 4.56
N GLY A 18 -5.49 -7.19 4.17
CA GLY A 18 -6.52 -6.17 4.29
C GLY A 18 -7.32 -6.00 3.01
N PRO A 19 -8.24 -5.03 3.02
CA PRO A 19 -9.10 -4.75 1.85
C PRO A 19 -8.31 -4.13 0.70
N GLY A 20 -7.45 -3.18 1.02
CA GLY A 20 -6.65 -2.53 0.00
C GLY A 20 -5.74 -3.49 -0.74
N LEU A 21 -5.44 -4.62 -0.10
CA LEU A 21 -4.57 -5.63 -0.70
C LEU A 21 -5.39 -6.81 -1.20
N ASN A 22 -6.63 -6.55 -1.60
CA ASN A 22 -7.51 -7.60 -2.10
C ASN A 22 -7.05 -8.08 -3.48
N ALA A 23 -6.79 -9.38 -3.58
CA ALA A 23 -6.34 -9.96 -4.84
C ALA A 23 -7.53 -10.27 -5.75
N SER A 24 -8.69 -10.47 -5.15
CA SER A 24 -9.91 -10.77 -5.90
C SER A 24 -10.45 -9.51 -6.59
N GLY A 25 -10.10 -8.35 -6.04
CA GLY A 25 -10.55 -7.09 -6.61
C GLY A 25 -11.24 -6.21 -5.59
N ILE A 26 -10.90 -4.92 -5.61
CA ILE A 26 -11.49 -3.97 -4.68
C ILE A 26 -12.39 -2.98 -5.41
N PRO A 27 -13.46 -2.54 -4.73
CA PRO A 27 -14.42 -1.59 -5.28
C PRO A 27 -13.82 -0.19 -5.43
N ALA A 28 -13.62 0.24 -6.68
CA ALA A 28 -13.07 1.56 -6.95
C ALA A 28 -13.99 2.66 -6.47
N SER A 29 -13.48 3.88 -6.43
CA SER A 29 -14.26 5.02 -5.98
C SER A 29 -14.65 4.87 -4.51
N LEU A 30 -13.72 4.38 -3.70
CA LEU A 30 -13.97 4.19 -2.28
C LEU A 30 -12.66 4.17 -1.50
N PRO A 31 -12.65 4.84 -0.34
CA PRO A 31 -11.47 4.91 0.53
C PRO A 31 -11.16 3.57 1.19
N VAL A 32 -10.09 2.93 0.73
CA VAL A 32 -9.67 1.63 1.27
C VAL A 32 -8.29 1.73 1.92
N GLU A 33 -8.11 0.97 2.99
CA GLU A 33 -6.83 0.97 3.71
C GLU A 33 -6.47 -0.44 4.17
N PHE A 34 -5.20 -0.80 3.99
CA PHE A 34 -4.72 -2.12 4.39
C PHE A 34 -3.90 -2.04 5.66
N THR A 35 -3.32 -3.18 6.07
CA THR A 35 -2.51 -3.23 7.27
C THR A 35 -1.26 -4.09 7.04
N ILE A 36 -0.10 -3.50 7.31
CA ILE A 36 1.17 -4.20 7.14
C ILE A 36 1.71 -4.69 8.47
N ASP A 37 1.45 -5.95 8.78
CA ASP A 37 1.91 -6.55 10.03
C ASP A 37 3.31 -7.12 9.87
N ALA A 38 4.32 -6.32 10.20
CA ALA A 38 5.71 -6.75 10.11
C ALA A 38 6.46 -6.51 11.41
N ARG A 39 6.93 -7.58 12.01
CA ARG A 39 7.67 -7.48 13.27
C ARG A 39 9.17 -7.42 13.03
N ASP A 40 9.70 -8.43 12.35
CA ASP A 40 11.12 -8.50 12.04
C ASP A 40 11.43 -7.76 10.74
N ALA A 41 10.58 -6.79 10.41
CA ALA A 41 10.77 -6.01 9.19
C ALA A 41 12.08 -5.22 9.24
N GLY A 42 12.54 -4.93 10.45
CA GLY A 42 13.78 -4.19 10.61
C GLY A 42 13.58 -2.88 11.35
N GLU A 43 14.64 -2.09 11.45
CA GLU A 43 14.58 -0.81 12.14
C GLU A 43 14.73 0.36 11.16
N GLY A 44 13.69 0.58 10.36
CA GLY A 44 13.73 1.65 9.39
C GLY A 44 12.39 2.34 9.23
N LEU A 45 12.10 2.81 8.02
CA LEU A 45 10.84 3.50 7.75
C LEU A 45 10.11 2.85 6.58
N LEU A 46 8.86 2.49 6.80
CA LEU A 46 8.04 1.85 5.78
C LEU A 46 7.58 2.88 4.74
N THR A 47 7.63 2.50 3.46
CA THR A 47 7.21 3.38 2.39
C THR A 47 6.16 2.71 1.50
N VAL A 48 5.19 3.50 1.04
CA VAL A 48 4.13 2.98 0.18
C VAL A 48 3.88 3.92 -0.99
N GLN A 49 3.74 3.34 -2.18
CA GLN A 49 3.49 4.12 -3.39
C GLN A 49 2.45 3.43 -4.27
N ILE A 50 1.51 4.22 -4.80
CA ILE A 50 0.47 3.69 -5.66
C ILE A 50 0.44 4.41 -7.00
N LEU A 51 0.41 3.64 -8.09
CA LEU A 51 0.38 4.21 -9.43
C LEU A 51 -0.92 3.89 -10.13
N ASP A 52 -1.73 4.93 -10.38
CA ASP A 52 -3.02 4.75 -11.04
C ASP A 52 -2.90 3.76 -12.20
N PRO A 53 -4.05 3.25 -12.66
CA PRO A 53 -4.11 2.30 -13.77
C PRO A 53 -3.73 2.92 -15.11
N GLU A 54 -3.27 4.17 -15.06
CA GLU A 54 -2.88 4.88 -16.27
C GLU A 54 -1.36 4.99 -16.37
N GLY A 55 -0.70 5.09 -15.20
CA GLY A 55 0.74 5.20 -15.18
C GLY A 55 1.22 6.49 -14.53
N LYS A 56 0.51 6.92 -13.49
CA LYS A 56 0.86 8.14 -12.79
C LYS A 56 0.90 7.92 -11.29
N PRO A 57 1.72 8.72 -10.58
CA PRO A 57 1.88 8.62 -9.13
C PRO A 57 0.63 9.09 -8.39
N LYS A 58 0.22 8.34 -7.37
CA LYS A 58 -0.95 8.67 -6.58
C LYS A 58 -0.56 9.19 -5.20
N LYS A 59 -1.55 9.48 -4.38
CA LYS A 59 -1.29 9.99 -3.04
C LYS A 59 -1.86 9.04 -1.98
N ALA A 60 -0.98 8.47 -1.17
CA ALA A 60 -1.38 7.55 -0.11
C ALA A 60 -0.85 7.99 1.24
N ASN A 61 -1.47 7.49 2.31
CA ASN A 61 -1.06 7.84 3.66
C ASN A 61 -0.48 6.62 4.37
N ILE A 62 0.42 6.87 5.33
CA ILE A 62 1.05 5.81 6.09
C ILE A 62 1.06 6.13 7.58
N ARG A 63 0.67 5.15 8.40
CA ARG A 63 0.64 5.33 9.84
C ARG A 63 1.54 4.31 10.53
N ASP A 64 2.07 4.70 11.69
CA ASP A 64 2.95 3.82 12.45
C ASP A 64 2.26 3.32 13.72
N ASN A 65 2.08 2.01 13.80
CA ASN A 65 1.44 1.41 14.97
C ASN A 65 2.42 1.21 16.11
N GLY A 66 3.66 0.85 15.77
CA GLY A 66 4.68 0.64 16.77
C GLY A 66 4.69 -0.77 17.31
N ASP A 67 3.55 -1.45 17.19
CA ASP A 67 3.43 -2.83 17.66
C ASP A 67 3.89 -3.81 16.60
N GLY A 68 4.85 -3.39 15.78
CA GLY A 68 5.37 -4.25 14.73
C GLY A 68 4.44 -4.34 13.55
N THR A 69 3.66 -3.27 13.32
CA THR A 69 2.72 -3.23 12.21
C THR A 69 2.56 -1.82 11.68
N TYR A 70 1.81 -1.68 10.59
CA TYR A 70 1.59 -0.38 9.98
C TYR A 70 0.23 -0.34 9.27
N THR A 71 -0.26 0.87 9.01
CA THR A 71 -1.54 1.05 8.34
C THR A 71 -1.42 2.02 7.17
N VAL A 72 -2.09 1.70 6.07
CA VAL A 72 -2.06 2.55 4.88
C VAL A 72 -3.46 2.72 4.30
N SER A 73 -3.78 3.95 3.89
CA SER A 73 -5.09 4.24 3.32
C SER A 73 -4.94 4.98 1.99
N TYR A 74 -5.84 4.68 1.05
CA TYR A 74 -5.81 5.32 -0.26
C TYR A 74 -7.18 5.24 -0.92
N LEU A 75 -7.41 6.14 -1.89
CA LEU A 75 -8.68 6.18 -2.60
C LEU A 75 -8.45 6.06 -4.11
N PRO A 76 -8.59 4.84 -4.65
CA PRO A 76 -8.41 4.58 -6.08
C PRO A 76 -9.52 5.18 -6.93
N ASP A 77 -9.39 6.47 -7.23
CA ASP A 77 -10.38 7.17 -8.05
C ASP A 77 -10.67 6.41 -9.32
N MET A 78 -9.61 6.03 -10.04
CA MET A 78 -9.76 5.29 -11.29
C MET A 78 -9.82 3.79 -11.03
N SER A 79 -10.34 3.05 -11.99
CA SER A 79 -10.47 1.60 -11.87
C SER A 79 -9.44 0.89 -12.75
N GLY A 80 -8.96 -0.25 -12.27
CA GLY A 80 -7.97 -1.01 -13.02
C GLY A 80 -6.92 -1.64 -12.12
N ARG A 81 -5.86 -2.16 -12.73
CA ARG A 81 -4.79 -2.80 -11.99
C ARG A 81 -3.87 -1.76 -11.37
N TYR A 82 -4.00 -1.56 -10.06
CA TYR A 82 -3.18 -0.57 -9.35
C TYR A 82 -1.83 -1.18 -8.97
N THR A 83 -0.77 -0.38 -9.11
CA THR A 83 0.57 -0.85 -8.77
C THR A 83 1.02 -0.29 -7.42
N ILE A 84 1.03 -1.15 -6.41
CA ILE A 84 1.44 -0.75 -5.07
C ILE A 84 2.88 -1.17 -4.78
N THR A 85 3.77 -0.20 -4.72
CA THR A 85 5.18 -0.47 -4.45
C THR A 85 5.52 -0.19 -2.98
N ILE A 86 5.72 -1.26 -2.22
CA ILE A 86 6.06 -1.14 -0.81
C ILE A 86 7.50 -1.52 -0.56
N LYS A 87 8.26 -0.59 0.01
CA LYS A 87 9.68 -0.82 0.31
C LYS A 87 9.98 -0.50 1.77
N TYR A 88 10.76 -1.37 2.40
CA TYR A 88 11.14 -1.18 3.80
C TYR A 88 12.60 -0.82 3.93
N GLY A 89 12.88 0.27 4.65
CA GLY A 89 14.24 0.70 4.84
C GLY A 89 15.11 0.46 3.62
N GLY A 90 14.52 0.63 2.44
CA GLY A 90 15.26 0.43 1.21
C GLY A 90 15.30 -1.03 0.78
N ASP A 91 14.21 -1.74 1.06
CA ASP A 91 14.12 -3.16 0.71
C ASP A 91 12.71 -3.51 0.24
N GLU A 92 12.57 -3.69 -1.07
CA GLU A 92 11.27 -4.04 -1.65
C GLU A 92 10.85 -5.44 -1.25
N ILE A 93 9.67 -5.54 -0.64
CA ILE A 93 9.15 -6.84 -0.20
C ILE A 93 9.07 -7.82 -1.36
N PRO A 94 9.16 -9.12 -1.04
CA PRO A 94 9.10 -10.19 -2.03
C PRO A 94 7.72 -10.34 -2.65
N TYR A 95 6.80 -9.45 -2.26
CA TYR A 95 5.44 -9.49 -2.77
C TYR A 95 5.17 -8.29 -3.69
N SER A 96 6.06 -7.30 -3.63
CA SER A 96 5.92 -6.10 -4.45
C SER A 96 6.68 -6.25 -5.77
N PRO A 97 6.19 -5.58 -6.82
CA PRO A 97 4.99 -4.75 -6.73
C PRO A 97 3.73 -5.57 -6.53
N PHE A 98 2.79 -5.04 -5.75
CA PHE A 98 1.54 -5.73 -5.49
C PHE A 98 0.51 -5.42 -6.58
N ARG A 99 0.10 -6.47 -7.30
CA ARG A 99 -0.88 -6.32 -8.38
C ARG A 99 -2.30 -6.40 -7.84
N ILE A 100 -2.96 -5.25 -7.73
CA ILE A 100 -4.32 -5.20 -7.23
C ILE A 100 -5.28 -4.70 -8.31
N HIS A 101 -6.44 -5.35 -8.39
CA HIS A 101 -7.45 -4.97 -9.37
C HIS A 101 -8.60 -4.20 -8.72
N ALA A 102 -9.05 -3.14 -9.38
CA ALA A 102 -10.13 -2.32 -8.86
C ALA A 102 -11.35 -2.37 -9.78
N LEU A 103 -12.43 -2.95 -9.28
CA LEU A 103 -13.66 -3.08 -10.05
C LEU A 103 -14.52 -1.82 -9.91
N PRO A 104 -15.06 -1.34 -11.03
CA PRO A 104 -15.92 -0.15 -11.06
C PRO A 104 -17.27 -0.39 -10.40
N THR A 105 -17.51 0.32 -9.30
CA THR A 105 -18.77 0.18 -8.56
C THR A 105 -19.05 1.42 -7.73
N GLY A 106 -20.28 1.92 -7.82
CA GLY A 106 -20.66 3.10 -7.06
C GLY A 106 -21.13 2.76 -5.65
N ASP A 107 -20.56 3.44 -4.66
CA ASP A 107 -20.92 3.21 -3.27
C ASP A 107 -21.23 4.53 -2.56
N ALA A 108 -22.43 4.63 -1.99
CA ALA A 108 -22.85 5.83 -1.29
C ALA A 108 -22.08 5.99 0.02
N SER A 109 -20.94 6.68 -0.05
CA SER A 109 -20.11 6.90 1.13
C SER A 109 -19.30 8.18 0.99
N SER A 110 -18.49 8.48 2.00
CA SER A 110 -17.65 9.68 1.99
C SER A 110 -16.32 9.41 1.30
N GLY A 111 -16.17 9.91 0.08
CA GLY A 111 -14.94 9.71 -0.66
C GLY A 111 -14.88 10.58 -1.91
N PRO A 112 -15.21 9.99 -3.07
CA PRO A 112 -15.19 10.70 -4.34
C PRO A 112 -16.28 11.75 -4.45
N SER A 113 -17.25 11.69 -3.54
CA SER A 113 -18.36 12.63 -3.52
C SER A 113 -17.85 14.07 -3.68
N SER A 114 -18.73 14.94 -4.15
CA SER A 114 -18.37 16.34 -4.36
C SER A 114 -19.60 17.24 -4.25
N GLY A 115 -19.44 18.39 -3.62
CA GLY A 115 -20.54 19.32 -3.47
C GLY A 115 -20.86 19.62 -2.01
N GLY A 1 26.98 9.86 -3.74
CA GLY A 1 25.81 9.63 -2.91
C GLY A 1 25.47 8.17 -2.77
N SER A 2 25.33 7.70 -1.54
CA SER A 2 25.01 6.31 -1.27
C SER A 2 23.59 6.17 -0.74
N SER A 3 22.68 5.69 -1.59
CA SER A 3 21.29 5.51 -1.20
C SER A 3 20.86 4.05 -1.38
N GLY A 4 19.84 3.65 -0.62
CA GLY A 4 19.35 2.29 -0.72
C GLY A 4 20.44 1.26 -0.46
N SER A 5 20.97 1.25 0.76
CA SER A 5 22.02 0.31 1.12
C SER A 5 21.44 -0.94 1.78
N SER A 6 22.30 -1.89 2.10
CA SER A 6 21.87 -3.13 2.73
C SER A 6 22.07 -3.07 4.24
N GLY A 7 21.15 -2.39 4.92
CA GLY A 7 21.23 -2.28 6.37
C GLY A 7 20.73 -3.52 7.08
N ALA A 8 20.31 -3.35 8.32
CA ALA A 8 19.81 -4.47 9.12
C ALA A 8 18.28 -4.52 9.10
N HIS A 9 17.73 -4.85 7.94
CA HIS A 9 16.28 -4.93 7.79
C HIS A 9 15.90 -6.03 6.81
N ASP A 10 14.82 -6.76 7.13
CA ASP A 10 14.36 -7.84 6.27
C ASP A 10 12.91 -7.62 5.87
N ALA A 11 12.71 -7.10 4.66
CA ALA A 11 11.36 -6.84 4.16
C ALA A 11 10.57 -8.13 4.03
N SER A 12 11.25 -9.22 3.69
CA SER A 12 10.61 -10.51 3.53
C SER A 12 9.84 -10.89 4.79
N LYS A 13 10.13 -10.18 5.89
CA LYS A 13 9.46 -10.45 7.16
C LYS A 13 8.28 -9.50 7.36
N VAL A 14 7.74 -8.98 6.27
CA VAL A 14 6.62 -8.07 6.34
C VAL A 14 5.33 -8.72 5.84
N ARG A 15 4.29 -8.67 6.66
CA ARG A 15 3.01 -9.26 6.30
C ARG A 15 2.11 -8.25 5.60
N ALA A 16 1.22 -8.75 4.74
CA ALA A 16 0.31 -7.89 4.00
C ALA A 16 -1.07 -8.53 3.89
N SER A 17 -2.06 -7.89 4.52
CA SER A 17 -3.43 -8.39 4.49
C SER A 17 -4.43 -7.26 4.70
N GLY A 18 -5.58 -7.37 4.05
CA GLY A 18 -6.61 -6.35 4.18
C GLY A 18 -7.41 -6.16 2.90
N PRO A 19 -8.32 -5.19 2.92
CA PRO A 19 -9.17 -4.88 1.76
C PRO A 19 -8.38 -4.27 0.60
N GLY A 20 -7.45 -3.38 0.94
CA GLY A 20 -6.64 -2.72 -0.08
C GLY A 20 -5.78 -3.70 -0.84
N LEU A 21 -5.37 -4.78 -0.16
CA LEU A 21 -4.53 -5.79 -0.78
C LEU A 21 -5.36 -6.96 -1.29
N ASN A 22 -6.60 -6.68 -1.67
CA ASN A 22 -7.51 -7.71 -2.17
C ASN A 22 -7.13 -8.13 -3.58
N ALA A 23 -6.80 -9.40 -3.75
CA ALA A 23 -6.42 -9.93 -5.06
C ALA A 23 -7.66 -10.20 -5.91
N SER A 24 -8.78 -10.45 -5.26
CA SER A 24 -10.03 -10.73 -5.96
C SER A 24 -10.57 -9.47 -6.63
N GLY A 25 -10.18 -8.32 -6.10
CA GLY A 25 -10.64 -7.06 -6.65
C GLY A 25 -11.26 -6.15 -5.61
N ILE A 26 -10.91 -4.88 -5.64
CA ILE A 26 -11.43 -3.91 -4.69
C ILE A 26 -12.35 -2.90 -5.38
N PRO A 27 -13.40 -2.48 -4.66
CA PRO A 27 -14.37 -1.51 -5.18
C PRO A 27 -13.78 -0.11 -5.32
N ALA A 28 -13.55 0.30 -6.57
CA ALA A 28 -12.98 1.62 -6.84
C ALA A 28 -13.87 2.72 -6.27
N SER A 29 -13.41 3.97 -6.38
CA SER A 29 -14.16 5.11 -5.88
C SER A 29 -14.51 4.92 -4.41
N LEU A 30 -13.56 4.41 -3.64
CA LEU A 30 -13.76 4.18 -2.21
C LEU A 30 -12.43 4.12 -1.48
N PRO A 31 -12.37 4.77 -0.31
CA PRO A 31 -11.15 4.80 0.52
C PRO A 31 -10.85 3.45 1.15
N VAL A 32 -9.88 2.74 0.57
CA VAL A 32 -9.49 1.43 1.07
C VAL A 32 -8.14 1.49 1.77
N GLU A 33 -8.00 0.73 2.85
CA GLU A 33 -6.76 0.69 3.61
C GLU A 33 -6.42 -0.73 4.04
N PHE A 34 -5.13 -1.05 4.06
CA PHE A 34 -4.67 -2.38 4.46
C PHE A 34 -3.85 -2.31 5.75
N THR A 35 -3.34 -3.45 6.17
CA THR A 35 -2.54 -3.53 7.39
C THR A 35 -1.22 -4.27 7.14
N ILE A 36 -0.11 -3.59 7.41
CA ILE A 36 1.20 -4.19 7.22
C ILE A 36 1.83 -4.59 8.56
N ASP A 37 1.54 -5.80 9.01
CA ASP A 37 2.07 -6.30 10.27
C ASP A 37 3.49 -6.82 10.09
N ALA A 38 4.47 -6.02 10.50
CA ALA A 38 5.87 -6.40 10.37
C ALA A 38 6.60 -6.24 11.72
N ARG A 39 7.09 -7.35 12.25
CA ARG A 39 7.79 -7.33 13.52
C ARG A 39 9.30 -7.23 13.30
N ASP A 40 9.85 -8.20 12.56
CA ASP A 40 11.28 -8.23 12.28
C ASP A 40 11.57 -7.68 10.88
N ALA A 41 10.77 -6.71 10.45
CA ALA A 41 10.93 -6.11 9.13
C ALA A 41 12.23 -5.32 9.05
N GLY A 42 12.77 -4.95 10.21
CA GLY A 42 14.01 -4.20 10.24
C GLY A 42 13.88 -2.90 11.01
N GLU A 43 14.99 -2.19 11.18
CA GLU A 43 14.99 -0.93 11.90
C GLU A 43 15.05 0.25 10.93
N GLY A 44 13.93 0.50 10.25
CA GLY A 44 13.87 1.60 9.31
C GLY A 44 12.47 2.19 9.20
N LEU A 45 12.18 2.77 8.04
CA LEU A 45 10.87 3.38 7.80
C LEU A 45 10.16 2.71 6.63
N LEU A 46 8.87 2.43 6.80
CA LEU A 46 8.08 1.80 5.74
C LEU A 46 7.62 2.83 4.73
N THR A 47 7.65 2.45 3.44
CA THR A 47 7.22 3.33 2.37
C THR A 47 6.20 2.66 1.48
N VAL A 48 5.23 3.43 0.99
CA VAL A 48 4.19 2.90 0.12
C VAL A 48 3.90 3.86 -1.02
N GLN A 49 3.78 3.30 -2.23
CA GLN A 49 3.51 4.10 -3.42
C GLN A 49 2.48 3.42 -4.31
N ILE A 50 1.54 4.20 -4.83
CA ILE A 50 0.51 3.67 -5.70
C ILE A 50 0.47 4.41 -7.03
N LEU A 51 0.47 3.66 -8.13
CA LEU A 51 0.43 4.25 -9.45
C LEU A 51 -0.85 3.88 -10.19
N ASP A 52 -1.70 4.87 -10.43
CA ASP A 52 -2.96 4.65 -11.12
C ASP A 52 -2.77 3.75 -12.33
N PRO A 53 -3.87 3.17 -12.83
CA PRO A 53 -3.85 2.28 -13.99
C PRO A 53 -3.53 3.03 -15.28
N GLU A 54 -3.20 4.31 -15.16
CA GLU A 54 -2.87 5.13 -16.32
C GLU A 54 -1.36 5.37 -16.41
N GLY A 55 -0.70 5.31 -15.27
CA GLY A 55 0.74 5.53 -15.24
C GLY A 55 1.12 6.83 -14.56
N LYS A 56 0.40 7.17 -13.50
CA LYS A 56 0.67 8.40 -12.75
C LYS A 56 0.71 8.13 -11.25
N PRO A 57 1.49 8.96 -10.52
CA PRO A 57 1.64 8.83 -9.08
C PRO A 57 0.36 9.19 -8.33
N LYS A 58 0.01 8.37 -7.34
CA LYS A 58 -1.19 8.61 -6.54
C LYS A 58 -0.83 9.11 -5.14
N LYS A 59 -1.84 9.32 -4.31
CA LYS A 59 -1.63 9.79 -2.94
C LYS A 59 -2.04 8.73 -1.93
N ALA A 60 -1.09 8.32 -1.09
CA ALA A 60 -1.35 7.31 -0.08
C ALA A 60 -0.95 7.82 1.31
N ASN A 61 -1.60 7.27 2.33
CA ASN A 61 -1.31 7.67 3.71
C ASN A 61 -0.72 6.51 4.50
N ILE A 62 0.28 6.81 5.33
CA ILE A 62 0.92 5.79 6.14
C ILE A 62 0.87 6.15 7.62
N ARG A 63 0.62 5.16 8.46
CA ARG A 63 0.54 5.36 9.91
C ARG A 63 1.51 4.44 10.64
N ASP A 64 2.05 4.92 11.74
CA ASP A 64 2.99 4.14 12.54
C ASP A 64 2.33 3.67 13.84
N ASN A 65 2.09 2.36 13.92
CA ASN A 65 1.46 1.78 15.11
C ASN A 65 2.49 1.57 16.21
N GLY A 66 3.64 1.01 15.87
CA GLY A 66 4.69 0.77 16.84
C GLY A 66 4.62 -0.63 17.43
N ASP A 67 3.46 -1.27 17.29
CA ASP A 67 3.27 -2.62 17.80
C ASP A 67 3.76 -3.67 16.80
N GLY A 68 4.72 -3.28 15.97
CA GLY A 68 5.24 -4.20 14.98
C GLY A 68 4.37 -4.29 13.75
N THR A 69 3.52 -3.29 13.54
CA THR A 69 2.62 -3.25 12.40
C THR A 69 2.41 -1.82 11.90
N TYR A 70 1.73 -1.69 10.77
CA TYR A 70 1.46 -0.39 10.19
C TYR A 70 0.15 -0.39 9.41
N THR A 71 -0.39 0.80 9.16
CA THR A 71 -1.64 0.93 8.43
C THR A 71 -1.51 1.92 7.28
N VAL A 72 -2.11 1.59 6.14
CA VAL A 72 -2.06 2.46 4.97
C VAL A 72 -3.43 2.58 4.32
N SER A 73 -3.73 3.77 3.80
CA SER A 73 -5.01 4.02 3.16
C SER A 73 -4.81 4.73 1.81
N TYR A 74 -5.71 4.45 0.87
CA TYR A 74 -5.63 5.05 -0.46
C TYR A 74 -7.00 5.03 -1.14
N LEU A 75 -7.23 6.02 -2.00
CA LEU A 75 -8.50 6.11 -2.72
C LEU A 75 -8.27 6.01 -4.23
N PRO A 76 -8.46 4.79 -4.77
CA PRO A 76 -8.29 4.52 -6.20
C PRO A 76 -9.37 5.18 -7.05
N ASP A 77 -9.21 6.48 -7.32
CA ASP A 77 -10.18 7.22 -8.12
C ASP A 77 -10.55 6.44 -9.38
N MET A 78 -9.55 6.15 -10.20
CA MET A 78 -9.78 5.41 -11.44
C MET A 78 -9.91 3.92 -11.16
N SER A 79 -10.24 3.15 -12.21
CA SER A 79 -10.42 1.72 -12.07
C SER A 79 -9.41 0.97 -12.94
N GLY A 80 -9.02 -0.23 -12.49
CA GLY A 80 -8.07 -1.02 -13.24
C GLY A 80 -7.00 -1.63 -12.36
N ARG A 81 -5.87 -2.01 -12.97
CA ARG A 81 -4.78 -2.61 -12.22
C ARG A 81 -3.89 -1.54 -11.60
N TYR A 82 -3.85 -1.51 -10.27
CA TYR A 82 -3.04 -0.52 -9.55
C TYR A 82 -1.70 -1.12 -9.13
N THR A 83 -0.63 -0.33 -9.28
CA THR A 83 0.70 -0.78 -8.92
C THR A 83 1.13 -0.22 -7.56
N ILE A 84 1.07 -1.07 -6.54
CA ILE A 84 1.45 -0.66 -5.19
C ILE A 84 2.86 -1.12 -4.85
N THR A 85 3.79 -0.17 -4.80
CA THR A 85 5.18 -0.47 -4.50
C THR A 85 5.49 -0.19 -3.03
N ILE A 86 5.77 -1.25 -2.28
CA ILE A 86 6.09 -1.11 -0.85
C ILE A 86 7.54 -1.48 -0.58
N LYS A 87 8.28 -0.55 0.00
CA LYS A 87 9.68 -0.78 0.34
C LYS A 87 9.96 -0.45 1.80
N TYR A 88 10.75 -1.29 2.45
CA TYR A 88 11.10 -1.09 3.85
C TYR A 88 12.54 -0.63 3.99
N GLY A 89 12.73 0.52 4.64
CA GLY A 89 14.07 1.05 4.83
C GLY A 89 14.96 0.81 3.63
N GLY A 90 14.37 0.77 2.45
CA GLY A 90 15.15 0.55 1.24
C GLY A 90 15.22 -0.92 0.86
N ASP A 91 14.11 -1.63 1.04
CA ASP A 91 14.05 -3.05 0.72
C ASP A 91 12.65 -3.44 0.24
N GLU A 92 12.52 -3.70 -1.05
CA GLU A 92 11.24 -4.07 -1.64
C GLU A 92 10.82 -5.46 -1.17
N ILE A 93 9.60 -5.58 -0.67
CA ILE A 93 9.08 -6.85 -0.20
C ILE A 93 8.98 -7.86 -1.34
N PRO A 94 9.07 -9.15 -0.99
CA PRO A 94 8.99 -10.25 -1.97
C PRO A 94 7.58 -10.40 -2.55
N TYR A 95 6.68 -9.52 -2.13
CA TYR A 95 5.29 -9.57 -2.60
C TYR A 95 5.03 -8.45 -3.60
N SER A 96 5.90 -7.44 -3.60
CA SER A 96 5.76 -6.30 -4.50
C SER A 96 6.49 -6.55 -5.81
N PRO A 97 6.01 -5.90 -6.89
CA PRO A 97 4.87 -5.00 -6.82
C PRO A 97 3.55 -5.73 -6.57
N PHE A 98 2.66 -5.12 -5.81
CA PHE A 98 1.37 -5.72 -5.50
C PHE A 98 0.36 -5.44 -6.60
N ARG A 99 0.05 -6.45 -7.40
CA ARG A 99 -0.90 -6.31 -8.49
C ARG A 99 -2.33 -6.40 -7.98
N ILE A 100 -2.98 -5.24 -7.85
CA ILE A 100 -4.35 -5.19 -7.37
C ILE A 100 -5.30 -4.70 -8.45
N HIS A 101 -6.52 -5.24 -8.46
CA HIS A 101 -7.52 -4.85 -9.45
C HIS A 101 -8.65 -4.08 -8.80
N ALA A 102 -9.05 -2.98 -9.43
CA ALA A 102 -10.12 -2.14 -8.90
C ALA A 102 -11.35 -2.20 -9.82
N LEU A 103 -12.46 -2.67 -9.27
CA LEU A 103 -13.70 -2.78 -10.04
C LEU A 103 -14.60 -1.57 -9.80
N PRO A 104 -15.22 -1.08 -10.88
CA PRO A 104 -16.12 0.08 -10.81
C PRO A 104 -17.42 -0.22 -10.06
N THR A 105 -17.46 0.14 -8.79
CA THR A 105 -18.63 -0.09 -7.97
C THR A 105 -19.86 0.60 -8.55
N GLY A 106 -19.66 1.77 -9.14
CA GLY A 106 -20.75 2.52 -9.73
C GLY A 106 -20.69 4.00 -9.42
N ASP A 107 -19.49 4.58 -9.58
CA ASP A 107 -19.29 5.99 -9.31
C ASP A 107 -20.18 6.47 -8.17
N ALA A 108 -20.24 5.66 -7.11
CA ALA A 108 -21.06 6.00 -5.95
C ALA A 108 -20.98 7.49 -5.64
N SER A 109 -19.77 8.03 -5.61
CA SER A 109 -19.57 9.45 -5.33
C SER A 109 -18.13 9.86 -5.64
N SER A 110 -17.94 11.15 -5.91
CA SER A 110 -16.62 11.67 -6.23
C SER A 110 -15.74 11.71 -4.99
N GLY A 111 -14.93 10.67 -4.81
CA GLY A 111 -14.05 10.61 -3.66
C GLY A 111 -14.80 10.67 -2.34
N PRO A 112 -15.49 9.56 -2.01
CA PRO A 112 -16.26 9.47 -0.77
C PRO A 112 -15.37 9.41 0.47
N SER A 113 -15.86 10.00 1.56
CA SER A 113 -15.10 10.03 2.81
C SER A 113 -16.02 9.74 4.00
N SER A 114 -15.88 8.54 4.56
CA SER A 114 -16.68 8.13 5.70
C SER A 114 -15.81 7.56 6.82
N GLY A 115 -15.99 8.09 8.02
CA GLY A 115 -15.21 7.63 9.16
C GLY A 115 -16.03 7.54 10.44
N GLY A 1 23.21 9.06 10.60
CA GLY A 1 23.16 9.79 9.35
C GLY A 1 22.35 9.08 8.29
N SER A 2 22.81 9.15 7.04
CA SER A 2 22.11 8.51 5.93
C SER A 2 22.53 7.05 5.79
N SER A 3 21.55 6.15 5.85
CA SER A 3 21.81 4.72 5.73
C SER A 3 22.74 4.44 4.56
N GLY A 4 23.47 3.33 4.64
CA GLY A 4 24.38 2.95 3.59
C GLY A 4 24.58 1.45 3.49
N SER A 5 25.80 1.04 3.16
CA SER A 5 26.12 -0.38 3.03
C SER A 5 25.42 -1.19 4.11
N SER A 6 25.57 -0.76 5.36
CA SER A 6 24.96 -1.45 6.49
C SER A 6 23.46 -1.65 6.26
N GLY A 7 22.90 -2.68 6.88
CA GLY A 7 21.48 -2.96 6.72
C GLY A 7 21.06 -4.25 7.42
N ALA A 8 20.20 -4.12 8.42
CA ALA A 8 19.72 -5.28 9.16
C ALA A 8 18.20 -5.37 9.11
N HIS A 9 17.64 -5.09 7.94
CA HIS A 9 16.19 -5.15 7.76
C HIS A 9 15.81 -6.25 6.77
N ASP A 10 14.67 -6.88 7.01
CA ASP A 10 14.19 -7.95 6.15
C ASP A 10 12.76 -7.69 5.70
N ALA A 11 12.61 -7.16 4.49
CA ALA A 11 11.29 -6.86 3.94
C ALA A 11 10.44 -8.12 3.84
N SER A 12 11.09 -9.25 3.58
CA SER A 12 10.40 -10.52 3.47
C SER A 12 9.61 -10.84 4.74
N LYS A 13 9.98 -10.18 5.83
CA LYS A 13 9.32 -10.39 7.11
C LYS A 13 8.13 -9.43 7.27
N VAL A 14 7.65 -8.91 6.15
CA VAL A 14 6.52 -7.99 6.15
C VAL A 14 5.24 -8.67 5.66
N ARG A 15 4.22 -8.70 6.50
CA ARG A 15 2.95 -9.32 6.15
C ARG A 15 1.96 -8.28 5.61
N ALA A 16 1.49 -8.50 4.40
CA ALA A 16 0.54 -7.58 3.78
C ALA A 16 -0.83 -8.22 3.65
N SER A 17 -1.84 -7.60 4.26
CA SER A 17 -3.20 -8.11 4.22
C SER A 17 -4.21 -6.98 4.37
N GLY A 18 -5.48 -7.28 4.09
CA GLY A 18 -6.51 -6.28 4.21
C GLY A 18 -7.29 -6.09 2.92
N PRO A 19 -8.26 -5.16 2.93
CA PRO A 19 -9.09 -4.87 1.77
C PRO A 19 -8.31 -4.16 0.65
N GLY A 20 -7.46 -3.22 1.05
CA GLY A 20 -6.66 -2.49 0.09
C GLY A 20 -5.76 -3.39 -0.73
N LEU A 21 -5.31 -4.48 -0.12
CA LEU A 21 -4.42 -5.43 -0.79
C LEU A 21 -5.19 -6.67 -1.21
N ASN A 22 -6.46 -6.48 -1.59
CA ASN A 22 -7.30 -7.59 -2.02
C ASN A 22 -6.96 -8.01 -3.45
N ALA A 23 -6.56 -9.27 -3.61
CA ALA A 23 -6.21 -9.79 -4.93
C ALA A 23 -7.46 -10.18 -5.71
N SER A 24 -8.55 -10.44 -5.00
CA SER A 24 -9.80 -10.83 -5.62
C SER A 24 -10.47 -9.63 -6.30
N GLY A 25 -10.11 -8.43 -5.84
CA GLY A 25 -10.68 -7.22 -6.41
C GLY A 25 -11.19 -6.26 -5.35
N ILE A 26 -10.89 -4.97 -5.53
CA ILE A 26 -11.31 -3.96 -4.59
C ILE A 26 -12.30 -3.00 -5.22
N PRO A 27 -13.29 -2.54 -4.43
CA PRO A 27 -14.31 -1.59 -4.90
C PRO A 27 -13.74 -0.21 -5.17
N ALA A 28 -13.69 0.17 -6.45
CA ALA A 28 -13.17 1.48 -6.83
C ALA A 28 -14.07 2.60 -6.31
N SER A 29 -13.53 3.81 -6.28
CA SER A 29 -14.27 4.96 -5.81
C SER A 29 -14.66 4.80 -4.34
N LEU A 30 -13.71 4.31 -3.54
CA LEU A 30 -13.94 4.10 -2.12
C LEU A 30 -12.63 4.07 -1.35
N PRO A 31 -12.62 4.71 -0.17
CA PRO A 31 -11.43 4.78 0.69
C PRO A 31 -11.08 3.43 1.31
N VAL A 32 -10.08 2.76 0.74
CA VAL A 32 -9.65 1.46 1.23
C VAL A 32 -8.29 1.55 1.91
N GLU A 33 -8.13 0.81 3.00
CA GLU A 33 -6.87 0.81 3.74
C GLU A 33 -6.51 -0.59 4.21
N PHE A 34 -5.25 -0.96 4.06
CA PHE A 34 -4.79 -2.29 4.46
C PHE A 34 -3.96 -2.20 5.75
N THR A 35 -3.39 -3.33 6.15
CA THR A 35 -2.58 -3.38 7.37
C THR A 35 -1.29 -4.14 7.13
N ILE A 36 -0.16 -3.48 7.37
CA ILE A 36 1.15 -4.10 7.18
C ILE A 36 1.75 -4.53 8.52
N ASP A 37 1.44 -5.75 8.92
CA ASP A 37 1.96 -6.29 10.18
C ASP A 37 3.38 -6.82 10.00
N ALA A 38 4.36 -6.00 10.40
CA ALA A 38 5.76 -6.39 10.29
C ALA A 38 6.48 -6.21 11.63
N ARG A 39 6.98 -7.32 12.17
CA ARG A 39 7.69 -7.29 13.44
C ARG A 39 9.20 -7.17 13.23
N ASP A 40 9.76 -8.13 12.48
CA ASP A 40 11.18 -8.13 12.20
C ASP A 40 11.47 -7.59 10.80
N ALA A 41 10.67 -6.61 10.39
CA ALA A 41 10.83 -6.00 9.07
C ALA A 41 12.13 -5.22 8.99
N GLY A 42 12.69 -4.88 10.14
CA GLY A 42 13.93 -4.13 10.17
C GLY A 42 13.83 -2.86 10.98
N GLU A 43 14.97 -2.20 11.21
CA GLU A 43 15.00 -0.96 11.98
C GLU A 43 14.98 0.26 11.06
N GLY A 44 13.98 0.31 10.18
CA GLY A 44 13.87 1.42 9.25
C GLY A 44 12.46 1.98 9.19
N LEU A 45 12.12 2.60 8.06
CA LEU A 45 10.79 3.18 7.87
C LEU A 45 10.09 2.56 6.68
N LEU A 46 8.81 2.25 6.86
CA LEU A 46 8.02 1.65 5.78
C LEU A 46 7.59 2.70 4.76
N THR A 47 7.57 2.31 3.49
CA THR A 47 7.19 3.22 2.41
C THR A 47 6.20 2.55 1.46
N VAL A 48 5.19 3.32 1.04
CA VAL A 48 4.19 2.80 0.12
C VAL A 48 3.95 3.76 -1.03
N GLN A 49 3.76 3.21 -2.23
CA GLN A 49 3.52 4.03 -3.42
C GLN A 49 2.52 3.35 -4.35
N ILE A 50 1.54 4.12 -4.82
CA ILE A 50 0.52 3.60 -5.71
C ILE A 50 0.51 4.36 -7.04
N LEU A 51 0.50 3.61 -8.14
CA LEU A 51 0.49 4.21 -9.46
C LEU A 51 -0.79 3.85 -10.22
N ASP A 52 -1.61 4.87 -10.50
CA ASP A 52 -2.86 4.65 -11.22
C ASP A 52 -2.66 3.70 -12.39
N PRO A 53 -3.77 3.15 -12.91
CA PRO A 53 -3.74 2.22 -14.05
C PRO A 53 -3.36 2.91 -15.34
N GLU A 54 -2.96 4.17 -15.25
CA GLU A 54 -2.57 4.94 -16.43
C GLU A 54 -1.05 5.12 -16.48
N GLY A 55 -0.43 5.21 -15.30
CA GLY A 55 1.00 5.38 -15.23
C GLY A 55 1.39 6.68 -14.54
N LYS A 56 0.65 7.06 -13.52
CA LYS A 56 0.93 8.28 -12.77
C LYS A 56 0.92 8.02 -11.27
N PRO A 57 1.68 8.84 -10.52
CA PRO A 57 1.77 8.72 -9.07
C PRO A 57 0.48 9.11 -8.36
N LYS A 58 0.09 8.33 -7.36
CA LYS A 58 -1.12 8.60 -6.61
C LYS A 58 -0.79 9.14 -5.22
N LYS A 59 -1.82 9.34 -4.41
CA LYS A 59 -1.65 9.84 -3.06
C LYS A 59 -2.00 8.78 -2.02
N ALA A 60 -1.01 8.39 -1.22
CA ALA A 60 -1.22 7.38 -0.19
C ALA A 60 -0.78 7.90 1.18
N ASN A 61 -1.31 7.30 2.23
CA ASN A 61 -0.97 7.70 3.59
C ASN A 61 -0.46 6.50 4.39
N ILE A 62 0.48 6.77 5.30
CA ILE A 62 1.06 5.72 6.13
C ILE A 62 0.99 6.09 7.60
N ARG A 63 0.64 5.12 8.44
CA ARG A 63 0.54 5.35 9.88
C ARG A 63 1.50 4.44 10.65
N ASP A 64 1.97 4.90 11.80
CA ASP A 64 2.88 4.13 12.62
C ASP A 64 2.20 3.66 13.90
N ASN A 65 1.95 2.35 13.98
CA ASN A 65 1.29 1.78 15.15
C ASN A 65 2.29 1.61 16.30
N GLY A 66 3.43 1.01 16.00
CA GLY A 66 4.44 0.79 17.02
C GLY A 66 4.40 -0.60 17.61
N ASP A 67 3.29 -1.30 17.38
CA ASP A 67 3.11 -2.65 17.89
C ASP A 67 3.65 -3.68 16.91
N GLY A 68 4.56 -3.25 16.04
CA GLY A 68 5.13 -4.14 15.05
C GLY A 68 4.28 -4.25 13.80
N THR A 69 3.44 -3.24 13.57
CA THR A 69 2.57 -3.23 12.40
C THR A 69 2.38 -1.81 11.88
N TYR A 70 1.72 -1.69 10.74
CA TYR A 70 1.46 -0.39 10.12
C TYR A 70 0.12 -0.38 9.40
N THR A 71 -0.38 0.81 9.11
CA THR A 71 -1.66 0.96 8.42
C THR A 71 -1.54 1.95 7.27
N VAL A 72 -2.15 1.61 6.14
CA VAL A 72 -2.12 2.47 4.96
C VAL A 72 -3.50 2.60 4.33
N SER A 73 -3.89 3.83 4.00
CA SER A 73 -5.19 4.09 3.40
C SER A 73 -5.03 4.82 2.07
N TYR A 74 -5.93 4.53 1.13
CA TYR A 74 -5.90 5.16 -0.18
C TYR A 74 -7.27 5.09 -0.85
N LEU A 75 -7.50 5.97 -1.82
CA LEU A 75 -8.76 6.01 -2.54
C LEU A 75 -8.53 5.87 -4.04
N PRO A 76 -8.68 4.64 -4.56
CA PRO A 76 -8.50 4.34 -5.97
C PRO A 76 -9.60 4.95 -6.84
N ASP A 77 -9.49 6.23 -7.12
CA ASP A 77 -10.49 6.92 -7.94
C ASP A 77 -10.63 6.25 -9.30
N MET A 78 -9.50 6.03 -9.96
CA MET A 78 -9.50 5.39 -11.28
C MET A 78 -9.70 3.89 -11.16
N SER A 79 -10.21 3.27 -12.22
CA SER A 79 -10.44 1.83 -12.23
C SER A 79 -9.41 1.11 -13.09
N GLY A 80 -9.08 -0.12 -12.71
CA GLY A 80 -8.10 -0.89 -13.46
C GLY A 80 -7.07 -1.54 -12.56
N ARG A 81 -5.93 -1.88 -13.14
CA ARG A 81 -4.84 -2.52 -12.39
C ARG A 81 -3.95 -1.47 -11.73
N TYR A 82 -3.95 -1.45 -10.41
CA TYR A 82 -3.14 -0.49 -9.66
C TYR A 82 -1.81 -1.11 -9.26
N THR A 83 -0.74 -0.32 -9.36
CA THR A 83 0.60 -0.79 -9.02
C THR A 83 1.03 -0.25 -7.66
N ILE A 84 1.22 -1.15 -6.70
CA ILE A 84 1.65 -0.75 -5.36
C ILE A 84 3.07 -1.21 -5.08
N THR A 85 3.95 -0.25 -4.77
CA THR A 85 5.35 -0.55 -4.48
C THR A 85 5.66 -0.30 -3.01
N ILE A 86 5.82 -1.39 -2.26
CA ILE A 86 6.12 -1.29 -0.84
C ILE A 86 7.60 -1.61 -0.57
N LYS A 87 8.31 -0.63 -0.01
CA LYS A 87 9.72 -0.80 0.30
C LYS A 87 9.99 -0.50 1.77
N TYR A 88 10.84 -1.31 2.40
CA TYR A 88 11.18 -1.14 3.80
C TYR A 88 12.63 -0.67 3.95
N GLY A 89 12.81 0.46 4.64
CA GLY A 89 14.14 1.00 4.84
C GLY A 89 15.05 0.74 3.66
N GLY A 90 14.49 0.78 2.46
CA GLY A 90 15.28 0.55 1.26
C GLY A 90 15.34 -0.93 0.89
N ASP A 91 14.24 -1.63 1.04
CA ASP A 91 14.17 -3.06 0.72
C ASP A 91 12.79 -3.44 0.22
N GLU A 92 12.69 -3.68 -1.09
CA GLU A 92 11.42 -4.06 -1.69
C GLU A 92 11.02 -5.47 -1.27
N ILE A 93 9.82 -5.58 -0.70
CA ILE A 93 9.31 -6.88 -0.25
C ILE A 93 9.21 -7.86 -1.41
N PRO A 94 9.30 -9.16 -1.09
CA PRO A 94 9.22 -10.23 -2.09
C PRO A 94 7.82 -10.37 -2.67
N TYR A 95 6.91 -9.50 -2.25
CA TYR A 95 5.53 -9.53 -2.73
C TYR A 95 5.26 -8.35 -3.66
N SER A 96 6.17 -7.39 -3.67
CA SER A 96 6.02 -6.21 -4.52
C SER A 96 6.81 -6.38 -5.82
N PRO A 97 6.36 -5.68 -6.87
CA PRO A 97 5.19 -4.80 -6.80
C PRO A 97 3.89 -5.58 -6.64
N PHE A 98 2.97 -5.04 -5.85
CA PHE A 98 1.68 -5.69 -5.62
C PHE A 98 0.68 -5.33 -6.72
N ARG A 99 -0.02 -6.33 -7.23
CA ARG A 99 -1.00 -6.12 -8.27
C ARG A 99 -2.42 -6.19 -7.72
N ILE A 100 -3.20 -5.14 -7.96
CA ILE A 100 -4.58 -5.08 -7.49
C ILE A 100 -5.52 -4.59 -8.59
N HIS A 101 -6.70 -5.21 -8.67
CA HIS A 101 -7.68 -4.84 -9.67
C HIS A 101 -8.88 -4.14 -9.02
N ALA A 102 -9.13 -2.90 -9.43
CA ALA A 102 -10.24 -2.13 -8.90
C ALA A 102 -11.47 -2.23 -9.79
N LEU A 103 -12.59 -2.65 -9.21
CA LEU A 103 -13.83 -2.79 -9.95
C LEU A 103 -14.74 -1.59 -9.74
N PRO A 104 -15.45 -1.17 -10.79
CA PRO A 104 -16.37 -0.04 -10.74
C PRO A 104 -17.61 -0.33 -9.90
N THR A 105 -17.60 0.10 -8.64
CA THR A 105 -18.72 -0.12 -7.75
C THR A 105 -20.02 0.36 -8.37
N GLY A 106 -21.10 -0.36 -8.09
CA GLY A 106 -22.40 0.00 -8.64
C GLY A 106 -23.11 1.03 -7.77
N ASP A 107 -23.85 0.56 -6.78
CA ASP A 107 -24.60 1.44 -5.89
C ASP A 107 -23.94 1.49 -4.51
N ALA A 108 -23.15 2.52 -4.27
CA ALA A 108 -22.46 2.68 -2.99
C ALA A 108 -22.88 3.97 -2.30
N SER A 109 -22.85 3.98 -0.97
CA SER A 109 -23.22 5.16 -0.20
C SER A 109 -22.51 6.40 -0.74
N SER A 110 -21.19 6.41 -0.61
CA SER A 110 -20.39 7.54 -1.08
C SER A 110 -18.90 7.24 -0.94
N GLY A 111 -18.12 7.74 -1.90
CA GLY A 111 -16.68 7.51 -1.88
C GLY A 111 -15.90 8.75 -2.24
N PRO A 112 -15.71 8.96 -3.56
CA PRO A 112 -14.97 10.12 -4.08
C PRO A 112 -15.72 11.43 -3.87
N SER A 113 -16.88 11.35 -3.22
CA SER A 113 -17.70 12.52 -2.97
C SER A 113 -16.82 13.76 -2.74
N SER A 114 -17.07 14.80 -3.52
CA SER A 114 -16.30 16.04 -3.40
C SER A 114 -16.93 16.96 -2.37
N GLY A 115 -16.08 17.76 -1.72
CA GLY A 115 -16.57 18.68 -0.71
C GLY A 115 -17.62 18.07 0.20
#